data_5A7M
#
_entry.id   5A7M
#
_cell.length_a   99.911
_cell.length_b   203.724
_cell.length_c   82.112
_cell.angle_alpha   90.00
_cell.angle_beta   90.00
_cell.angle_gamma   90.00
#
_symmetry.space_group_name_H-M   'P 21 21 2'
#
loop_
_entity.id
_entity.type
_entity.pdbx_description
1 polymer BETA-XYLOSIDASE
2 branched alpha-D-mannopyranose-(1-2)-alpha-D-mannopyranose-(1-3)-[alpha-D-mannopyranose-(1-3)-alpha-D-mannopyranose-(1-6)]beta-D-mannopyranose-(1-4)-2-acetamido-2-deoxy-beta-D-glucopyranose-(1-4)-2-acetamido-2-deoxy-beta-D-glucopyranose
3 branched 2-acetamido-2-deoxy-beta-D-glucopyranose-(1-4)-2-acetamido-2-deoxy-beta-D-glucopyranose
4 branched alpha-D-mannopyranose-(1-2)-alpha-D-mannopyranose-(1-3)-beta-D-mannopyranose-(1-4)-2-acetamido-2-deoxy-beta-D-glucopyranose-(1-4)-2-acetamido-2-deoxy-beta-D-glucopyranose
5 branched beta-D-mannopyranose-(1-4)-2-acetamido-2-deoxy-beta-D-glucopyranose-(1-4)-2-acetamido-2-deoxy-beta-D-glucopyranose
6 branched alpha-D-mannopyranose-(1-3)-beta-D-mannopyranose-(1-4)-2-acetamido-2-deoxy-beta-D-glucopyranose-(1-4)-2-acetamido-2-deoxy-beta-D-glucopyranose
7 non-polymer 2-acetamido-2-deoxy-beta-D-glucopyranose
8 non-polymer 'ZINC ION'
9 non-polymer 2-AMINO-2-HYDROXYMETHYL-PROPANE-1,3-DIOL
10 non-polymer GLYCEROL
11 non-polymer 'ACETATE ION'
12 water water
#
_entity_poly.entity_id   1
_entity_poly.type   'polypeptide(L)'
_entity_poly.pdbx_seq_one_letter_code
;(PCA)NNQTYANYSAQGQPDLYPETLATLTLSFPDCEHGPLKNNLVCDSSAGYVERAQALISLFTLEELILNTQNSGPGV
PRLGLPNYQVWNEALHGLDRANFATKGGQFEWATSFPMPILTTAALNRTLIHQIADIISTQARAFSNSGRYGLDVYAPNV
NGFRSPLWGRGQETPGEDAFFLSSAYTYEYITGIQGGVDPEHLKVAATVKHFAGYDLENWNNQSRLGFDAIITQQDLSEY
YTPQFLAAARYAKSRSLMCAYNSVNGVPSCANSFFLQTLLRESWGFPEWGYVSSDCDAVYNVFNPHDYASNQSSAAASSL
RAGTDIDCGQTYPWHLNESFVAGEVSRGEIERSVTRLYANLVRLGYFDKKNQYRSLGWKDVVKTDAWNISYEAAVEGIVL
LKNDGTLPLSKKVRSIALIGPWANATTQMQGNYYGPAPYLISPLEAAKKAGYHVNFELGTEIAGNSTTGFAKAIAAAKKS
DAIIYLGGIDNTIEQEGADRTDIAWPGNQLDLIKQLSEVGKPLVVLQMGGGQVDSSSLKSNKKVNSLVWGGYPGQSGGVA
LFDILSGKRAPAGRLVTTQYPAEYVHQFPQNDMNLRPDGKSNPGQTYIWYTGKPVYEFGSGLFYTTFKETLASHPKSLKF
NTSSILSAPHPGYTYSEQIPVFTFEANIKNSGKTESPYTAMLFVRTSNAGPAPYPNKWLVGFDRLADIKPGHSSKLSIPI
PVSALARVDSHGNRIVYPGKYELALNTDESVKLEFELVGEEVTIENWPLE
;
_entity_poly.pdbx_strand_id   A,B
#
loop_
_chem_comp.id
_chem_comp.type
_chem_comp.name
_chem_comp.formula
ACT non-polymer 'ACETATE ION' 'C2 H3 O2 -1'
BMA D-saccharide, beta linking beta-D-mannopyranose 'C6 H12 O6'
GOL non-polymer GLYCEROL 'C3 H8 O3'
MAN D-saccharide, alpha linking alpha-D-mannopyranose 'C6 H12 O6'
NAG D-saccharide, beta linking 2-acetamido-2-deoxy-beta-D-glucopyranose 'C8 H15 N O6'
TRS non-polymer 2-AMINO-2-HYDROXYMETHYL-PROPANE-1,3-DIOL 'C4 H12 N O3 1'
ZN non-polymer 'ZINC ION' 'Zn 2'
#
# COMPACT_ATOMS: atom_id res chain seq x y z
N PCA A 1 12.15 1.85 31.40
CA PCA A 1 10.94 2.62 31.67
CB PCA A 1 9.91 2.13 30.65
CG PCA A 1 10.59 1.04 29.83
CD PCA A 1 12.00 0.99 30.40
OE PCA A 1 12.88 0.26 29.96
C PCA A 1 10.42 2.43 33.06
O PCA A 1 9.93 3.38 33.66
N ASN A 2 10.50 1.20 33.57
CA ASN A 2 9.96 0.89 34.90
C ASN A 2 11.05 0.79 35.97
N ASN A 3 12.14 1.51 35.74
CA ASN A 3 13.27 1.50 36.66
C ASN A 3 12.92 2.18 37.98
N GLN A 4 13.39 1.57 39.06
CA GLN A 4 13.08 2.04 40.41
C GLN A 4 14.12 3.04 40.90
N THR A 5 15.32 2.94 40.35
CA THR A 5 16.39 3.91 40.61
C THR A 5 16.85 4.44 39.25
N TYR A 6 17.82 5.36 39.24
CA TYR A 6 18.38 5.89 38.00
C TYR A 6 18.91 4.74 37.15
N ALA A 7 18.47 4.70 35.89
CA ALA A 7 18.97 3.71 34.93
C ALA A 7 19.59 4.44 33.74
N ASN A 8 20.79 4.02 33.34
CA ASN A 8 21.45 4.57 32.18
C ASN A 8 21.28 3.66 30.96
N TYR A 9 20.22 3.91 30.20
CA TYR A 9 19.94 3.06 29.03
C TYR A 9 20.94 3.21 27.87
N SER A 10 21.84 4.18 27.94
CA SER A 10 22.96 4.23 27.01
C SER A 10 23.99 3.12 27.30
N ALA A 11 24.03 2.64 28.55
CA ALA A 11 24.97 1.59 28.97
C ALA A 11 24.31 0.25 29.23
N GLN A 12 23.17 0.28 29.91
CA GLN A 12 22.51 -0.94 30.42
C GLN A 12 21.93 -1.76 29.26
N GLY A 13 22.35 -3.02 29.16
CA GLY A 13 21.91 -3.88 28.05
C GLY A 13 20.48 -4.36 28.09
N GLN A 14 19.88 -4.34 29.29
CA GLN A 14 18.46 -4.77 29.43
C GLN A 14 17.56 -3.58 29.76
N PRO A 15 16.37 -3.50 29.09
CA PRO A 15 15.36 -2.53 29.48
C PRO A 15 14.72 -2.91 30.82
N ASP A 16 14.00 -1.97 31.44
CA ASP A 16 13.17 -2.25 32.61
C ASP A 16 11.69 -2.19 32.22
N LEU A 17 11.15 -3.30 31.73
CA LEU A 17 9.79 -3.31 31.22
C LEU A 17 8.76 -3.36 32.34
N TYR A 18 7.61 -2.71 32.12
CA TYR A 18 6.46 -2.83 33.02
C TYR A 18 5.90 -4.28 33.06
N PRO A 19 5.38 -4.70 34.23
CA PRO A 19 4.79 -6.05 34.32
C PRO A 19 3.67 -6.28 33.31
N GLU A 20 2.95 -5.22 32.94
CA GLU A 20 1.90 -5.29 31.90
C GLU A 20 2.43 -5.79 30.56
N THR A 21 3.59 -5.27 30.18
CA THR A 21 4.24 -5.65 28.93
C THR A 21 4.61 -7.12 28.97
N LEU A 22 5.08 -7.54 30.15
CA LEU A 22 5.65 -8.88 30.36
C LEU A 22 4.62 -9.92 30.76
N ALA A 23 3.36 -9.51 30.92
CA ALA A 23 2.29 -10.40 31.47
C ALA A 23 1.99 -11.60 30.57
N THR A 24 1.61 -12.71 31.20
CA THR A 24 1.09 -13.87 30.49
C THR A 24 -0.42 -13.82 30.62
N LEU A 25 -1.08 -13.53 29.51
CA LEU A 25 -2.53 -13.42 29.51
C LEU A 25 -3.14 -14.80 29.25
N THR A 26 -4.43 -14.91 29.52
CA THR A 26 -5.23 -16.07 29.18
C THR A 26 -6.06 -15.66 27.98
N LEU A 27 -5.89 -16.34 26.84
CA LEU A 27 -6.54 -15.87 25.63
C LEU A 27 -7.81 -16.65 25.34
N SER A 28 -8.61 -16.16 24.41
CA SER A 28 -9.83 -16.87 24.00
C SER A 28 -10.28 -16.33 22.66
N PHE A 29 -11.42 -16.80 22.16
CA PHE A 29 -11.91 -16.26 20.91
C PHE A 29 -13.22 -15.50 21.09
N PRO A 30 -13.44 -14.44 20.29
CA PRO A 30 -14.78 -13.84 20.25
C PRO A 30 -15.83 -14.88 19.94
N ASP A 31 -17.03 -14.68 20.48
CA ASP A 31 -18.18 -15.54 20.22
C ASP A 31 -18.98 -14.88 19.11
N CYS A 32 -18.77 -15.32 17.88
CA CYS A 32 -19.41 -14.65 16.76
C CYS A 32 -20.84 -15.12 16.52
N GLU A 33 -21.22 -16.22 17.19
CA GLU A 33 -22.61 -16.69 17.11
C GLU A 33 -23.56 -15.91 18.04
N HIS A 34 -23.09 -15.60 19.25
CA HIS A 34 -23.98 -15.07 20.31
C HIS A 34 -23.54 -13.80 20.99
N GLY A 35 -22.28 -13.41 20.80
CA GLY A 35 -21.75 -12.30 21.60
C GLY A 35 -22.14 -10.97 20.96
N PRO A 36 -21.69 -9.86 21.56
CA PRO A 36 -22.10 -8.51 21.14
C PRO A 36 -21.72 -8.19 19.69
N LEU A 37 -20.76 -8.91 19.12
CA LEU A 37 -20.31 -8.65 17.76
C LEU A 37 -21.09 -9.43 16.70
N LYS A 38 -22.02 -10.29 17.12
CA LYS A 38 -22.68 -11.23 16.19
C LYS A 38 -23.29 -10.58 14.95
N ASN A 39 -23.79 -9.36 15.07
CA ASN A 39 -24.43 -8.68 13.91
C ASN A 39 -23.57 -7.61 13.25
N ASN A 40 -22.34 -7.51 13.72
CA ASN A 40 -21.36 -6.62 13.12
C ASN A 40 -20.69 -7.39 11.97
N LEU A 41 -20.22 -6.64 10.98
CA LEU A 41 -19.61 -7.27 9.82
C LEU A 41 -18.39 -8.14 10.16
N VAL A 42 -17.70 -7.84 11.25
CA VAL A 42 -16.49 -8.60 11.63
C VAL A 42 -16.82 -10.08 11.82
N CYS A 43 -18.08 -10.35 12.16
CA CYS A 43 -18.53 -11.74 12.38
C CYS A 43 -19.12 -12.39 11.14
N ASP A 44 -19.02 -11.71 9.99
CA ASP A 44 -19.52 -12.27 8.72
C ASP A 44 -18.39 -12.93 7.95
N SER A 45 -18.34 -14.27 7.95
CA SER A 45 -17.17 -14.96 7.41
C SER A 45 -17.09 -14.89 5.90
N SER A 46 -18.13 -14.36 5.27
CA SER A 46 -18.13 -14.22 3.83
C SER A 46 -17.66 -12.83 3.42
N ALA A 47 -17.58 -11.89 4.36
CA ALA A 47 -17.12 -10.54 4.06
C ALA A 47 -15.60 -10.47 3.91
N GLY A 48 -15.10 -9.41 3.29
CA GLY A 48 -13.66 -9.23 3.09
C GLY A 48 -12.95 -8.90 4.39
N TYR A 49 -11.72 -9.39 4.50
CA TYR A 49 -10.99 -9.22 5.76
C TYR A 49 -10.82 -7.77 6.20
N VAL A 50 -10.58 -6.85 5.27
CA VAL A 50 -10.39 -5.45 5.64
C VAL A 50 -11.70 -4.84 6.13
N GLU A 51 -12.79 -5.12 5.41
CA GLU A 51 -14.11 -4.59 5.71
CA GLU A 51 -14.08 -4.54 5.75
C GLU A 51 -14.56 -5.10 7.09
N ARG A 52 -14.22 -6.36 7.36
CA ARG A 52 -14.50 -6.97 8.64
C ARG A 52 -13.80 -6.23 9.80
N ALA A 53 -12.48 -6.04 9.70
CA ALA A 53 -11.71 -5.30 10.69
C ALA A 53 -12.18 -3.86 10.83
N GLN A 54 -12.44 -3.20 9.69
CA GLN A 54 -12.98 -1.83 9.75
C GLN A 54 -14.28 -1.74 10.55
N ALA A 55 -15.22 -2.65 10.29
CA ALA A 55 -16.50 -2.66 11.03
C ALA A 55 -16.28 -2.85 12.52
N LEU A 56 -15.30 -3.69 12.88
CA LEU A 56 -14.99 -3.88 14.30
C LEU A 56 -14.42 -2.62 14.95
N ILE A 57 -13.38 -2.05 14.34
CA ILE A 57 -12.71 -0.87 14.90
C ILE A 57 -13.69 0.31 15.08
N SER A 58 -14.69 0.41 14.22
CA SER A 58 -15.72 1.49 14.33
C SER A 58 -16.48 1.44 15.65
N LEU A 59 -16.45 0.29 16.33
CA LEU A 59 -17.15 0.16 17.60
C LEU A 59 -16.35 0.63 18.81
N PHE A 60 -15.06 0.91 18.64
CA PHE A 60 -14.22 1.24 19.79
C PHE A 60 -14.37 2.71 20.19
N THR A 61 -14.17 2.97 21.47
CA THR A 61 -13.83 4.30 21.94
C THR A 61 -12.38 4.57 21.63
N LEU A 62 -12.04 5.86 21.55
CA LEU A 62 -10.64 6.25 21.37
C LEU A 62 -9.73 5.66 22.45
N GLU A 63 -10.18 5.66 23.70
CA GLU A 63 -9.35 5.09 24.76
C GLU A 63 -9.09 3.58 24.47
N GLU A 64 -10.14 2.87 24.07
CA GLU A 64 -10.00 1.44 23.77
C GLU A 64 -9.07 1.19 22.59
N LEU A 65 -9.11 2.06 21.57
CA LEU A 65 -8.14 1.98 20.47
C LEU A 65 -6.72 2.11 21.00
N ILE A 66 -6.51 3.14 21.84
CA ILE A 66 -5.16 3.47 22.30
C ILE A 66 -4.62 2.33 23.16
N LEU A 67 -5.46 1.82 24.06
CA LEU A 67 -5.04 0.73 24.92
C LEU A 67 -4.72 -0.56 24.14
N ASN A 68 -5.36 -0.74 22.99
CA ASN A 68 -5.10 -1.92 22.13
C ASN A 68 -3.99 -1.73 21.06
N THR A 69 -3.17 -0.70 21.25
CA THR A 69 -1.96 -0.55 20.46
C THR A 69 -0.73 -1.13 21.17
N GLN A 70 -0.93 -1.74 22.33
CA GLN A 70 0.15 -2.40 23.10
C GLN A 70 0.12 -3.91 22.85
N ASN A 71 1.25 -4.58 23.07
CA ASN A 71 1.33 -6.00 22.79
C ASN A 71 0.37 -6.81 23.65
N SER A 72 0.22 -6.43 24.92
CA SER A 72 -0.73 -7.10 25.83
C SER A 72 -2.08 -6.39 25.76
N GLY A 73 -2.76 -6.53 24.62
CA GLY A 73 -3.93 -5.73 24.31
C GLY A 73 -5.06 -6.21 25.19
N PRO A 74 -5.75 -5.29 25.90
CA PRO A 74 -6.78 -5.73 26.85
C PRO A 74 -8.09 -6.18 26.18
N GLY A 75 -8.19 -6.00 24.87
CA GLY A 75 -9.46 -6.21 24.17
C GLY A 75 -10.46 -5.16 24.58
N VAL A 76 -11.74 -5.49 24.45
CA VAL A 76 -12.82 -4.58 24.83
C VAL A 76 -13.88 -5.50 25.44
N PRO A 77 -13.87 -5.61 26.78
CA PRO A 77 -14.76 -6.57 27.46
C PRO A 77 -16.25 -6.36 27.10
N ARG A 78 -16.68 -5.10 26.98
CA ARG A 78 -18.10 -4.81 26.75
C ARG A 78 -18.56 -5.32 25.38
N LEU A 79 -17.61 -5.54 24.48
CA LEU A 79 -17.85 -6.03 23.13
C LEU A 79 -17.61 -7.55 23.00
N GLY A 80 -17.19 -8.16 24.11
CA GLY A 80 -16.89 -9.59 24.12
C GLY A 80 -15.64 -9.85 23.28
N LEU A 81 -14.77 -8.85 23.20
CA LEU A 81 -13.52 -8.98 22.45
C LEU A 81 -12.41 -9.21 23.46
N PRO A 82 -11.81 -10.42 23.44
CA PRO A 82 -10.89 -10.84 24.48
C PRO A 82 -9.59 -10.07 24.47
N ASN A 83 -8.83 -10.12 25.57
CA ASN A 83 -7.45 -9.62 25.51
C ASN A 83 -6.69 -10.48 24.51
N TYR A 84 -5.71 -9.91 23.82
CA TYR A 84 -4.96 -10.65 22.82
C TYR A 84 -3.49 -10.27 23.00
N GLN A 85 -2.61 -11.27 22.98
CA GLN A 85 -1.18 -11.05 23.17
C GLN A 85 -0.42 -11.06 21.82
N VAL A 86 0.19 -9.92 21.44
CA VAL A 86 1.00 -9.83 20.20
C VAL A 86 2.41 -10.42 20.39
N TRP A 87 2.90 -10.36 21.62
CA TRP A 87 4.26 -10.83 21.93
C TRP A 87 4.25 -12.33 22.22
N ASN A 88 4.66 -13.10 21.22
CA ASN A 88 4.77 -14.55 21.31
C ASN A 88 6.11 -14.91 20.65
N GLU A 89 6.86 -15.86 21.21
CA GLU A 89 8.19 -16.22 20.65
C GLU A 89 8.16 -17.60 19.97
N ALA A 90 8.87 -17.74 18.87
CA ALA A 90 8.84 -19.01 18.15
C ALA A 90 10.16 -19.31 17.45
N LEU A 91 11.19 -18.57 17.83
CA LEU A 91 12.53 -18.62 17.20
C LEU A 91 12.90 -20.05 16.78
N HIS A 92 12.87 -20.98 17.74
CA HIS A 92 13.17 -22.41 17.45
C HIS A 92 12.24 -23.33 18.26
N GLY A 93 10.95 -22.96 18.31
CA GLY A 93 9.95 -23.63 19.17
C GLY A 93 9.13 -22.64 19.98
N LEU A 94 7.98 -23.05 20.53
CA LEU A 94 7.14 -22.05 21.19
C LEU A 94 7.75 -21.56 22.49
N ASP A 95 7.62 -20.27 22.76
CA ASP A 95 8.07 -19.74 24.04
C ASP A 95 7.20 -18.53 24.38
N ARG A 96 7.05 -18.27 25.69
CA ARG A 96 6.14 -17.25 26.22
C ARG A 96 4.65 -17.66 26.09
N ALA A 97 4.43 -18.94 25.82
CA ALA A 97 3.10 -19.54 25.89
C ALA A 97 2.71 -19.65 27.35
N ASN A 98 1.41 -19.76 27.61
CA ASN A 98 0.96 -20.10 28.94
C ASN A 98 1.05 -21.63 29.12
N PHE A 99 2.26 -22.12 29.37
CA PHE A 99 2.47 -23.57 29.53
C PHE A 99 1.77 -24.06 30.79
N ALA A 100 1.10 -25.20 30.68
CA ALA A 100 0.59 -25.88 31.87
C ALA A 100 1.76 -26.44 32.71
N THR A 101 1.60 -26.51 34.03
CA THR A 101 2.66 -26.98 34.92
C THR A 101 2.47 -28.43 35.31
N LYS A 102 1.31 -29.01 34.97
CA LYS A 102 1.01 -30.41 35.28
C LYS A 102 -0.17 -30.82 34.43
N GLY A 103 -0.49 -32.11 34.41
CA GLY A 103 -1.71 -32.56 33.74
C GLY A 103 -1.53 -33.11 32.34
N GLY A 104 -0.31 -33.02 31.81
CA GLY A 104 -0.02 -33.59 30.49
C GLY A 104 -0.12 -32.54 29.38
N GLN A 105 -1.35 -32.22 29.00
CA GLN A 105 -1.55 -31.34 27.85
C GLN A 105 -0.91 -29.99 28.11
N PHE A 106 -0.24 -29.51 27.07
CA PHE A 106 0.31 -28.13 26.97
C PHE A 106 1.41 -27.85 27.97
N GLU A 107 2.04 -28.92 28.46
CA GLU A 107 3.17 -28.76 29.38
C GLU A 107 4.45 -28.42 28.64
N TRP A 108 4.46 -28.65 27.33
CA TRP A 108 5.71 -28.44 26.59
C TRP A 108 5.42 -28.23 25.12
N ALA A 109 6.45 -27.78 24.39
CA ALA A 109 6.43 -27.70 22.92
C ALA A 109 7.78 -28.24 22.44
N THR A 110 7.90 -28.63 21.17
CA THR A 110 9.16 -29.16 20.63
C THR A 110 10.25 -28.08 20.67
N SER A 111 11.42 -28.43 21.21
CA SER A 111 12.58 -27.56 21.28
C SER A 111 13.53 -27.98 20.14
N PHE A 112 13.51 -27.20 19.08
CA PHE A 112 14.38 -27.41 17.92
C PHE A 112 15.79 -26.86 18.22
N PRO A 113 16.79 -27.22 17.40
CA PRO A 113 18.09 -26.59 17.59
C PRO A 113 17.99 -25.09 17.42
N MET A 114 18.92 -24.34 18.01
CA MET A 114 19.02 -22.94 17.69
C MET A 114 19.20 -22.80 16.18
N PRO A 115 18.71 -21.70 15.61
CA PRO A 115 18.71 -21.53 14.15
C PRO A 115 20.11 -21.60 13.58
N ILE A 116 21.12 -21.17 14.32
CA ILE A 116 22.51 -21.24 13.83
C ILE A 116 22.90 -22.67 13.43
N LEU A 117 22.43 -23.68 14.18
CA LEU A 117 22.78 -25.07 13.86
C LEU A 117 21.91 -25.62 12.72
N THR A 118 20.60 -25.37 12.80
CA THR A 118 19.69 -25.76 11.73
C THR A 118 20.18 -25.23 10.37
N THR A 119 20.64 -23.99 10.36
CA THR A 119 21.08 -23.41 9.09
C THR A 119 22.30 -24.11 8.49
N ALA A 120 23.19 -24.61 9.35
CA ALA A 120 24.41 -25.34 8.92
C ALA A 120 24.12 -26.60 8.10
N ALA A 121 22.89 -27.10 8.20
CA ALA A 121 22.47 -28.25 7.40
C ALA A 121 22.40 -27.94 5.92
N LEU A 122 22.26 -26.66 5.57
CA LEU A 122 22.11 -26.18 4.19
C LEU A 122 20.95 -26.84 3.50
N ASN A 123 19.89 -27.12 4.26
CA ASN A 123 18.69 -27.78 3.78
C ASN A 123 17.46 -26.84 3.92
N ARG A 124 17.02 -26.29 2.79
CA ARG A 124 15.86 -25.38 2.80
C ARG A 124 14.58 -26.07 3.24
N THR A 125 14.40 -27.29 2.77
CA THR A 125 13.20 -28.05 3.08
C THR A 125 13.10 -28.28 4.58
N LEU A 126 14.25 -28.46 5.23
CA LEU A 126 14.31 -28.68 6.68
C LEU A 126 13.80 -27.46 7.45
N ILE A 127 14.28 -26.28 7.04
CA ILE A 127 13.87 -25.05 7.70
C ILE A 127 12.36 -24.84 7.54
N HIS A 128 11.87 -25.08 6.33
CA HIS A 128 10.44 -24.91 6.08
C HIS A 128 9.62 -25.85 6.97
N GLN A 129 10.08 -27.09 7.11
CA GLN A 129 9.34 -28.09 7.92
C GLN A 129 9.34 -27.74 9.39
N ILE A 130 10.47 -27.31 9.93
CA ILE A 130 10.50 -26.82 11.31
C ILE A 130 9.48 -25.70 11.51
N ALA A 131 9.46 -24.77 10.58
CA ALA A 131 8.53 -23.63 10.72
C ALA A 131 7.08 -24.11 10.63
N ASP A 132 6.81 -25.06 9.73
CA ASP A 132 5.46 -25.64 9.63
C ASP A 132 5.06 -26.36 10.93
N ILE A 133 6.00 -27.07 11.54
CA ILE A 133 5.70 -27.74 12.83
C ILE A 133 5.49 -26.72 13.94
N ILE A 134 6.36 -25.72 14.01
CA ILE A 134 6.19 -24.65 15.00
C ILE A 134 4.80 -24.00 14.89
N SER A 135 4.39 -23.68 13.68
CA SER A 135 3.10 -23.00 13.49
C SER A 135 1.92 -23.93 13.79
N THR A 136 2.07 -25.23 13.52
CA THR A 136 1.03 -26.20 13.89
C THR A 136 0.88 -26.23 15.43
N GLN A 137 2.01 -26.26 16.12
CA GLN A 137 2.01 -26.32 17.58
C GLN A 137 1.47 -25.01 18.15
N ALA A 138 1.83 -23.90 17.51
CA ALA A 138 1.28 -22.59 17.87
C ALA A 138 -0.27 -22.56 17.83
N ARG A 139 -0.82 -23.03 16.72
CA ARG A 139 -2.26 -23.13 16.57
C ARG A 139 -2.90 -24.03 17.63
N ALA A 140 -2.32 -25.21 17.88
CA ALA A 140 -2.81 -26.06 18.96
C ALA A 140 -2.89 -25.29 20.29
N PHE A 141 -1.83 -24.57 20.67
CA PHE A 141 -1.83 -23.80 21.92
C PHE A 141 -2.86 -22.67 21.90
N SER A 142 -2.91 -21.95 20.77
CA SER A 142 -3.91 -20.89 20.57
C SER A 142 -5.33 -21.39 20.78
N ASN A 143 -5.62 -22.58 20.25
CA ASN A 143 -6.95 -23.15 20.39
C ASN A 143 -7.31 -23.50 21.83
N SER A 144 -6.30 -23.56 22.73
CA SER A 144 -6.54 -23.74 24.16
C SER A 144 -6.29 -22.45 24.98
N GLY A 145 -6.22 -21.31 24.30
CA GLY A 145 -6.06 -20.02 24.99
C GLY A 145 -4.67 -19.73 25.52
N ARG A 146 -3.67 -20.51 25.08
CA ARG A 146 -2.35 -20.51 25.70
C ARG A 146 -1.26 -19.87 24.86
N TYR A 147 -1.62 -19.30 23.72
CA TYR A 147 -0.63 -18.66 22.85
C TYR A 147 -1.35 -17.83 21.83
N GLY A 148 -0.66 -16.82 21.29
CA GLY A 148 -1.22 -15.95 20.25
C GLY A 148 -1.18 -16.52 18.84
N LEU A 149 -1.28 -15.64 17.85
CA LEU A 149 -1.42 -16.01 16.43
C LEU A 149 -0.42 -15.25 15.54
N ASP A 150 0.48 -14.51 16.19
CA ASP A 150 1.61 -13.88 15.49
C ASP A 150 2.89 -14.16 16.30
N VAL A 151 4.05 -14.24 15.65
CA VAL A 151 5.26 -14.60 16.39
C VAL A 151 6.41 -13.66 16.08
N TYR A 152 7.22 -13.38 17.10
CA TYR A 152 8.39 -12.52 16.96
C TYR A 152 9.58 -13.32 16.42
N ALA A 153 9.43 -13.79 15.18
CA ALA A 153 10.42 -14.66 14.55
C ALA A 153 10.22 -14.52 13.03
N PRO A 154 11.28 -14.66 12.22
CA PRO A 154 12.63 -15.08 12.63
C PRO A 154 13.56 -13.89 12.91
N ASN A 155 14.57 -14.10 13.76
CA ASN A 155 15.68 -13.18 13.91
C ASN A 155 16.63 -13.40 12.74
N VAL A 156 16.76 -12.41 11.85
CA VAL A 156 17.56 -12.61 10.63
C VAL A 156 18.66 -11.57 10.41
N ASN A 157 18.95 -10.79 11.44
CA ASN A 157 20.12 -9.88 11.34
C ASN A 157 21.37 -10.68 11.04
N GLY A 158 22.27 -10.13 10.21
CA GLY A 158 23.56 -10.81 9.97
C GLY A 158 24.39 -10.91 11.25
N PHE A 159 25.03 -12.06 11.45
CA PHE A 159 25.90 -12.28 12.61
C PHE A 159 27.27 -11.70 12.23
N ARG A 160 27.35 -10.38 12.21
CA ARG A 160 28.50 -9.66 11.69
C ARG A 160 29.69 -9.68 12.64
N SER A 161 29.52 -9.14 13.85
CA SER A 161 30.59 -9.21 14.86
C SER A 161 30.50 -10.57 15.56
N PRO A 162 31.62 -11.28 15.63
CA PRO A 162 31.57 -12.63 16.18
C PRO A 162 31.29 -12.68 17.68
N LEU A 163 31.34 -11.56 18.39
CA LEU A 163 31.04 -11.60 19.83
C LEU A 163 29.58 -11.30 20.20
N TRP A 164 28.73 -11.02 19.21
CA TRP A 164 27.31 -10.72 19.50
C TRP A 164 26.67 -11.83 20.38
N GLY A 165 26.09 -11.40 21.50
CA GLY A 165 25.39 -12.28 22.44
C GLY A 165 24.18 -13.01 21.88
N ARG A 166 23.68 -12.55 20.73
CA ARG A 166 22.49 -13.15 20.13
C ARG A 166 22.69 -13.70 18.72
N GLY A 167 23.93 -13.74 18.24
CA GLY A 167 24.16 -14.35 16.93
C GLY A 167 23.73 -15.81 16.84
N GLN A 168 23.75 -16.50 17.99
CA GLN A 168 23.23 -17.86 18.14
C GLN A 168 21.80 -18.03 17.59
N GLU A 169 21.05 -16.93 17.58
CA GLU A 169 19.63 -16.91 17.22
C GLU A 169 19.41 -16.84 15.71
N THR A 170 20.48 -16.64 14.94
CA THR A 170 20.36 -16.20 13.55
C THR A 170 20.83 -17.29 12.63
N PRO A 171 20.56 -17.18 11.31
CA PRO A 171 21.11 -18.09 10.29
C PRO A 171 22.55 -17.80 9.82
N GLY A 172 23.27 -16.99 10.58
CA GLY A 172 24.69 -16.77 10.36
C GLY A 172 25.09 -15.41 9.78
N GLU A 173 26.29 -15.37 9.19
CA GLU A 173 26.87 -14.06 8.83
C GLU A 173 26.59 -13.60 7.39
N ASP A 174 26.00 -14.48 6.58
CA ASP A 174 25.72 -14.15 5.18
C ASP A 174 24.30 -13.63 5.02
N ALA A 175 24.15 -12.34 5.26
CA ALA A 175 22.84 -11.73 5.23
C ALA A 175 22.16 -11.83 3.87
N PHE A 176 22.93 -11.65 2.78
CA PHE A 176 22.33 -11.58 1.45
C PHE A 176 21.70 -12.89 1.00
N PHE A 177 22.50 -13.95 0.94
CA PHE A 177 21.98 -15.22 0.42
C PHE A 177 21.49 -16.22 1.49
N LEU A 178 22.41 -16.67 2.34
CA LEU A 178 22.08 -17.71 3.31
C LEU A 178 20.98 -17.25 4.27
N SER A 179 21.15 -16.08 4.89
CA SER A 179 20.09 -15.56 5.77
C SER A 179 18.75 -15.33 5.08
N SER A 180 18.77 -14.79 3.86
CA SER A 180 17.54 -14.54 3.13
C SER A 180 16.79 -15.81 2.77
N ALA A 181 17.56 -16.88 2.49
CA ALA A 181 16.98 -18.17 2.19
C ALA A 181 16.26 -18.73 3.41
N TYR A 182 16.93 -18.68 4.57
CA TYR A 182 16.31 -19.04 5.86
C TYR A 182 15.07 -18.21 6.06
N THR A 183 15.19 -16.91 5.84
CA THR A 183 14.06 -16.01 6.05
C THR A 183 12.81 -16.47 5.26
N TYR A 184 13.00 -16.77 3.98
CA TYR A 184 11.87 -17.15 3.12
C TYR A 184 11.22 -18.49 3.57
N GLU A 185 12.07 -19.48 3.83
CA GLU A 185 11.60 -20.82 4.19
C GLU A 185 10.89 -20.79 5.53
N TYR A 186 11.48 -20.06 6.47
CA TYR A 186 10.88 -19.99 7.79
C TYR A 186 9.56 -19.22 7.73
N ILE A 187 9.57 -18.04 7.13
CA ILE A 187 8.33 -17.27 7.10
C ILE A 187 7.21 -17.98 6.36
N THR A 188 7.52 -18.64 5.25
CA THR A 188 6.46 -19.34 4.52
C THR A 188 5.98 -20.56 5.30
N GLY A 189 6.84 -21.13 6.11
CA GLY A 189 6.41 -22.24 6.96
C GLY A 189 5.49 -21.77 8.08
N ILE A 190 5.82 -20.64 8.68
CA ILE A 190 5.02 -20.08 9.77
C ILE A 190 3.63 -19.68 9.22
N GLN A 191 3.64 -18.99 8.09
CA GLN A 191 2.41 -18.40 7.54
C GLN A 191 1.54 -19.37 6.70
N GLY A 192 2.10 -20.49 6.30
CA GLY A 192 1.36 -21.52 5.57
C GLY A 192 1.32 -21.30 4.07
N GLY A 193 2.42 -20.82 3.49
CA GLY A 193 2.53 -20.59 2.06
C GLY A 193 2.98 -19.15 1.83
N VAL A 194 2.76 -18.65 0.62
CA VAL A 194 3.08 -17.27 0.28
C VAL A 194 1.81 -16.43 0.33
N ASP A 195 1.66 -15.66 1.40
CA ASP A 195 0.47 -14.83 1.62
C ASP A 195 -0.87 -15.54 1.30
N PRO A 196 -1.09 -16.73 1.88
CA PRO A 196 -2.39 -17.41 1.66
C PRO A 196 -3.58 -16.61 2.22
N GLU A 197 -4.77 -16.74 1.63
CA GLU A 197 -5.96 -16.13 2.23
C GLU A 197 -6.08 -16.55 3.68
N HIS A 198 -6.05 -17.86 3.93
CA HIS A 198 -6.15 -18.36 5.29
C HIS A 198 -4.74 -18.48 5.90
N LEU A 199 -4.34 -17.40 6.58
CA LEU A 199 -3.02 -17.31 7.20
C LEU A 199 -2.95 -18.27 8.37
N LYS A 200 -1.80 -18.95 8.48
CA LYS A 200 -1.65 -19.94 9.54
C LYS A 200 -1.21 -19.23 10.83
N VAL A 201 0.01 -18.69 10.84
CA VAL A 201 0.46 -17.80 11.94
C VAL A 201 1.17 -16.62 11.27
N ALA A 202 1.05 -15.42 11.81
CA ALA A 202 1.77 -14.28 11.25
C ALA A 202 3.23 -14.25 11.72
N ALA A 203 4.18 -14.13 10.78
CA ALA A 203 5.59 -14.00 11.16
C ALA A 203 5.87 -12.53 11.48
N THR A 204 6.88 -12.28 12.29
CA THR A 204 7.33 -10.91 12.55
C THR A 204 8.84 -10.86 12.37
N VAL A 205 9.28 -10.63 11.12
CA VAL A 205 10.73 -10.63 10.83
C VAL A 205 11.41 -9.52 11.65
N LYS A 206 12.54 -9.83 12.27
CA LYS A 206 13.24 -8.90 13.18
C LYS A 206 14.77 -9.03 13.01
N HIS A 207 15.58 -8.00 13.34
CA HIS A 207 15.17 -6.69 13.84
C HIS A 207 15.62 -5.63 12.85
N PHE A 208 14.66 -4.85 12.36
CA PHE A 208 14.85 -3.90 11.27
C PHE A 208 15.20 -2.51 11.82
N ALA A 209 16.45 -2.02 11.65
CA ALA A 209 17.59 -2.68 10.97
C ALA A 209 18.84 -2.15 11.65
N GLY A 210 19.96 -2.84 11.45
CA GLY A 210 21.25 -2.33 11.94
C GLY A 210 21.58 -2.80 13.36
N TYR A 211 20.79 -3.75 13.84
CA TYR A 211 20.95 -4.32 15.18
C TYR A 211 21.73 -5.62 15.10
N ASP A 212 22.89 -5.67 15.75
CA ASP A 212 23.72 -6.87 15.74
C ASP A 212 24.75 -6.85 16.87
N LEU A 213 24.47 -6.05 17.90
CA LEU A 213 25.25 -6.03 19.15
C LEU A 213 24.31 -5.75 20.34
N GLU A 214 24.63 -6.33 21.50
CA GLU A 214 23.91 -6.07 22.74
C GLU A 214 24.41 -4.85 23.52
N ASN A 215 25.72 -4.76 23.72
CA ASN A 215 26.27 -3.76 24.65
C ASN A 215 27.79 -3.63 24.55
N TRP A 216 28.34 -3.95 23.37
CA TRP A 216 29.80 -3.91 23.20
C TRP A 216 30.36 -2.53 23.60
N ASN A 217 31.47 -2.52 24.34
CA ASN A 217 32.10 -1.28 24.85
C ASN A 217 31.15 -0.50 25.76
N ASN A 218 30.26 -1.21 26.44
CA ASN A 218 29.19 -0.58 27.22
C ASN A 218 28.34 0.44 26.48
N GLN A 219 28.14 0.22 25.18
CA GLN A 219 27.18 1.03 24.44
C GLN A 219 26.00 0.13 24.19
N SER A 220 24.93 0.32 24.96
CA SER A 220 23.77 -0.54 24.89
C SER A 220 23.08 -0.43 23.53
N ARG A 221 22.60 -1.56 23.03
CA ARG A 221 21.65 -1.59 21.92
C ARG A 221 20.49 -0.57 22.02
N LEU A 222 20.05 -0.28 23.25
CA LEU A 222 18.89 0.58 23.54
C LEU A 222 19.12 2.03 23.12
N GLY A 223 20.38 2.45 23.07
CA GLY A 223 20.70 3.80 22.65
C GLY A 223 21.73 3.85 21.57
N PHE A 224 21.96 2.72 20.92
CA PHE A 224 23.02 2.63 19.94
C PHE A 224 22.68 3.42 18.70
N ASP A 225 23.63 4.28 18.30
CA ASP A 225 23.50 5.13 17.13
C ASP A 225 24.40 4.61 16.01
N ALA A 226 23.85 3.70 15.22
CA ALA A 226 24.61 3.09 14.12
C ALA A 226 24.80 4.08 12.98
N ILE A 227 26.02 4.14 12.42
CA ILE A 227 26.32 4.94 11.22
C ILE A 227 26.64 3.96 10.12
N ILE A 228 25.77 3.90 9.11
CA ILE A 228 25.87 2.86 8.11
C ILE A 228 25.73 3.52 6.73
N THR A 229 26.58 3.13 5.79
CA THR A 229 26.54 3.76 4.47
C THR A 229 25.29 3.23 3.75
N GLN A 230 24.78 3.98 2.78
CA GLN A 230 23.67 3.49 1.95
C GLN A 230 24.04 2.19 1.22
N GLN A 231 25.29 2.08 0.76
CA GLN A 231 25.76 0.86 0.15
C GLN A 231 25.64 -0.36 1.11
N ASP A 232 26.12 -0.21 2.34
CA ASP A 232 26.05 -1.33 3.28
C ASP A 232 24.61 -1.64 3.70
N LEU A 233 23.78 -0.60 3.78
CA LEU A 233 22.38 -0.79 4.15
C LEU A 233 21.69 -1.68 3.12
N SER A 234 21.98 -1.42 1.86
CA SER A 234 21.39 -2.16 0.75
C SER A 234 22.00 -3.54 0.63
N GLU A 235 23.33 -3.59 0.78
CA GLU A 235 24.07 -4.82 0.51
C GLU A 235 24.07 -5.85 1.64
N TYR A 236 24.02 -5.38 2.88
CA TYR A 236 24.22 -6.29 4.05
C TYR A 236 23.12 -6.20 5.11
N TYR A 237 22.66 -4.99 5.39
CA TYR A 237 21.81 -4.84 6.56
C TYR A 237 20.34 -5.05 6.25
N THR A 238 19.97 -4.99 4.96
CA THR A 238 18.55 -5.11 4.59
C THR A 238 18.09 -6.19 3.58
N PRO A 239 19.03 -6.89 2.89
CA PRO A 239 18.52 -7.72 1.80
C PRO A 239 17.56 -8.81 2.30
N GLN A 240 17.77 -9.25 3.54
CA GLN A 240 16.92 -10.30 4.14
C GLN A 240 15.53 -9.77 4.50
N PHE A 241 15.44 -8.46 4.74
CA PHE A 241 14.15 -7.79 4.95
C PHE A 241 13.44 -7.56 3.62
N LEU A 242 14.18 -7.23 2.57
CA LEU A 242 13.59 -7.28 1.24
C LEU A 242 13.00 -8.69 0.98
N ALA A 243 13.79 -9.73 1.25
CA ALA A 243 13.30 -11.09 1.02
C ALA A 243 12.02 -11.41 1.85
N ALA A 244 12.00 -10.98 3.11
CA ALA A 244 10.80 -11.16 3.97
C ALA A 244 9.53 -10.51 3.40
N ALA A 245 9.65 -9.24 3.02
CA ALA A 245 8.50 -8.47 2.53
C ALA A 245 8.10 -8.87 1.11
N ARG A 246 9.08 -8.93 0.21
CA ARG A 246 8.77 -9.19 -1.19
C ARG A 246 8.47 -10.63 -1.47
N TYR A 247 9.33 -11.55 -1.03
CA TYR A 247 9.17 -12.95 -1.48
C TYR A 247 8.28 -13.75 -0.55
N ALA A 248 8.53 -13.61 0.74
CA ALA A 248 7.88 -14.43 1.75
C ALA A 248 6.54 -13.80 2.11
N LYS A 249 6.40 -12.49 1.84
CA LYS A 249 5.22 -11.68 2.20
C LYS A 249 4.86 -11.76 3.71
N SER A 250 5.88 -11.53 4.53
CA SER A 250 5.70 -11.49 5.97
C SER A 250 4.57 -10.54 6.33
N ARG A 251 3.70 -10.97 7.24
CA ARG A 251 2.57 -10.11 7.65
C ARG A 251 2.97 -9.04 8.64
N SER A 252 4.09 -9.27 9.34
CA SER A 252 4.57 -8.30 10.33
C SER A 252 6.09 -8.14 10.27
N LEU A 253 6.57 -7.12 10.97
CA LEU A 253 8.00 -6.83 11.03
C LEU A 253 8.24 -6.12 12.33
N MET A 254 9.42 -6.35 12.93
CA MET A 254 9.74 -5.64 14.15
C MET A 254 10.87 -4.65 13.91
N CYS A 255 10.66 -3.40 14.30
CA CYS A 255 11.70 -2.39 14.21
C CYS A 255 12.60 -2.44 15.45
N ALA A 256 13.87 -2.15 15.22
CA ALA A 256 14.93 -2.35 16.20
C ALA A 256 15.07 -1.17 17.18
N TYR A 257 15.75 -1.39 18.31
CA TYR A 257 16.00 -0.33 19.30
C TYR A 257 16.88 0.80 18.77
N ASN A 258 17.84 0.46 17.94
CA ASN A 258 18.92 1.37 17.57
C ASN A 258 18.46 2.42 16.54
N SER A 259 19.20 3.53 16.49
CA SER A 259 19.07 4.46 15.40
C SER A 259 20.03 4.08 14.29
N VAL A 260 19.70 4.51 13.07
CA VAL A 260 20.61 4.37 11.95
C VAL A 260 20.71 5.76 11.32
N ASN A 261 21.93 6.29 11.24
CA ASN A 261 22.16 7.62 10.62
C ASN A 261 21.31 8.69 11.26
N GLY A 262 21.19 8.57 12.58
CA GLY A 262 20.55 9.57 13.41
C GLY A 262 19.09 9.36 13.76
N VAL A 263 18.44 8.36 13.15
CA VAL A 263 16.98 8.17 13.30
C VAL A 263 16.65 6.82 13.93
N PRO A 264 15.94 6.81 15.08
CA PRO A 264 15.56 5.52 15.67
C PRO A 264 14.69 4.71 14.72
N SER A 265 14.99 3.41 14.60
CA SER A 265 14.35 2.57 13.60
C SER A 265 12.82 2.63 13.64
N CYS A 266 12.22 2.68 14.82
CA CYS A 266 10.76 2.70 14.94
CA CYS A 266 10.75 2.72 14.92
C CYS A 266 10.15 4.07 14.61
N ALA A 267 11.02 5.08 14.43
CA ALA A 267 10.58 6.40 14.06
C ALA A 267 11.15 6.77 12.69
N ASN A 268 11.52 5.75 11.93
CA ASN A 268 12.25 5.91 10.68
C ASN A 268 11.36 5.63 9.47
N SER A 269 10.76 6.69 8.91
CA SER A 269 9.82 6.49 7.80
CA SER A 269 9.83 6.52 7.80
C SER A 269 10.54 6.01 6.52
N PHE A 270 11.81 6.40 6.34
CA PHE A 270 12.63 5.87 5.24
C PHE A 270 12.64 4.32 5.29
N PHE A 271 12.86 3.76 6.48
CA PHE A 271 12.78 2.30 6.64
C PHE A 271 11.35 1.77 6.53
N LEU A 272 10.45 2.32 7.32
CA LEU A 272 9.14 1.66 7.49
C LEU A 272 8.15 1.91 6.38
N GLN A 273 8.36 2.97 5.61
CA GLN A 273 7.45 3.29 4.53
CA GLN A 273 7.45 3.34 4.52
C GLN A 273 8.16 3.21 3.19
N THR A 274 9.19 4.05 3.00
CA THR A 274 9.93 4.10 1.72
C THR A 274 10.55 2.77 1.27
N LEU A 275 11.31 2.13 2.17
CA LEU A 275 11.86 0.81 1.85
C LEU A 275 10.81 -0.28 2.00
N LEU A 276 10.35 -0.49 3.22
CA LEU A 276 9.51 -1.64 3.51
C LEU A 276 8.28 -1.74 2.60
N ARG A 277 7.52 -0.65 2.50
CA ARG A 277 6.24 -0.71 1.79
C ARG A 277 6.39 -0.35 0.32
N GLU A 278 7.10 0.73 0.02
CA GLU A 278 7.18 1.23 -1.35
CA GLU A 278 7.18 1.23 -1.35
C GLU A 278 8.13 0.43 -2.23
N SER A 279 9.27 0.03 -1.67
CA SER A 279 10.28 -0.69 -2.44
C SER A 279 10.12 -2.20 -2.45
N TRP A 280 9.65 -2.77 -1.34
CA TRP A 280 9.69 -4.23 -1.18
C TRP A 280 8.32 -4.88 -1.12
N GLY A 281 7.26 -4.05 -1.13
CA GLY A 281 5.87 -4.56 -1.23
C GLY A 281 5.37 -5.34 -0.02
N PHE A 282 5.82 -4.94 1.16
CA PHE A 282 5.26 -5.42 2.40
C PHE A 282 3.73 -5.28 2.29
N PRO A 283 2.96 -6.31 2.69
CA PRO A 283 1.51 -6.28 2.56
C PRO A 283 0.87 -4.97 3.04
N GLU A 284 -0.11 -4.46 2.29
CA GLU A 284 -0.77 -3.21 2.64
C GLU A 284 -1.32 -3.24 4.07
N TRP A 285 -1.87 -4.39 4.45
CA TRP A 285 -2.49 -4.54 5.77
C TRP A 285 -1.66 -5.37 6.74
N GLY A 286 -0.37 -5.51 6.42
CA GLY A 286 0.64 -5.96 7.35
C GLY A 286 0.80 -4.90 8.43
N TYR A 287 1.42 -5.26 9.54
CA TYR A 287 1.60 -4.29 10.64
C TYR A 287 3.03 -4.40 11.19
N VAL A 288 3.54 -3.29 11.72
CA VAL A 288 4.88 -3.25 12.32
C VAL A 288 4.73 -3.18 13.85
N SER A 289 5.47 -4.06 14.55
CA SER A 289 5.62 -3.98 15.99
C SER A 289 6.98 -3.40 16.37
N SER A 290 7.04 -2.63 17.47
CA SER A 290 8.35 -2.22 17.98
C SER A 290 8.95 -3.38 18.75
N ASP A 291 10.26 -3.32 18.97
CA ASP A 291 10.91 -4.17 19.95
C ASP A 291 10.48 -3.68 21.33
N CYS A 292 10.82 -4.44 22.37
CA CYS A 292 10.27 -4.18 23.70
C CYS A 292 11.30 -3.45 24.58
N ASP A 293 11.21 -2.14 24.79
CA ASP A 293 10.19 -1.21 24.23
C ASP A 293 10.94 -0.11 23.45
N ALA A 294 11.10 -0.34 22.14
CA ALA A 294 11.90 0.55 21.30
C ALA A 294 11.27 1.94 21.17
N VAL A 295 9.95 2.02 21.28
CA VAL A 295 9.26 3.34 21.24
C VAL A 295 9.69 4.23 22.44
N TYR A 296 9.74 3.63 23.63
CA TYR A 296 10.25 4.31 24.80
C TYR A 296 11.64 4.88 24.52
N ASN A 297 12.47 4.04 23.91
CA ASN A 297 13.88 4.42 23.66
C ASN A 297 14.07 5.55 22.68
N VAL A 298 13.06 5.81 21.84
CA VAL A 298 13.05 6.98 20.95
C VAL A 298 13.25 8.24 21.81
N PHE A 299 12.62 8.23 22.99
CA PHE A 299 12.75 9.27 24.01
C PHE A 299 13.99 9.04 24.88
N ASN A 300 14.03 7.91 25.58
CA ASN A 300 15.11 7.61 26.52
C ASN A 300 15.76 6.25 26.17
N PRO A 301 17.01 6.21 25.66
CA PRO A 301 17.98 7.33 25.70
C PRO A 301 18.27 8.09 24.40
N HIS A 302 17.60 7.77 23.29
CA HIS A 302 17.93 8.42 22.00
C HIS A 302 17.76 9.93 22.00
N ASP A 303 16.80 10.41 22.80
CA ASP A 303 16.45 11.83 22.85
C ASP A 303 16.10 12.38 21.46
N TYR A 304 15.46 11.54 20.65
CA TYR A 304 15.00 11.94 19.34
C TYR A 304 13.63 12.61 19.48
N ALA A 305 12.90 12.19 20.49
CA ALA A 305 11.72 12.92 20.95
C ALA A 305 11.96 13.35 22.41
N SER A 306 11.32 14.43 22.83
CA SER A 306 11.64 15.01 24.12
C SER A 306 10.86 14.41 25.30
N ASN A 307 9.86 13.59 24.98
CA ASN A 307 9.04 12.96 26.01
C ASN A 307 8.35 11.73 25.42
N GLN A 308 7.60 11.02 26.25
CA GLN A 308 6.99 9.75 25.83
C GLN A 308 5.85 9.97 24.82
N SER A 309 5.09 11.05 25.00
CA SER A 309 3.99 11.34 24.09
CA SER A 309 4.00 11.41 24.09
C SER A 309 4.52 11.67 22.68
N SER A 310 5.59 12.45 22.60
CA SER A 310 6.16 12.77 21.29
CA SER A 310 6.17 12.76 21.29
C SER A 310 6.85 11.55 20.67
N ALA A 311 7.47 10.71 21.51
CA ALA A 311 8.03 9.45 21.04
C ALA A 311 6.92 8.56 20.43
N ALA A 312 5.77 8.49 21.10
CA ALA A 312 4.63 7.71 20.62
C ALA A 312 4.11 8.25 19.27
N ALA A 313 3.93 9.57 19.17
CA ALA A 313 3.43 10.18 17.95
C ALA A 313 4.41 10.00 16.77
N SER A 314 5.68 10.24 17.03
CA SER A 314 6.73 10.09 16.01
CA SER A 314 6.71 10.11 16.00
C SER A 314 6.78 8.68 15.45
N SER A 315 6.72 7.71 16.35
CA SER A 315 6.77 6.32 15.96
C SER A 315 5.52 5.93 15.18
N LEU A 316 4.35 6.32 15.68
CA LEU A 316 3.12 5.97 15.02
C LEU A 316 3.07 6.55 13.61
N ARG A 317 3.44 7.82 13.49
CA ARG A 317 3.33 8.43 12.19
C ARG A 317 4.41 7.89 11.23
N ALA A 318 5.51 7.37 11.77
CA ALA A 318 6.59 6.80 10.93
C ALA A 318 6.23 5.46 10.32
N GLY A 319 5.28 4.75 10.96
CA GLY A 319 4.85 3.44 10.50
C GLY A 319 4.94 2.30 11.51
N THR A 320 5.09 2.60 12.80
CA THR A 320 5.05 1.57 13.83
C THR A 320 3.62 1.45 14.33
N ASP A 321 3.01 0.27 14.20
CA ASP A 321 1.61 0.09 14.56
C ASP A 321 1.37 -0.35 15.99
N ILE A 322 2.22 -1.26 16.46
CA ILE A 322 2.01 -1.86 17.79
C ILE A 322 3.25 -1.65 18.64
N ASP A 323 3.03 -1.22 19.87
CA ASP A 323 4.14 -1.01 20.80
C ASP A 323 4.28 -2.22 21.69
N CYS A 324 5.43 -2.86 21.67
CA CYS A 324 5.73 -3.86 22.68
C CYS A 324 6.20 -3.04 23.86
N GLY A 325 5.25 -2.70 24.71
CA GLY A 325 5.53 -1.78 25.80
C GLY A 325 4.36 -0.86 26.06
N GLN A 326 4.58 0.06 26.98
CA GLN A 326 3.47 0.86 27.53
C GLN A 326 3.48 2.31 27.04
N THR A 327 4.44 2.65 26.17
CA THR A 327 4.57 4.04 25.71
C THR A 327 3.34 4.47 24.87
N TYR A 328 2.92 3.63 23.93
CA TYR A 328 1.68 3.89 23.18
C TYR A 328 0.42 4.00 24.06
N PRO A 329 0.08 2.93 24.82
CA PRO A 329 -1.25 2.90 25.47
C PRO A 329 -1.39 3.91 26.59
N TRP A 330 -0.26 4.39 27.12
CA TRP A 330 -0.30 5.30 28.25
C TRP A 330 0.05 6.74 27.89
N HIS A 331 0.47 6.97 26.65
CA HIS A 331 0.83 8.34 26.23
C HIS A 331 0.30 8.82 24.85
N LEU A 332 -0.22 7.92 24.02
CA LEU A 332 -0.88 8.37 22.78
C LEU A 332 -2.12 9.23 23.05
N ASN A 333 -2.73 9.01 24.22
CA ASN A 333 -3.80 9.91 24.65
C ASN A 333 -3.33 11.36 24.75
N GLU A 334 -2.13 11.57 25.28
CA GLU A 334 -1.54 12.91 25.35
CA GLU A 334 -1.57 12.92 25.33
C GLU A 334 -1.25 13.44 23.93
N SER A 335 -0.78 12.54 23.06
CA SER A 335 -0.51 12.93 21.67
C SER A 335 -1.77 13.46 20.99
N PHE A 336 -2.88 12.76 21.21
CA PHE A 336 -4.14 13.16 20.61
C PHE A 336 -4.60 14.52 21.13
N VAL A 337 -4.52 14.72 22.45
CA VAL A 337 -4.85 16.01 23.08
C VAL A 337 -3.99 17.16 22.53
N ALA A 338 -2.71 16.85 22.29
CA ALA A 338 -1.80 17.88 21.84
C ALA A 338 -1.94 18.14 20.32
N GLY A 339 -2.81 17.37 19.66
CA GLY A 339 -3.00 17.50 18.22
C GLY A 339 -1.94 16.88 17.33
N GLU A 340 -1.06 16.07 17.92
CA GLU A 340 0.06 15.50 17.17
C GLU A 340 -0.32 14.27 16.35
N VAL A 341 -1.39 13.60 16.77
CA VAL A 341 -1.96 12.48 16.01
C VAL A 341 -3.47 12.64 15.82
N SER A 342 -3.97 12.09 14.72
CA SER A 342 -5.41 12.00 14.50
C SER A 342 -5.96 10.67 14.97
N ARG A 343 -7.28 10.62 15.15
CA ARG A 343 -7.89 9.33 15.44
C ARG A 343 -7.73 8.38 14.25
N GLY A 344 -7.80 8.90 13.01
CA GLY A 344 -7.51 8.09 11.81
C GLY A 344 -6.19 7.33 11.87
N GLU A 345 -5.13 8.02 12.29
CA GLU A 345 -3.81 7.39 12.40
C GLU A 345 -3.82 6.23 13.39
N ILE A 346 -4.44 6.45 14.56
CA ILE A 346 -4.51 5.41 15.58
C ILE A 346 -5.38 4.27 15.06
N GLU A 347 -6.51 4.62 14.45
CA GLU A 347 -7.41 3.57 13.89
C GLU A 347 -6.72 2.71 12.84
N ARG A 348 -5.88 3.32 12.02
CA ARG A 348 -5.16 2.56 10.98
C ARG A 348 -4.31 1.42 11.55
N SER A 349 -3.58 1.70 12.61
CA SER A 349 -2.72 0.69 13.22
C SER A 349 -3.52 -0.46 13.85
N VAL A 350 -4.60 -0.14 14.55
CA VAL A 350 -5.41 -1.18 15.21
C VAL A 350 -6.16 -2.00 14.16
N THR A 351 -6.58 -1.33 13.09
CA THR A 351 -7.26 -1.99 11.97
C THR A 351 -6.29 -2.94 11.30
N ARG A 352 -5.02 -2.53 11.15
CA ARG A 352 -4.02 -3.39 10.59
C ARG A 352 -3.86 -4.69 11.39
N LEU A 353 -3.66 -4.56 12.72
CA LEU A 353 -3.62 -5.74 13.57
C LEU A 353 -4.83 -6.66 13.35
N TYR A 354 -6.02 -6.08 13.45
CA TYR A 354 -7.24 -6.87 13.40
C TYR A 354 -7.53 -7.44 12.02
N ALA A 355 -7.08 -6.75 10.97
CA ALA A 355 -7.18 -7.33 9.61
C ALA A 355 -6.42 -8.67 9.54
N ASN A 356 -5.22 -8.72 10.13
CA ASN A 356 -4.50 -10.00 10.20
C ASN A 356 -5.21 -11.05 11.04
N LEU A 357 -5.73 -10.61 12.17
CA LEU A 357 -6.44 -11.53 13.05
C LEU A 357 -7.64 -12.13 12.31
N VAL A 358 -8.33 -11.31 11.50
CA VAL A 358 -9.41 -11.84 10.67
C VAL A 358 -8.89 -12.89 9.68
N ARG A 359 -7.80 -12.58 9.01
CA ARG A 359 -7.15 -13.52 8.08
C ARG A 359 -6.73 -14.83 8.78
N LEU A 360 -6.32 -14.71 10.04
CA LEU A 360 -5.88 -15.84 10.86
C LEU A 360 -7.03 -16.71 11.40
N GLY A 361 -8.28 -16.29 11.19
CA GLY A 361 -9.42 -17.08 11.61
C GLY A 361 -9.86 -16.82 13.06
N TYR A 362 -9.47 -15.67 13.62
CA TYR A 362 -9.78 -15.29 15.00
C TYR A 362 -11.30 -15.18 15.23
N PHE A 363 -12.02 -14.87 14.17
CA PHE A 363 -13.48 -14.70 14.23
C PHE A 363 -14.25 -15.88 13.60
N ASP A 364 -13.53 -16.88 13.09
CA ASP A 364 -14.19 -17.96 12.31
C ASP A 364 -13.96 -19.34 12.93
N LYS A 365 -14.95 -19.83 13.68
CA LYS A 365 -14.75 -21.09 14.41
C LYS A 365 -14.56 -22.29 13.48
N LYS A 366 -15.03 -22.16 12.24
CA LYS A 366 -14.87 -23.20 11.23
C LYS A 366 -13.56 -23.10 10.46
N ASN A 367 -12.71 -22.15 10.81
CA ASN A 367 -11.41 -21.99 10.15
C ASN A 367 -10.58 -23.29 10.23
N GLN A 368 -9.91 -23.66 9.14
CA GLN A 368 -9.18 -24.94 9.05
C GLN A 368 -8.16 -25.14 10.17
N TYR A 369 -7.66 -24.06 10.75
CA TYR A 369 -6.64 -24.17 11.81
C TYR A 369 -7.18 -24.13 13.25
N ARG A 370 -8.48 -23.90 13.41
CA ARG A 370 -9.09 -23.76 14.73
C ARG A 370 -9.42 -25.11 15.39
N SER A 371 -9.11 -26.22 14.72
CA SER A 371 -9.34 -27.58 15.24
CA SER A 371 -9.34 -27.52 15.34
C SER A 371 -8.05 -28.34 15.59
N LEU A 372 -6.89 -27.70 15.44
CA LEU A 372 -5.65 -28.33 15.86
C LEU A 372 -5.59 -28.30 17.38
N GLY A 373 -5.09 -29.37 17.99
CA GLY A 373 -5.09 -29.52 19.46
C GLY A 373 -3.83 -30.23 19.95
N TRP A 374 -3.83 -30.60 21.24
CA TRP A 374 -2.67 -31.19 21.90
C TRP A 374 -2.12 -32.43 21.14
N LYS A 375 -3.01 -33.26 20.60
CA LYS A 375 -2.52 -34.48 19.90
C LYS A 375 -1.70 -34.14 18.65
N ASP A 376 -1.98 -32.97 18.07
CA ASP A 376 -1.19 -32.43 16.96
C ASP A 376 0.21 -32.04 17.37
N VAL A 377 0.34 -31.53 18.60
CA VAL A 377 1.65 -31.24 19.17
C VAL A 377 2.36 -32.56 19.41
N VAL A 378 1.66 -33.53 19.99
CA VAL A 378 2.29 -34.81 20.29
C VAL A 378 2.77 -35.49 19.00
N LYS A 379 1.92 -35.52 17.98
CA LYS A 379 2.22 -36.18 16.71
C LYS A 379 3.39 -35.52 15.98
N THR A 380 3.34 -34.20 15.85
CA THR A 380 4.42 -33.49 15.16
C THR A 380 5.75 -33.55 15.92
N ASP A 381 5.71 -33.48 17.25
CA ASP A 381 6.91 -33.71 18.04
C ASP A 381 7.51 -35.08 17.79
N ALA A 382 6.65 -36.10 17.79
CA ALA A 382 7.12 -37.48 17.57
C ALA A 382 7.78 -37.73 16.22
N TRP A 383 7.58 -36.85 15.24
CA TRP A 383 8.30 -36.94 13.95
C TRP A 383 9.82 -36.83 14.13
N ASN A 384 10.24 -36.23 15.25
CA ASN A 384 11.63 -36.04 15.60
C ASN A 384 12.42 -35.21 14.57
N ILE A 385 11.80 -34.14 14.11
CA ILE A 385 12.48 -33.25 13.16
C ILE A 385 13.51 -32.41 13.91
N SER A 386 13.33 -32.26 15.23
CA SER A 386 14.32 -31.56 16.04
C SER A 386 15.63 -32.36 16.01
N TYR A 387 15.54 -33.66 16.32
CA TYR A 387 16.67 -34.58 16.14
C TYR A 387 17.24 -34.50 14.72
N GLU A 388 16.39 -34.58 13.71
CA GLU A 388 16.86 -34.59 12.31
C GLU A 388 17.66 -33.33 11.96
N ALA A 389 17.20 -32.19 12.47
CA ALA A 389 17.83 -30.90 12.19
C ALA A 389 19.24 -30.86 12.80
N ALA A 390 19.37 -31.33 14.04
CA ALA A 390 20.68 -31.35 14.69
C ALA A 390 21.67 -32.28 13.97
N VAL A 391 21.18 -33.46 13.58
CA VAL A 391 21.98 -34.46 12.88
C VAL A 391 22.48 -33.92 11.54
N GLU A 392 21.64 -33.14 10.86
CA GLU A 392 21.97 -32.59 9.55
C GLU A 392 22.94 -31.41 9.68
N GLY A 393 22.83 -30.66 10.78
CA GLY A 393 23.59 -29.39 10.92
C GLY A 393 24.95 -29.56 11.57
N ILE A 394 25.15 -30.63 12.34
CA ILE A 394 26.39 -30.76 13.11
C ILE A 394 27.57 -30.70 12.11
N VAL A 395 28.64 -29.98 12.48
CA VAL A 395 29.75 -29.73 11.55
C VAL A 395 31.03 -30.48 11.94
N LEU A 396 31.54 -31.33 11.06
CA LEU A 396 32.85 -31.97 11.29
C LEU A 396 33.96 -31.06 10.81
N LEU A 397 34.79 -30.54 11.71
CA LEU A 397 35.84 -29.58 11.31
C LEU A 397 37.21 -30.19 11.06
N LYS A 398 37.55 -31.22 11.82
CA LYS A 398 38.86 -31.85 11.75
C LYS A 398 38.64 -33.33 11.99
N ASN A 399 39.25 -34.17 11.16
CA ASN A 399 39.18 -35.62 11.38
C ASN A 399 40.36 -36.34 10.71
N ASP A 400 40.90 -37.35 11.36
CA ASP A 400 41.94 -38.19 10.73
C ASP A 400 41.45 -39.63 10.56
N GLY A 401 40.14 -39.85 10.66
CA GLY A 401 39.58 -41.20 10.68
C GLY A 401 39.18 -41.74 12.07
N THR A 402 39.62 -41.09 13.13
CA THR A 402 39.15 -41.41 14.48
C THR A 402 37.60 -41.47 14.52
N LEU A 403 36.94 -40.54 13.84
CA LEU A 403 35.48 -40.57 13.68
C LEU A 403 35.13 -41.13 12.33
N PRO A 404 34.08 -41.95 12.24
CA PRO A 404 33.26 -42.37 13.37
C PRO A 404 34.00 -43.39 14.22
N LEU A 405 33.76 -43.35 15.53
CA LEU A 405 34.33 -44.32 16.48
C LEU A 405 34.26 -45.78 15.98
N SER A 406 35.42 -46.43 15.93
CA SER A 406 35.53 -47.84 15.55
CA SER A 406 35.49 -47.84 15.53
C SER A 406 34.78 -48.70 16.57
N LYS A 407 34.30 -49.87 16.14
CA LYS A 407 33.68 -50.80 17.08
C LYS A 407 34.64 -51.29 18.17
N LYS A 408 35.94 -51.07 17.97
CA LYS A 408 36.94 -51.40 19.00
C LYS A 408 36.87 -50.44 20.18
N VAL A 409 36.14 -49.32 20.03
CA VAL A 409 35.94 -48.39 21.14
C VAL A 409 34.77 -48.89 21.94
N ARG A 410 35.04 -49.39 23.14
CA ARG A 410 34.04 -49.97 24.02
C ARG A 410 33.73 -49.02 25.17
N SER A 411 34.77 -48.40 25.71
CA SER A 411 34.62 -47.46 26.79
C SER A 411 35.08 -46.07 26.35
N ILE A 412 34.43 -45.01 26.85
CA ILE A 412 34.84 -43.64 26.56
C ILE A 412 35.00 -42.84 27.85
N ALA A 413 35.99 -41.97 27.87
CA ALA A 413 36.09 -40.93 28.87
C ALA A 413 35.26 -39.75 28.37
N LEU A 414 34.14 -39.48 29.01
CA LEU A 414 33.27 -38.39 28.55
C LEU A 414 33.44 -37.24 29.53
N ILE A 415 34.09 -36.19 29.05
CA ILE A 415 34.59 -35.15 29.93
C ILE A 415 34.06 -33.83 29.45
N GLY A 416 33.81 -32.92 30.38
CA GLY A 416 33.62 -31.52 30.01
C GLY A 416 32.33 -30.86 30.45
N PRO A 417 32.30 -29.53 30.40
CA PRO A 417 31.14 -28.77 30.89
C PRO A 417 29.87 -28.87 30.02
N TRP A 418 29.94 -29.56 28.88
CA TRP A 418 28.73 -29.85 28.07
C TRP A 418 28.37 -31.31 28.07
N ALA A 419 29.20 -32.13 28.72
CA ALA A 419 29.05 -33.57 28.65
C ALA A 419 27.68 -34.03 29.16
N ASN A 420 27.19 -33.39 30.20
CA ASN A 420 25.87 -33.75 30.72
C ASN A 420 24.82 -32.69 30.40
N ALA A 421 24.96 -32.05 29.24
CA ALA A 421 24.11 -30.90 28.92
C ALA A 421 22.63 -31.27 28.81
N THR A 422 21.76 -30.51 29.46
CA THR A 422 20.33 -30.64 29.17
C THR A 422 19.83 -29.27 28.68
N THR A 423 19.59 -28.37 29.63
CA THR A 423 19.09 -27.05 29.26
C THR A 423 20.07 -26.22 28.41
N GLN A 424 21.37 -26.47 28.59
CA GLN A 424 22.39 -25.86 27.72
C GLN A 424 22.05 -26.09 26.25
N MET A 425 21.52 -27.27 25.95
CA MET A 425 21.27 -27.66 24.56
C MET A 425 20.20 -26.79 23.88
N GLN A 426 19.43 -26.05 24.69
CA GLN A 426 18.27 -25.31 24.19
C GLN A 426 18.56 -23.85 23.86
N GLY A 427 19.76 -23.37 24.15
CA GLY A 427 20.12 -22.00 23.78
C GLY A 427 19.35 -20.97 24.59
N ASN A 428 18.63 -20.08 23.90
CA ASN A 428 17.76 -19.13 24.59
C ASN A 428 16.36 -19.14 23.94
N TYR A 429 15.45 -18.29 24.41
CA TYR A 429 14.04 -18.27 23.90
C TYR A 429 13.41 -19.64 23.81
N TYR A 430 13.55 -20.45 24.87
CA TYR A 430 12.99 -21.80 24.90
C TYR A 430 11.92 -21.96 25.96
N GLY A 431 10.90 -22.74 25.63
CA GLY A 431 9.91 -23.17 26.60
C GLY A 431 10.28 -24.57 27.05
N PRO A 432 9.48 -25.14 27.98
CA PRO A 432 9.69 -26.51 28.44
C PRO A 432 9.64 -27.48 27.26
N ALA A 433 10.54 -28.48 27.27
CA ALA A 433 10.63 -29.54 26.23
C ALA A 433 10.01 -30.85 26.72
N PRO A 434 9.67 -31.76 25.78
CA PRO A 434 9.09 -33.03 26.26
C PRO A 434 10.09 -33.87 27.05
N TYR A 435 11.38 -33.70 26.73
CA TYR A 435 12.49 -34.40 27.36
C TYR A 435 13.74 -33.64 26.95
N LEU A 436 14.86 -33.95 27.60
CA LEU A 436 16.15 -33.41 27.17
C LEU A 436 17.16 -34.54 27.29
N ILE A 437 17.64 -35.04 26.15
CA ILE A 437 18.59 -36.16 26.10
C ILE A 437 20.05 -35.67 26.04
N SER A 438 20.72 -35.75 27.19
CA SER A 438 22.11 -35.30 27.28
C SER A 438 23.07 -36.16 26.44
N PRO A 439 24.25 -35.62 26.13
CA PRO A 439 25.23 -36.51 25.51
C PRO A 439 25.53 -37.74 26.42
N LEU A 440 25.67 -37.52 27.73
CA LEU A 440 25.88 -38.63 28.68
C LEU A 440 24.84 -39.75 28.57
N GLU A 441 23.56 -39.38 28.61
CA GLU A 441 22.48 -40.35 28.51
C GLU A 441 22.54 -41.06 27.17
N ALA A 442 22.76 -40.30 26.09
CA ALA A 442 22.81 -40.89 24.75
C ALA A 442 24.02 -41.80 24.58
N ALA A 443 25.15 -41.43 25.16
CA ALA A 443 26.36 -42.28 25.09
C ALA A 443 26.11 -43.67 25.70
N LYS A 444 25.48 -43.69 26.89
CA LYS A 444 25.09 -44.96 27.55
C LYS A 444 24.05 -45.72 26.74
N LYS A 445 23.08 -44.99 26.20
CA LYS A 445 22.05 -45.56 25.36
C LYS A 445 22.65 -46.23 24.10
N ALA A 446 23.78 -45.71 23.62
CA ALA A 446 24.45 -46.22 22.41
C ALA A 446 25.32 -47.46 22.64
N GLY A 447 25.46 -47.86 23.90
CA GLY A 447 26.22 -49.08 24.23
C GLY A 447 27.59 -48.87 24.85
N TYR A 448 28.11 -47.66 24.84
CA TYR A 448 29.46 -47.41 25.39
C TYR A 448 29.49 -47.51 26.90
N HIS A 449 30.61 -48.00 27.45
CA HIS A 449 30.84 -47.88 28.89
C HIS A 449 31.36 -46.46 29.11
N VAL A 450 30.70 -45.71 29.98
CA VAL A 450 31.01 -44.28 30.10
C VAL A 450 31.69 -43.92 31.39
N ASN A 451 32.90 -43.41 31.28
CA ASN A 451 33.60 -42.84 32.41
C ASN A 451 33.44 -41.33 32.35
N PHE A 452 32.53 -40.80 33.16
CA PHE A 452 32.15 -39.39 33.06
C PHE A 452 32.79 -38.53 34.15
N GLU A 453 33.39 -37.42 33.73
CA GLU A 453 33.96 -36.45 34.65
C GLU A 453 33.71 -35.06 34.09
N LEU A 454 33.28 -34.16 34.96
CA LEU A 454 33.06 -32.77 34.56
C LEU A 454 34.36 -32.16 34.04
N GLY A 455 35.46 -32.38 34.76
CA GLY A 455 36.77 -31.92 34.31
C GLY A 455 37.00 -30.48 34.69
N THR A 456 36.21 -29.59 34.09
CA THR A 456 36.23 -28.16 34.44
C THR A 456 34.92 -27.46 34.04
N GLU A 457 34.64 -26.31 34.66
CA GLU A 457 33.45 -25.52 34.32
CA GLU A 457 33.45 -25.52 34.32
C GLU A 457 33.64 -24.83 32.97
N ILE A 458 32.55 -24.24 32.44
CA ILE A 458 32.67 -23.50 31.19
C ILE A 458 33.70 -22.38 31.37
N ALA A 459 33.63 -21.66 32.50
CA ALA A 459 34.49 -20.50 32.72
C ALA A 459 35.29 -20.49 34.04
N GLY A 460 35.64 -21.65 34.58
CA GLY A 460 36.48 -21.66 35.79
C GLY A 460 37.95 -21.32 35.57
N ASN A 461 38.69 -21.09 36.66
CA ASN A 461 40.14 -21.37 36.62
C ASN A 461 40.56 -22.33 37.72
N SER A 462 39.59 -23.09 38.24
CA SER A 462 39.85 -24.20 39.15
C SER A 462 40.34 -25.41 38.36
N THR A 463 41.40 -26.02 38.84
CA THR A 463 41.94 -27.23 38.23
C THR A 463 41.55 -28.45 39.07
N THR A 464 40.71 -28.23 40.09
CA THR A 464 40.21 -29.28 40.97
C THR A 464 39.76 -30.55 40.23
N GLY A 465 39.09 -30.39 39.10
CA GLY A 465 38.55 -31.55 38.40
C GLY A 465 39.44 -32.24 37.38
N PHE A 466 40.64 -31.69 37.15
CA PHE A 466 41.55 -32.19 36.12
C PHE A 466 42.01 -33.64 36.36
N ALA A 467 42.41 -33.94 37.61
CA ALA A 467 43.03 -35.23 37.92
C ALA A 467 42.08 -36.38 37.65
N LYS A 468 40.85 -36.29 38.15
CA LYS A 468 39.85 -37.32 37.87
C LYS A 468 39.54 -37.44 36.38
N ALA A 469 39.56 -36.32 35.66
CA ALA A 469 39.34 -36.36 34.21
C ALA A 469 40.45 -37.12 33.51
N ILE A 470 41.71 -36.83 33.86
CA ILE A 470 42.86 -37.53 33.26
C ILE A 470 42.84 -39.02 33.64
N ALA A 471 42.56 -39.30 34.91
CA ALA A 471 42.40 -40.70 35.37
C ALA A 471 41.39 -41.44 34.51
N ALA A 472 40.23 -40.82 34.26
CA ALA A 472 39.21 -41.43 33.40
C ALA A 472 39.70 -41.65 31.98
N ALA A 473 40.42 -40.67 31.41
CA ALA A 473 40.99 -40.85 30.06
C ALA A 473 41.92 -42.06 30.01
N LYS A 474 42.74 -42.19 31.05
CA LYS A 474 43.65 -43.31 31.13
C LYS A 474 42.95 -44.67 31.19
N LYS A 475 41.80 -44.73 31.85
CA LYS A 475 41.00 -45.94 31.94
C LYS A 475 40.21 -46.31 30.68
N SER A 476 40.12 -45.39 29.72
CA SER A 476 39.16 -45.57 28.61
C SER A 476 39.81 -45.79 27.25
N ASP A 477 39.01 -46.29 26.31
CA ASP A 477 39.46 -46.50 24.92
C ASP A 477 39.60 -45.19 24.12
N ALA A 478 38.69 -44.24 24.36
CA ALA A 478 38.71 -42.96 23.66
C ALA A 478 38.24 -41.85 24.58
N ILE A 479 38.68 -40.63 24.28
CA ILE A 479 38.30 -39.47 25.05
C ILE A 479 37.36 -38.63 24.18
N ILE A 480 36.19 -38.31 24.72
CA ILE A 480 35.27 -37.37 24.07
C ILE A 480 35.11 -36.19 25.00
N TYR A 481 35.71 -35.06 24.61
CA TYR A 481 35.59 -33.83 25.39
C TYR A 481 34.47 -32.98 24.78
N LEU A 482 33.55 -32.51 25.61
CA LEU A 482 32.47 -31.62 25.15
C LEU A 482 32.53 -30.35 25.96
N GLY A 483 32.76 -29.22 25.31
CA GLY A 483 32.83 -27.95 26.03
C GLY A 483 32.50 -26.82 25.08
N GLY A 484 33.10 -25.67 25.33
CA GLY A 484 32.94 -24.51 24.43
C GLY A 484 32.25 -23.38 25.17
N ILE A 485 31.17 -22.85 24.60
CA ILE A 485 30.48 -21.73 25.25
C ILE A 485 29.01 -22.09 25.42
N ASP A 486 28.30 -21.34 26.26
CA ASP A 486 26.86 -21.54 26.38
C ASP A 486 26.23 -20.21 26.76
N ASN A 487 24.98 -20.23 27.22
CA ASN A 487 24.30 -18.96 27.52
C ASN A 487 24.74 -18.24 28.80
N THR A 488 25.65 -18.86 29.56
CA THR A 488 26.36 -18.09 30.58
C THR A 488 27.45 -17.22 29.91
N ILE A 489 27.82 -17.51 28.65
CA ILE A 489 28.89 -16.76 27.94
C ILE A 489 28.33 -15.75 26.94
N GLU A 490 27.37 -16.20 26.13
CA GLU A 490 26.77 -15.35 25.09
C GLU A 490 25.29 -15.33 25.40
N GLN A 491 24.72 -14.13 25.54
CA GLN A 491 23.29 -14.05 25.82
C GLN A 491 22.77 -12.70 25.42
N GLU A 492 21.44 -12.59 25.39
CA GLU A 492 20.82 -11.29 25.21
C GLU A 492 21.21 -10.36 26.35
N GLY A 493 21.49 -9.10 25.99
CA GLY A 493 21.82 -8.07 26.94
C GLY A 493 23.29 -7.99 27.26
N ALA A 494 24.04 -9.03 26.88
CA ALA A 494 25.47 -9.03 27.22
C ALA A 494 26.32 -9.82 26.24
N ASP A 495 26.99 -9.08 25.36
CA ASP A 495 27.90 -9.64 24.39
C ASP A 495 29.09 -10.29 25.07
N ARG A 496 29.75 -11.21 24.37
CA ARG A 496 31.05 -11.71 24.79
C ARG A 496 32.05 -10.59 24.72
N THR A 497 33.10 -10.66 25.56
CA THR A 497 34.15 -9.65 25.49
C THR A 497 35.37 -10.21 24.73
N ASP A 498 35.37 -11.51 24.48
CA ASP A 498 36.40 -12.15 23.63
C ASP A 498 35.84 -13.36 22.90
N ILE A 499 36.60 -13.86 21.95
CA ILE A 499 36.15 -14.99 21.14
C ILE A 499 37.10 -16.19 21.26
N ALA A 500 37.78 -16.26 22.41
CA ALA A 500 38.61 -17.41 22.83
C ALA A 500 37.79 -18.43 23.60
N TRP A 501 38.24 -19.68 23.69
CA TRP A 501 37.61 -20.62 24.66
C TRP A 501 37.60 -20.03 26.08
N PRO A 502 36.48 -20.16 26.80
CA PRO A 502 36.44 -19.54 28.13
C PRO A 502 37.15 -20.42 29.18
N GLY A 503 37.41 -19.85 30.34
CA GLY A 503 37.99 -20.60 31.47
C GLY A 503 39.32 -21.26 31.14
N ASN A 504 39.53 -22.46 31.68
CA ASN A 504 40.78 -23.20 31.45
C ASN A 504 40.52 -24.49 30.66
N GLN A 505 39.48 -24.47 29.83
CA GLN A 505 39.08 -25.62 29.03
C GLN A 505 40.21 -26.10 28.11
N LEU A 506 40.88 -25.18 27.42
CA LEU A 506 41.97 -25.52 26.51
C LEU A 506 43.15 -26.17 27.21
N ASP A 507 43.43 -25.75 28.44
CA ASP A 507 44.45 -26.40 29.29
C ASP A 507 44.10 -27.85 29.57
N LEU A 508 42.85 -28.09 30.00
CA LEU A 508 42.40 -29.46 30.22
C LEU A 508 42.46 -30.28 28.92
N ILE A 509 42.01 -29.70 27.81
CA ILE A 509 42.07 -30.40 26.55
C ILE A 509 43.52 -30.77 26.19
N LYS A 510 44.45 -29.83 26.39
CA LYS A 510 45.86 -30.08 26.07
C LYS A 510 46.38 -31.25 26.90
N GLN A 511 46.07 -31.25 28.20
CA GLN A 511 46.48 -32.35 29.08
C GLN A 511 45.87 -33.68 28.67
N LEU A 512 44.60 -33.68 28.27
CA LEU A 512 43.96 -34.88 27.72
C LEU A 512 44.63 -35.37 26.45
N SER A 513 45.20 -34.44 25.65
CA SER A 513 45.87 -34.83 24.42
C SER A 513 47.22 -35.53 24.72
N GLU A 514 47.69 -35.42 25.96
CA GLU A 514 48.99 -36.03 26.31
C GLU A 514 48.91 -37.43 26.94
N VAL A 515 47.70 -37.96 27.05
CA VAL A 515 47.45 -39.26 27.69
C VAL A 515 47.76 -40.44 26.75
N GLY A 516 47.79 -40.20 25.44
CA GLY A 516 48.07 -41.26 24.48
C GLY A 516 46.85 -42.00 23.97
N LYS A 517 45.67 -41.43 24.18
CA LYS A 517 44.40 -42.01 23.75
C LYS A 517 43.80 -41.18 22.61
N PRO A 518 42.99 -41.81 21.73
CA PRO A 518 42.23 -41.01 20.75
C PRO A 518 41.41 -39.92 21.44
N LEU A 519 41.42 -38.71 20.88
CA LEU A 519 40.74 -37.56 21.47
C LEU A 519 39.88 -36.84 20.43
N VAL A 520 38.59 -36.73 20.75
CA VAL A 520 37.61 -36.02 19.93
C VAL A 520 37.14 -34.84 20.77
N VAL A 521 37.17 -33.64 20.19
CA VAL A 521 36.74 -32.46 20.92
C VAL A 521 35.46 -31.95 20.24
N LEU A 522 34.43 -31.71 21.03
CA LEU A 522 33.18 -31.10 20.53
C LEU A 522 33.12 -29.65 21.02
N GLN A 523 33.13 -28.69 20.09
CA GLN A 523 33.08 -27.29 20.46
C GLN A 523 31.61 -26.85 20.32
N MET A 524 30.97 -26.50 21.44
CA MET A 524 29.54 -26.24 21.44
C MET A 524 29.28 -24.74 21.60
N GLY A 525 28.03 -24.32 21.39
CA GLY A 525 27.68 -22.90 21.45
C GLY A 525 27.40 -22.36 20.06
N GLY A 526 26.93 -21.11 19.99
CA GLY A 526 26.47 -20.52 18.71
C GLY A 526 27.55 -19.70 18.04
N GLY A 527 28.07 -18.72 18.74
CA GLY A 527 29.33 -18.08 18.31
C GLY A 527 30.47 -19.10 18.25
N GLN A 528 31.54 -18.73 17.54
CA GLN A 528 32.69 -19.60 17.36
C GLN A 528 33.69 -19.24 18.44
N VAL A 529 34.60 -20.16 18.74
CA VAL A 529 35.73 -19.83 19.63
C VAL A 529 36.99 -20.23 18.88
N ASP A 530 38.10 -19.60 19.20
CA ASP A 530 39.35 -19.79 18.48
C ASP A 530 39.94 -21.17 18.83
N SER A 531 39.78 -22.13 17.92
CA SER A 531 40.30 -23.47 18.11
C SER A 531 41.63 -23.72 17.39
N SER A 532 42.41 -22.65 17.20
CA SER A 532 43.69 -22.74 16.51
CA SER A 532 43.72 -22.72 16.53
C SER A 532 44.64 -23.74 17.18
N SER A 533 44.63 -23.79 18.51
CA SER A 533 45.53 -24.70 19.22
C SER A 533 45.08 -26.16 19.08
N LEU A 534 43.78 -26.38 18.76
CA LEU A 534 43.27 -27.71 18.47
C LEU A 534 43.55 -28.12 17.04
N LYS A 535 43.36 -27.19 16.09
CA LYS A 535 43.68 -27.41 14.68
C LYS A 535 45.15 -27.87 14.53
N SER A 536 46.02 -27.27 15.34
CA SER A 536 47.46 -27.46 15.21
C SER A 536 48.01 -28.60 16.08
N ASN A 537 47.22 -29.08 17.04
CA ASN A 537 47.64 -30.18 17.91
C ASN A 537 47.32 -31.52 17.23
N LYS A 538 48.36 -32.23 16.76
CA LYS A 538 48.18 -33.56 16.13
C LYS A 538 47.46 -34.56 17.03
N LYS A 539 47.58 -34.38 18.34
CA LYS A 539 46.98 -35.33 19.28
C LYS A 539 45.49 -35.06 19.55
N VAL A 540 44.96 -33.96 19.00
CA VAL A 540 43.51 -33.75 18.93
C VAL A 540 43.08 -34.33 17.59
N ASN A 541 42.48 -35.52 17.63
CA ASN A 541 42.20 -36.28 16.42
C ASN A 541 41.00 -35.74 15.65
N SER A 542 40.01 -35.27 16.39
CA SER A 542 38.76 -34.84 15.76
C SER A 542 38.21 -33.62 16.43
N LEU A 543 37.56 -32.78 15.64
CA LEU A 543 36.95 -31.55 16.16
C LEU A 543 35.64 -31.36 15.41
N VAL A 544 34.60 -31.18 16.21
CA VAL A 544 33.22 -31.12 15.75
C VAL A 544 32.65 -29.83 16.32
N TRP A 545 31.97 -29.03 15.48
CA TRP A 545 31.13 -27.97 16.02
C TRP A 545 29.68 -28.45 16.11
N GLY A 546 29.13 -28.39 17.31
CA GLY A 546 27.81 -28.98 17.55
C GLY A 546 26.69 -28.00 17.90
N GLY A 547 27.00 -26.70 17.92
CA GLY A 547 25.99 -25.64 18.10
C GLY A 547 25.16 -25.74 19.38
N TYR A 548 23.84 -25.57 19.23
CA TYR A 548 22.85 -25.74 20.32
C TYR A 548 21.85 -26.76 19.77
N PRO A 549 22.01 -28.04 20.17
CA PRO A 549 21.36 -29.05 19.35
C PRO A 549 19.95 -29.50 19.71
N GLY A 550 19.31 -28.81 20.67
CA GLY A 550 17.89 -29.05 20.94
C GLY A 550 17.65 -30.30 21.78
N GLN A 551 16.40 -30.72 21.83
CA GLN A 551 15.90 -31.65 22.86
C GLN A 551 16.52 -33.04 22.76
N SER A 552 16.88 -33.43 21.54
CA SER A 552 17.44 -34.73 21.27
C SER A 552 18.94 -34.59 20.95
N GLY A 553 19.53 -33.48 21.40
CA GLY A 553 20.90 -33.13 21.03
C GLY A 553 21.89 -34.27 21.28
N GLY A 554 21.78 -34.89 22.45
CA GLY A 554 22.69 -35.96 22.82
C GLY A 554 22.73 -37.09 21.83
N VAL A 555 21.57 -37.53 21.37
CA VAL A 555 21.45 -38.61 20.40
C VAL A 555 21.91 -38.19 19.00
N ALA A 556 21.59 -36.96 18.61
CA ALA A 556 22.12 -36.44 17.34
C ALA A 556 23.64 -36.48 17.35
N LEU A 557 24.23 -36.03 18.45
CA LEU A 557 25.69 -35.97 18.56
C LEU A 557 26.24 -37.40 18.49
N PHE A 558 25.69 -38.29 19.31
CA PHE A 558 26.26 -39.64 19.36
C PHE A 558 25.97 -40.49 18.15
N ASP A 559 24.86 -40.22 17.46
CA ASP A 559 24.60 -40.90 16.19
C ASP A 559 25.64 -40.54 15.15
N ILE A 560 26.04 -39.27 15.13
CA ILE A 560 27.14 -38.82 14.27
C ILE A 560 28.48 -39.47 14.68
N LEU A 561 28.82 -39.40 15.96
CA LEU A 561 30.11 -39.89 16.46
C LEU A 561 30.28 -41.38 16.24
N SER A 562 29.18 -42.12 16.34
CA SER A 562 29.18 -43.58 16.16
C SER A 562 29.04 -43.96 14.70
N GLY A 563 28.67 -42.99 13.84
CA GLY A 563 28.53 -43.29 12.43
C GLY A 563 27.19 -43.89 12.05
N LYS A 564 26.25 -43.95 12.99
CA LYS A 564 24.85 -44.27 12.63
C LYS A 564 24.34 -43.23 11.62
N ARG A 565 24.73 -41.97 11.83
CA ARG A 565 24.52 -40.95 10.80
C ARG A 565 25.87 -40.34 10.41
N ALA A 566 25.97 -39.83 9.19
CA ALA A 566 27.22 -39.26 8.71
C ALA A 566 27.04 -37.75 8.58
N PRO A 567 28.02 -36.96 9.06
CA PRO A 567 27.89 -35.51 9.08
C PRO A 567 28.01 -34.86 7.72
N ALA A 568 27.34 -33.70 7.58
CA ALA A 568 27.43 -32.94 6.34
C ALA A 568 27.24 -31.45 6.60
N GLY A 569 27.23 -31.05 7.87
CA GLY A 569 27.07 -29.63 8.23
C GLY A 569 28.26 -28.79 7.78
N ARG A 570 28.01 -27.54 7.50
CA ARG A 570 29.08 -26.57 7.21
C ARG A 570 28.89 -25.31 8.03
N LEU A 571 29.99 -24.71 8.45
CA LEU A 571 29.93 -23.48 9.27
C LEU A 571 29.14 -22.36 8.57
N VAL A 572 28.32 -21.63 9.35
CA VAL A 572 27.53 -20.50 8.79
C VAL A 572 28.05 -19.15 9.29
N THR A 573 29.10 -19.17 10.12
CA THR A 573 29.89 -17.96 10.42
C THR A 573 31.38 -18.31 10.30
N THR A 574 32.22 -17.29 10.21
CA THR A 574 33.68 -17.43 10.30
C THR A 574 34.17 -17.67 11.72
N GLN A 575 35.07 -18.65 11.89
CA GLN A 575 35.76 -18.80 13.16
C GLN A 575 37.03 -17.93 13.10
N TYR A 576 36.97 -16.75 13.72
CA TYR A 576 38.09 -15.80 13.63
C TYR A 576 39.18 -16.13 14.65
N PRO A 577 40.43 -15.71 14.36
CA PRO A 577 41.44 -15.75 15.41
C PRO A 577 41.05 -14.79 16.52
N ALA A 578 41.44 -15.11 17.75
CA ALA A 578 41.00 -14.35 18.93
C ALA A 578 41.31 -12.87 18.86
N GLU A 579 42.44 -12.52 18.26
CA GLU A 579 42.88 -11.12 18.25
C GLU A 579 41.93 -10.23 17.43
N TYR A 580 41.21 -10.82 16.48
CA TYR A 580 40.29 -10.05 15.62
C TYR A 580 39.43 -9.02 16.34
N VAL A 581 38.79 -9.42 17.44
CA VAL A 581 37.88 -8.49 18.15
C VAL A 581 38.60 -7.36 18.87
N HIS A 582 39.93 -7.50 19.04
CA HIS A 582 40.73 -6.45 19.65
C HIS A 582 41.34 -5.53 18.58
N GLN A 583 41.27 -5.94 17.31
CA GLN A 583 41.90 -5.16 16.23
C GLN A 583 41.19 -3.85 15.93
N PHE A 584 39.87 -3.81 16.12
CA PHE A 584 39.07 -2.65 15.72
C PHE A 584 37.76 -2.67 16.51
N PRO A 585 37.11 -1.50 16.62
CA PRO A 585 35.84 -1.41 17.35
C PRO A 585 34.74 -2.28 16.71
N GLN A 586 34.12 -3.15 17.49
CA GLN A 586 33.15 -4.10 16.95
C GLN A 586 31.87 -3.44 16.49
N ASN A 587 31.68 -2.17 16.87
CA ASN A 587 30.54 -1.37 16.40
C ASN A 587 30.84 -0.46 15.22
N ASP A 588 31.98 -0.69 14.58
CA ASP A 588 32.21 -0.12 13.26
C ASP A 588 31.33 -0.94 12.31
N MET A 589 30.33 -0.29 11.71
CA MET A 589 29.32 -1.02 10.91
C MET A 589 29.75 -1.23 9.46
N ASN A 590 30.88 -0.64 9.08
CA ASN A 590 31.38 -0.76 7.73
C ASN A 590 31.94 -2.14 7.43
N LEU A 591 31.36 -2.84 6.46
CA LEU A 591 31.78 -4.19 6.14
C LEU A 591 33.18 -4.22 5.55
N ARG A 592 33.46 -3.23 4.73
CA ARG A 592 34.70 -3.21 3.94
C ARG A 592 35.91 -2.84 4.80
N PRO A 593 37.11 -3.37 4.46
CA PRO A 593 38.32 -2.90 5.17
C PRO A 593 38.52 -1.40 4.90
N ASP A 594 39.20 -0.68 5.78
CA ASP A 594 39.38 0.77 5.59
C ASP A 594 40.82 1.24 5.52
N GLY A 595 41.76 0.30 5.38
CA GLY A 595 43.19 0.61 5.35
C GLY A 595 43.70 1.15 6.67
N LYS A 596 42.87 1.11 7.70
CA LYS A 596 43.31 1.54 9.03
C LYS A 596 43.24 0.35 10.01
N SER A 597 42.19 0.30 10.84
CA SER A 597 42.06 -0.79 11.80
C SER A 597 41.08 -1.86 11.37
N ASN A 598 40.14 -1.49 10.49
CA ASN A 598 39.08 -2.41 10.09
C ASN A 598 39.66 -3.30 9.00
N PRO A 599 39.79 -4.62 9.26
CA PRO A 599 40.39 -5.54 8.32
C PRO A 599 39.41 -6.13 7.32
N GLY A 600 38.17 -5.67 7.36
CA GLY A 600 37.09 -6.24 6.57
C GLY A 600 36.36 -7.24 7.43
N GLN A 601 35.04 -7.27 7.34
CA GLN A 601 34.21 -8.12 8.20
C GLN A 601 33.45 -9.16 7.39
N THR A 602 33.20 -10.34 8.00
CA THR A 602 32.61 -11.56 7.36
C THR A 602 33.54 -12.16 6.33
N TYR A 603 33.24 -13.36 5.84
CA TYR A 603 34.06 -14.01 4.81
C TYR A 603 34.11 -13.19 3.51
N ILE A 604 33.11 -12.33 3.29
CA ILE A 604 33.04 -11.56 2.05
C ILE A 604 34.21 -10.57 1.95
N TRP A 605 34.60 -9.99 3.08
CA TRP A 605 35.52 -8.84 3.05
C TRP A 605 36.78 -9.00 3.91
N TYR A 606 36.77 -9.95 4.84
CA TYR A 606 37.88 -10.13 5.80
C TYR A 606 39.20 -10.43 5.09
N THR A 607 40.23 -9.66 5.41
CA THR A 607 41.54 -9.78 4.76
C THR A 607 42.51 -10.65 5.54
N GLY A 608 42.10 -11.10 6.74
CA GLY A 608 42.97 -11.96 7.55
C GLY A 608 42.80 -13.44 7.24
N LYS A 609 43.16 -14.27 8.21
CA LYS A 609 43.14 -15.73 8.05
C LYS A 609 42.23 -16.35 9.11
N PRO A 610 41.03 -16.77 8.70
CA PRO A 610 40.15 -17.52 9.61
C PRO A 610 40.84 -18.78 10.15
N VAL A 611 40.56 -19.13 11.41
CA VAL A 611 40.97 -20.45 11.93
C VAL A 611 40.21 -21.52 11.13
N TYR A 612 38.90 -21.38 11.06
CA TYR A 612 38.07 -22.19 10.16
C TYR A 612 37.15 -21.24 9.41
N GLU A 613 37.13 -21.39 8.09
CA GLU A 613 36.35 -20.50 7.23
C GLU A 613 34.85 -20.78 7.33
N PHE A 614 34.06 -19.75 7.02
CA PHE A 614 32.63 -19.88 6.70
C PHE A 614 32.50 -20.98 5.64
N GLY A 615 31.61 -21.96 5.82
CA GLY A 615 31.51 -23.00 4.80
C GLY A 615 32.36 -24.26 5.04
N SER A 616 33.19 -24.27 6.08
CA SER A 616 33.99 -25.44 6.44
C SER A 616 33.09 -26.60 6.89
N GLY A 617 33.40 -27.80 6.40
CA GLY A 617 32.76 -29.01 6.92
C GLY A 617 33.34 -30.22 6.23
N LEU A 618 33.62 -31.28 6.98
CA LEU A 618 34.12 -32.53 6.39
C LEU A 618 33.05 -33.62 6.38
N PHE A 619 33.37 -34.70 5.68
CA PHE A 619 32.50 -35.86 5.54
C PHE A 619 33.22 -37.15 6.04
N TYR A 620 32.46 -38.22 6.19
CA TYR A 620 33.00 -39.55 6.50
C TYR A 620 33.37 -40.31 5.22
N THR A 621 33.30 -39.64 4.08
CA THR A 621 33.75 -40.22 2.84
C THR A 621 34.43 -39.14 1.99
N THR A 622 34.98 -39.52 0.85
CA THR A 622 35.53 -38.55 -0.10
C THR A 622 34.58 -38.42 -1.26
N PHE A 623 34.49 -37.21 -1.82
CA PHE A 623 33.73 -36.96 -3.01
C PHE A 623 34.62 -36.46 -4.13
N LYS A 624 34.32 -36.89 -5.35
CA LYS A 624 35.00 -36.44 -6.54
C LYS A 624 33.99 -35.55 -7.27
N GLU A 625 34.25 -34.25 -7.27
CA GLU A 625 33.38 -33.27 -7.93
C GLU A 625 33.90 -32.87 -9.31
N THR A 626 33.02 -32.91 -10.30
CA THR A 626 33.41 -32.54 -11.66
C THR A 626 32.29 -31.75 -12.32
N LEU A 627 32.66 -30.76 -13.12
CA LEU A 627 31.69 -29.99 -13.90
C LEU A 627 30.95 -30.90 -14.88
N ALA A 628 29.63 -30.73 -14.99
CA ALA A 628 28.77 -31.60 -15.80
C ALA A 628 28.42 -30.99 -17.17
N LEU A 634 31.89 -19.29 -21.46
CA LEU A 634 30.49 -18.96 -21.21
C LEU A 634 30.30 -17.45 -21.15
N LYS A 635 29.38 -16.94 -21.97
CA LYS A 635 29.09 -15.50 -22.00
C LYS A 635 27.60 -15.31 -21.87
N PHE A 636 27.19 -14.37 -21.01
CA PHE A 636 25.78 -14.13 -20.78
C PHE A 636 25.50 -12.66 -20.89
N ASN A 637 24.46 -12.35 -21.63
CA ASN A 637 24.01 -11.01 -21.75
C ASN A 637 22.81 -10.81 -20.83
N THR A 638 23.04 -10.13 -19.69
CA THR A 638 22.02 -10.03 -18.63
C THR A 638 20.77 -9.23 -19.05
N SER A 639 20.95 -8.21 -19.89
CA SER A 639 19.79 -7.50 -20.40
C SER A 639 18.86 -8.43 -21.19
N SER A 640 19.45 -9.31 -21.99
CA SER A 640 18.74 -10.35 -22.74
C SER A 640 18.08 -11.41 -21.85
N ILE A 641 18.80 -11.85 -20.82
CA ILE A 641 18.26 -12.84 -19.89
C ILE A 641 17.02 -12.30 -19.15
N LEU A 642 17.11 -11.04 -18.72
CA LEU A 642 15.97 -10.32 -18.14
C LEU A 642 14.87 -9.95 -19.15
N SER A 643 15.09 -10.25 -20.43
CA SER A 643 14.11 -9.93 -21.45
C SER A 643 13.12 -11.05 -21.67
N ALA A 644 13.44 -12.25 -21.20
CA ALA A 644 12.63 -13.43 -21.48
C ALA A 644 11.46 -13.59 -20.49
N PRO A 645 10.43 -14.39 -20.83
CA PRO A 645 9.45 -14.77 -19.80
C PRO A 645 10.13 -15.45 -18.62
N HIS A 646 9.48 -15.47 -17.46
CA HIS A 646 10.00 -16.16 -16.28
C HIS A 646 8.93 -16.97 -15.56
N PRO A 647 8.29 -17.93 -16.27
CA PRO A 647 7.27 -18.76 -15.63
C PRO A 647 7.88 -19.48 -14.45
N GLY A 648 7.14 -19.58 -13.34
CA GLY A 648 7.65 -20.28 -12.16
C GLY A 648 8.36 -19.34 -11.18
N TYR A 649 8.54 -18.09 -11.60
CA TYR A 649 9.18 -17.06 -10.77
C TYR A 649 8.27 -15.83 -10.73
N THR A 650 7.87 -15.40 -9.53
CA THR A 650 7.04 -14.20 -9.42
C THR A 650 7.78 -12.91 -9.83
N TYR A 651 9.07 -12.85 -9.53
CA TYR A 651 9.85 -11.62 -9.73
C TYR A 651 10.99 -11.88 -10.68
N SER A 652 11.26 -10.93 -11.56
CA SER A 652 12.19 -11.18 -12.64
C SER A 652 13.60 -11.38 -12.12
N GLU A 653 13.93 -10.78 -10.96
CA GLU A 653 15.31 -10.92 -10.47
C GLU A 653 15.57 -12.31 -9.93
N GLN A 654 14.51 -13.13 -9.82
CA GLN A 654 14.66 -14.52 -9.43
C GLN A 654 15.08 -15.46 -10.57
N ILE A 655 14.98 -14.99 -11.82
CA ILE A 655 15.34 -15.85 -12.97
C ILE A 655 16.83 -16.24 -12.94
N PRO A 656 17.17 -17.54 -13.14
CA PRO A 656 18.57 -17.93 -13.22
CA PRO A 656 18.57 -17.95 -13.23
C PRO A 656 19.24 -17.36 -14.47
N VAL A 657 20.43 -16.79 -14.29
CA VAL A 657 21.27 -16.40 -15.43
C VAL A 657 21.71 -17.70 -16.14
N PHE A 658 22.01 -18.71 -15.35
CA PHE A 658 22.26 -20.08 -15.80
C PHE A 658 22.28 -20.96 -14.57
N THR A 659 22.44 -22.26 -14.75
CA THR A 659 22.52 -23.16 -13.62
C THR A 659 23.89 -23.86 -13.62
N PHE A 660 24.59 -23.77 -12.50
CA PHE A 660 25.84 -24.48 -12.30
C PHE A 660 25.49 -25.95 -12.04
N GLU A 661 26.08 -26.82 -12.87
CA GLU A 661 25.84 -28.27 -12.72
C GLU A 661 27.14 -29.02 -12.54
N ALA A 662 27.19 -29.85 -11.51
CA ALA A 662 28.38 -30.64 -11.20
C ALA A 662 27.94 -32.06 -10.91
N ASN A 663 28.77 -33.02 -11.29
CA ASN A 663 28.56 -34.40 -10.85
CA ASN A 663 28.54 -34.39 -10.84
C ASN A 663 29.28 -34.65 -9.55
N ILE A 664 28.57 -35.24 -8.58
CA ILE A 664 29.17 -35.50 -7.27
C ILE A 664 29.27 -37.00 -7.05
N LYS A 665 30.49 -37.53 -7.12
CA LYS A 665 30.67 -38.97 -6.99
C LYS A 665 31.25 -39.32 -5.63
N ASN A 666 30.63 -40.28 -4.94
CA ASN A 666 31.21 -40.79 -3.72
C ASN A 666 32.40 -41.72 -4.09
N SER A 667 33.61 -41.26 -3.81
CA SER A 667 34.82 -41.99 -4.20
C SER A 667 35.37 -42.72 -2.99
N GLY A 668 34.62 -42.72 -1.89
CA GLY A 668 35.05 -43.37 -0.65
C GLY A 668 34.21 -44.60 -0.38
N LYS A 669 34.19 -45.04 0.87
CA LYS A 669 33.52 -46.29 1.23
C LYS A 669 32.30 -46.14 2.15
N THR A 670 31.92 -44.91 2.49
CA THR A 670 30.83 -44.65 3.43
C THR A 670 29.70 -43.89 2.75
N GLU A 671 28.48 -44.41 2.87
CA GLU A 671 27.34 -43.69 2.35
C GLU A 671 27.28 -42.38 3.12
N SER A 672 27.01 -41.30 2.41
CA SER A 672 26.98 -39.99 3.06
C SER A 672 26.14 -38.99 2.29
N PRO A 673 25.41 -38.11 3.01
CA PRO A 673 24.83 -36.96 2.34
C PRO A 673 25.94 -36.00 1.89
N TYR A 674 25.59 -35.00 1.07
CA TYR A 674 26.58 -34.05 0.57
C TYR A 674 26.01 -32.66 0.72
N THR A 675 26.84 -31.70 1.12
CA THR A 675 26.47 -30.29 1.08
C THR A 675 27.47 -29.49 0.26
N ALA A 676 27.01 -28.36 -0.26
CA ALA A 676 27.85 -27.46 -1.03
C ALA A 676 27.38 -26.04 -0.83
N MET A 677 28.37 -25.14 -0.76
CA MET A 677 28.17 -23.71 -0.90
C MET A 677 28.84 -23.34 -2.20
N LEU A 678 28.20 -22.46 -2.98
CA LEU A 678 28.75 -22.01 -4.26
C LEU A 678 29.02 -20.52 -4.16
N PHE A 679 30.27 -20.12 -4.43
CA PHE A 679 30.70 -18.73 -4.26
C PHE A 679 31.06 -18.15 -5.63
N VAL A 680 30.92 -16.84 -5.79
CA VAL A 680 31.33 -16.19 -7.04
C VAL A 680 32.36 -15.09 -6.66
N ARG A 681 33.27 -14.78 -7.59
CA ARG A 681 34.28 -13.74 -7.44
C ARG A 681 34.26 -12.91 -8.71
N THR A 682 34.64 -11.65 -8.60
CA THR A 682 35.01 -10.85 -9.77
C THR A 682 36.08 -9.85 -9.36
N SER A 683 37.01 -9.54 -10.27
CA SER A 683 37.99 -8.49 -9.98
CA SER A 683 37.99 -8.49 -9.98
C SER A 683 37.84 -7.32 -10.94
N ASN A 684 36.76 -7.29 -11.70
CA ASN A 684 36.56 -6.17 -12.62
C ASN A 684 35.12 -5.73 -12.86
N ALA A 685 34.13 -6.42 -12.30
CA ALA A 685 32.72 -6.07 -12.54
C ALA A 685 32.17 -5.24 -11.39
N GLY A 686 31.67 -4.03 -11.65
CA GLY A 686 31.17 -3.16 -10.60
C GLY A 686 32.25 -2.38 -9.87
N PRO A 687 31.89 -1.64 -8.81
CA PRO A 687 32.86 -0.75 -8.19
C PRO A 687 33.90 -1.50 -7.32
N ALA A 688 35.11 -0.95 -7.30
CA ALA A 688 36.15 -1.38 -6.37
C ALA A 688 35.86 -0.76 -4.98
N PRO A 689 36.25 -1.37 -3.86
CA PRO A 689 37.01 -2.63 -3.78
C PRO A 689 36.18 -3.84 -4.09
N TYR A 690 36.85 -4.91 -4.50
CA TYR A 690 36.18 -6.17 -4.85
C TYR A 690 36.21 -7.11 -3.67
N PRO A 691 35.08 -7.77 -3.40
CA PRO A 691 35.10 -8.72 -2.25
C PRO A 691 35.98 -9.94 -2.45
N ASN A 692 36.36 -10.62 -1.37
CA ASN A 692 36.94 -11.93 -1.48
C ASN A 692 36.14 -12.81 -2.45
N LYS A 693 34.84 -12.91 -2.19
CA LYS A 693 33.89 -13.76 -2.92
C LYS A 693 32.55 -13.53 -2.22
N TRP A 694 31.46 -14.00 -2.80
CA TRP A 694 30.20 -14.04 -2.04
C TRP A 694 29.36 -15.24 -2.40
N LEU A 695 28.60 -15.72 -1.42
CA LEU A 695 27.71 -16.88 -1.60
C LEU A 695 26.55 -16.54 -2.57
N VAL A 696 26.35 -17.41 -3.57
CA VAL A 696 25.26 -17.26 -4.54
C VAL A 696 24.35 -18.49 -4.62
N GLY A 697 24.71 -19.53 -3.86
CA GLY A 697 23.94 -20.77 -3.88
C GLY A 697 24.43 -21.80 -2.88
N PHE A 698 23.52 -22.68 -2.47
CA PHE A 698 23.86 -23.81 -1.61
C PHE A 698 22.87 -24.93 -1.85
N ASP A 699 23.26 -26.16 -1.53
CA ASP A 699 22.30 -27.25 -1.55
C ASP A 699 22.79 -28.40 -0.70
N ARG A 700 21.89 -29.36 -0.48
CA ARG A 700 22.21 -30.57 0.25
C ARG A 700 21.61 -31.71 -0.57
N LEU A 701 22.39 -32.76 -0.76
CA LEU A 701 21.95 -33.91 -1.56
C LEU A 701 21.77 -35.10 -0.65
N ALA A 702 20.78 -35.92 -0.98
CA ALA A 702 20.52 -37.14 -0.20
C ALA A 702 21.74 -38.06 -0.25
N ASP A 703 21.80 -38.99 0.71
CA ASP A 703 22.83 -40.03 0.79
C ASP A 703 23.29 -40.48 -0.57
N ILE A 704 24.59 -40.40 -0.79
CA ILE A 704 25.20 -40.91 -2.01
C ILE A 704 26.02 -42.13 -1.59
N LYS A 705 25.72 -43.28 -2.18
CA LYS A 705 26.43 -44.53 -1.87
C LYS A 705 27.82 -44.55 -2.50
N PRO A 706 28.74 -45.38 -1.93
CA PRO A 706 30.03 -45.58 -2.63
C PRO A 706 29.87 -45.92 -4.11
N GLY A 707 30.69 -45.28 -4.94
CA GLY A 707 30.64 -45.51 -6.38
C GLY A 707 29.50 -44.81 -7.09
N HIS A 708 28.53 -44.30 -6.33
CA HIS A 708 27.38 -43.65 -6.96
C HIS A 708 27.67 -42.16 -7.20
N SER A 709 26.87 -41.54 -8.07
CA SER A 709 26.90 -40.09 -8.31
C SER A 709 25.53 -39.45 -8.22
N SER A 710 25.51 -38.18 -7.83
CA SER A 710 24.32 -37.36 -7.91
C SER A 710 24.65 -36.04 -8.57
N LYS A 711 23.68 -35.48 -9.30
CA LYS A 711 23.84 -34.16 -9.93
C LYS A 711 23.59 -33.03 -8.90
N LEU A 712 24.57 -32.14 -8.72
CA LEU A 712 24.37 -30.90 -7.99
C LEU A 712 23.95 -29.84 -9.01
N SER A 713 22.80 -29.19 -8.78
CA SER A 713 22.24 -28.18 -9.68
C SER A 713 21.90 -26.92 -8.89
N ILE A 714 22.71 -25.89 -9.06
CA ILE A 714 22.54 -24.65 -8.32
C ILE A 714 22.29 -23.55 -9.32
N PRO A 715 21.03 -23.06 -9.38
CA PRO A 715 20.74 -21.96 -10.26
C PRO A 715 21.42 -20.72 -9.75
N ILE A 716 21.82 -19.85 -10.67
CA ILE A 716 22.44 -18.60 -10.30
CA ILE A 716 22.49 -18.59 -10.36
C ILE A 716 21.52 -17.44 -10.68
N PRO A 717 20.68 -17.02 -9.71
CA PRO A 717 19.70 -15.99 -10.06
C PRO A 717 20.32 -14.64 -10.32
N VAL A 718 19.64 -13.87 -11.16
CA VAL A 718 20.05 -12.51 -11.48
C VAL A 718 20.37 -11.75 -10.20
N SER A 719 19.50 -11.84 -9.21
CA SER A 719 19.68 -11.07 -7.99
C SER A 719 21.00 -11.39 -7.27
N ALA A 720 21.46 -12.64 -7.38
CA ALA A 720 22.68 -13.05 -6.70
C ALA A 720 23.93 -12.53 -7.38
N LEU A 721 23.84 -12.08 -8.64
CA LEU A 721 25.02 -11.55 -9.30
C LEU A 721 25.07 -10.02 -9.24
N ALA A 722 23.96 -9.39 -8.83
CA ALA A 722 23.99 -7.94 -8.72
C ALA A 722 24.99 -7.53 -7.65
N ARG A 723 25.67 -6.40 -7.87
CA ARG A 723 26.50 -5.79 -6.82
C ARG A 723 25.84 -4.47 -6.43
N VAL A 724 26.32 -3.84 -5.37
CA VAL A 724 25.68 -2.63 -4.88
C VAL A 724 26.60 -1.43 -5.07
N ASP A 725 26.10 -0.41 -5.75
CA ASP A 725 26.91 0.82 -5.91
C ASP A 725 26.94 1.73 -4.67
N SER A 726 27.65 2.85 -4.76
CA SER A 726 27.83 3.75 -3.61
C SER A 726 26.53 4.40 -3.20
N HIS A 727 25.49 4.29 -4.02
CA HIS A 727 24.19 4.87 -3.67
C HIS A 727 23.22 3.82 -3.12
N GLY A 728 23.64 2.56 -3.08
CA GLY A 728 22.77 1.48 -2.63
C GLY A 728 21.98 0.79 -3.75
N ASN A 729 22.11 1.28 -4.98
CA ASN A 729 21.42 0.64 -6.13
C ASN A 729 21.96 -0.76 -6.33
N ARG A 730 21.08 -1.70 -6.68
CA ARG A 730 21.51 -3.06 -7.03
CA ARG A 730 21.54 -3.05 -7.03
C ARG A 730 21.59 -3.18 -8.55
N ILE A 731 22.79 -3.44 -9.06
CA ILE A 731 23.06 -3.43 -10.50
C ILE A 731 23.85 -4.66 -10.89
N VAL A 732 23.49 -5.27 -12.03
CA VAL A 732 24.30 -6.34 -12.61
C VAL A 732 25.26 -5.71 -13.61
N TYR A 733 26.55 -5.87 -13.34
CA TYR A 733 27.61 -5.26 -14.11
C TYR A 733 28.26 -6.24 -15.07
N PRO A 734 28.59 -5.75 -16.28
CA PRO A 734 29.33 -6.56 -17.21
C PRO A 734 30.76 -6.78 -16.70
N GLY A 735 31.34 -7.90 -17.08
CA GLY A 735 32.71 -8.22 -16.70
C GLY A 735 32.93 -9.70 -16.50
N LYS A 736 34.04 -10.02 -15.84
CA LYS A 736 34.51 -11.40 -15.66
C LYS A 736 34.24 -11.89 -14.25
N TYR A 737 33.69 -13.10 -14.17
CA TYR A 737 33.31 -13.71 -12.89
C TYR A 737 33.85 -15.11 -12.84
N GLU A 738 33.99 -15.64 -11.64
CA GLU A 738 34.42 -17.00 -11.49
C GLU A 738 33.66 -17.62 -10.34
N LEU A 739 33.02 -18.76 -10.59
CA LEU A 739 32.37 -19.55 -9.53
C LEU A 739 33.36 -20.52 -8.89
N ALA A 740 33.26 -20.75 -7.58
CA ALA A 740 34.08 -21.76 -6.93
C ALA A 740 33.19 -22.59 -6.02
N LEU A 741 33.29 -23.92 -6.15
CA LEU A 741 32.47 -24.83 -5.36
C LEU A 741 33.17 -25.15 -4.05
N ASN A 742 32.56 -24.69 -2.95
CA ASN A 742 33.04 -24.92 -1.59
C ASN A 742 34.29 -24.19 -1.20
N THR A 743 34.59 -24.21 0.10
CA THR A 743 35.83 -23.64 0.59
C THR A 743 37.03 -24.38 -0.03
N ASP A 744 36.87 -25.65 -0.40
CA ASP A 744 37.98 -26.37 -0.99
C ASP A 744 38.11 -26.12 -2.51
N GLU A 745 37.17 -25.37 -3.07
CA GLU A 745 37.15 -25.00 -4.50
C GLU A 745 37.48 -26.16 -5.46
N SER A 746 36.74 -27.26 -5.32
CA SER A 746 36.99 -28.49 -6.06
C SER A 746 36.76 -28.29 -7.55
N VAL A 747 35.82 -27.40 -7.87
CA VAL A 747 35.48 -27.04 -9.23
C VAL A 747 35.44 -25.51 -9.32
N LYS A 748 35.97 -24.95 -10.40
CA LYS A 748 35.86 -23.52 -10.67
C LYS A 748 35.31 -23.32 -12.08
N LEU A 749 34.55 -22.25 -12.29
CA LEU A 749 33.97 -22.01 -13.60
C LEU A 749 33.93 -20.52 -13.88
N GLU A 750 34.71 -20.07 -14.85
CA GLU A 750 34.71 -18.65 -15.25
C GLU A 750 33.58 -18.40 -16.23
N PHE A 751 32.98 -17.21 -16.15
CA PHE A 751 31.97 -16.80 -17.13
C PHE A 751 32.06 -15.29 -17.29
N GLU A 752 31.51 -14.78 -18.38
CA GLU A 752 31.53 -13.34 -18.61
C GLU A 752 30.10 -12.80 -18.73
N LEU A 753 29.84 -11.69 -18.08
CA LEU A 753 28.61 -10.94 -18.36
C LEU A 753 28.89 -9.82 -19.35
N VAL A 754 28.10 -9.76 -20.40
CA VAL A 754 28.32 -8.77 -21.46
C VAL A 754 27.07 -7.90 -21.64
N GLY A 755 27.24 -6.77 -22.33
CA GLY A 755 26.16 -5.82 -22.53
C GLY A 755 26.23 -4.67 -21.55
N GLU A 756 25.14 -3.93 -21.44
CA GLU A 756 25.06 -2.79 -20.53
C GLU A 756 24.79 -3.23 -19.09
N GLU A 757 25.12 -2.35 -18.16
CA GLU A 757 24.67 -2.50 -16.77
C GLU A 757 23.14 -2.59 -16.72
N VAL A 758 22.61 -3.42 -15.85
CA VAL A 758 21.16 -3.51 -15.75
C VAL A 758 20.81 -3.17 -14.31
N THR A 759 19.86 -2.26 -14.12
CA THR A 759 19.38 -1.96 -12.77
C THR A 759 18.35 -2.98 -12.28
N ILE A 760 18.61 -3.56 -11.09
CA ILE A 760 17.71 -4.52 -10.45
C ILE A 760 16.87 -3.85 -9.39
N GLU A 761 17.51 -3.00 -8.59
CA GLU A 761 16.79 -2.18 -7.62
C GLU A 761 17.34 -0.76 -7.67
N ASN A 762 16.45 0.20 -7.86
CA ASN A 762 16.78 1.61 -7.61
C ASN A 762 16.60 1.90 -6.11
N TRP A 763 17.67 2.20 -5.42
CA TRP A 763 17.61 2.50 -3.98
C TRP A 763 17.08 3.91 -3.83
N PRO A 764 16.04 4.08 -2.99
CA PRO A 764 15.41 5.38 -2.91
C PRO A 764 16.26 6.34 -2.09
N LEU A 765 16.20 7.62 -2.44
CA LEU A 765 17.05 8.62 -1.82
C LEU A 765 16.54 8.96 -0.44
N GLU A 766 17.46 9.34 0.45
CA GLU A 766 17.13 9.95 1.73
C GLU A 766 16.48 8.96 2.70
N PCA B 1 3.03 15.28 -29.85
CA PCA B 1 4.07 14.32 -30.13
CB PCA B 1 3.76 13.12 -29.23
CG PCA B 1 2.55 13.48 -28.39
CD PCA B 1 2.20 14.88 -28.88
OE PCA B 1 1.28 15.53 -28.44
C PCA B 1 4.10 13.90 -31.58
O PCA B 1 5.17 13.67 -32.13
N ASN B 2 2.92 13.80 -32.19
CA ASN B 2 2.81 13.35 -33.57
C ASN B 2 2.54 14.52 -34.53
N ASN B 3 3.10 15.69 -34.23
CA ASN B 3 2.81 16.89 -35.00
C ASN B 3 3.54 16.90 -36.35
N GLN B 4 2.89 17.45 -37.38
CA GLN B 4 3.44 17.47 -38.75
C GLN B 4 4.16 18.77 -39.13
N THR B 5 3.83 19.83 -38.41
CA THR B 5 4.55 21.10 -38.46
C THR B 5 4.89 21.50 -37.01
N TYR B 6 5.77 22.48 -36.83
CA TYR B 6 6.18 22.90 -35.50
C TYR B 6 4.95 23.10 -34.61
N ALA B 7 4.96 22.47 -33.44
CA ALA B 7 3.86 22.62 -32.50
C ALA B 7 4.47 23.15 -31.21
N ASN B 8 4.00 24.32 -30.77
CA ASN B 8 4.46 24.83 -29.50
C ASN B 8 3.48 24.44 -28.40
N TYR B 9 3.81 23.41 -27.62
CA TYR B 9 2.86 22.88 -26.65
C TYR B 9 2.76 23.73 -25.40
N SER B 10 3.57 24.78 -25.28
CA SER B 10 3.37 25.75 -24.21
C SER B 10 2.15 26.63 -24.50
N ALA B 11 1.73 26.66 -25.76
CA ALA B 11 0.66 27.55 -26.20
C ALA B 11 -0.52 26.78 -26.74
N GLN B 12 -0.24 25.72 -27.50
CA GLN B 12 -1.29 24.95 -28.18
C GLN B 12 -2.10 24.13 -27.18
N GLY B 13 -3.42 24.28 -27.20
CA GLY B 13 -4.29 23.63 -26.23
C GLY B 13 -4.49 22.14 -26.41
N GLN B 14 -4.28 21.65 -27.63
CA GLN B 14 -4.52 20.24 -27.96
C GLN B 14 -3.19 19.56 -28.27
N PRO B 15 -2.98 18.33 -27.71
CA PRO B 15 -1.81 17.55 -28.14
C PRO B 15 -1.98 16.99 -29.56
N ASP B 16 -0.93 16.38 -30.10
CA ASP B 16 -1.05 15.70 -31.38
C ASP B 16 -0.76 14.25 -31.09
N LEU B 17 -1.81 13.47 -30.87
CA LEU B 17 -1.66 12.09 -30.45
C LEU B 17 -1.42 11.17 -31.65
N TYR B 18 -0.66 10.10 -31.44
CA TYR B 18 -0.45 9.04 -32.42
C TYR B 18 -1.73 8.27 -32.72
N PRO B 19 -1.89 7.77 -33.95
CA PRO B 19 -3.09 6.94 -34.26
C PRO B 19 -3.24 5.75 -33.30
N GLU B 20 -2.13 5.14 -32.89
CA GLU B 20 -2.18 4.01 -31.95
C GLU B 20 -2.92 4.35 -30.65
N THR B 21 -2.68 5.56 -30.12
CA THR B 21 -3.27 6.01 -28.87
C THR B 21 -4.79 6.17 -29.09
N LEU B 22 -5.15 6.69 -30.27
CA LEU B 22 -6.53 7.06 -30.58
C LEU B 22 -7.34 5.90 -31.18
N ALA B 23 -6.69 4.77 -31.39
CA ALA B 23 -7.32 3.62 -32.09
C ALA B 23 -8.60 3.10 -31.43
N THR B 24 -9.58 2.70 -32.22
CA THR B 24 -10.72 1.94 -31.71
C THR B 24 -10.43 0.44 -31.85
N LEU B 25 -10.22 -0.26 -30.73
CA LEU B 25 -9.89 -1.68 -30.79
C LEU B 25 -11.17 -2.53 -30.76
N THR B 26 -11.06 -3.79 -31.15
CA THR B 26 -12.11 -4.80 -30.90
C THR B 26 -11.62 -5.67 -29.76
N LEU B 27 -12.40 -5.71 -28.68
CA LEU B 27 -11.96 -6.41 -27.47
C LEU B 27 -12.60 -7.79 -27.38
N SER B 28 -12.07 -8.61 -26.48
CA SER B 28 -12.58 -9.98 -26.24
C SER B 28 -12.06 -10.43 -24.89
N PHE B 29 -12.34 -11.67 -24.50
CA PHE B 29 -11.93 -12.15 -23.18
C PHE B 29 -11.04 -13.37 -23.36
N PRO B 30 -10.01 -13.52 -22.51
CA PRO B 30 -9.23 -14.75 -22.63
C PRO B 30 -10.11 -15.96 -22.32
N ASP B 31 -9.76 -17.13 -22.87
CA ASP B 31 -10.54 -18.32 -22.59
C ASP B 31 -9.86 -19.06 -21.45
N CYS B 32 -10.37 -18.90 -20.23
CA CYS B 32 -9.66 -19.51 -19.10
C CYS B 32 -9.92 -21.00 -18.98
N GLU B 33 -10.95 -21.50 -19.67
CA GLU B 33 -11.25 -22.93 -19.63
C GLU B 33 -10.38 -23.73 -20.60
N HIS B 34 -10.10 -23.14 -21.76
CA HIS B 34 -9.58 -23.87 -22.90
C HIS B 34 -8.33 -23.30 -23.54
N GLY B 35 -8.05 -22.02 -23.30
CA GLY B 35 -6.95 -21.33 -23.98
C GLY B 35 -5.60 -21.61 -23.34
N PRO B 36 -4.53 -21.00 -23.90
CA PRO B 36 -3.16 -21.17 -23.39
C PRO B 36 -2.98 -20.85 -21.90
N LEU B 37 -3.84 -20.01 -21.33
CA LEU B 37 -3.68 -19.63 -19.92
C LEU B 37 -4.37 -20.60 -18.97
N LYS B 38 -5.05 -21.60 -19.51
CA LYS B 38 -5.93 -22.40 -18.65
C LYS B 38 -5.24 -23.08 -17.46
N ASN B 39 -3.94 -23.37 -17.58
CA ASN B 39 -3.25 -23.95 -16.44
C ASN B 39 -2.40 -22.97 -15.65
N ASN B 40 -2.44 -21.69 -16.04
CA ASN B 40 -1.76 -20.66 -15.25
C ASN B 40 -2.68 -20.24 -14.09
N LEU B 41 -2.09 -19.77 -12.98
CA LEU B 41 -2.90 -19.46 -11.81
C LEU B 41 -3.89 -18.35 -12.12
N VAL B 42 -3.60 -17.54 -13.15
CA VAL B 42 -4.52 -16.43 -13.48
C VAL B 42 -5.94 -16.96 -13.78
N CYS B 43 -6.02 -18.18 -14.31
CA CYS B 43 -7.31 -18.78 -14.67
C CYS B 43 -7.97 -19.60 -13.57
N ASP B 44 -7.42 -19.55 -12.37
CA ASP B 44 -7.98 -20.25 -11.22
C ASP B 44 -8.87 -19.28 -10.45
N SER B 45 -10.18 -19.40 -10.60
CA SER B 45 -11.11 -18.45 -9.95
C SER B 45 -11.10 -18.50 -8.43
N SER B 46 -10.47 -19.50 -7.85
CA SER B 46 -10.42 -19.64 -6.39
CA SER B 46 -10.42 -19.65 -6.39
C SER B 46 -9.17 -18.98 -5.81
N ALA B 47 -8.27 -18.54 -6.68
CA ALA B 47 -7.04 -17.92 -6.20
C ALA B 47 -7.28 -16.43 -5.89
N GLY B 48 -6.37 -15.83 -5.14
CA GLY B 48 -6.47 -14.40 -4.82
C GLY B 48 -6.15 -13.55 -6.03
N TYR B 49 -6.77 -12.36 -6.11
CA TYR B 49 -6.62 -11.54 -7.33
C TYR B 49 -5.16 -11.17 -7.63
N VAL B 50 -4.37 -10.92 -6.58
CA VAL B 50 -3.01 -10.46 -6.76
C VAL B 50 -2.11 -11.60 -7.26
N GLU B 51 -2.20 -12.75 -6.58
CA GLU B 51 -1.44 -13.92 -7.05
CA GLU B 51 -1.51 -13.98 -7.00
C GLU B 51 -1.85 -14.34 -8.45
N ARG B 52 -3.12 -14.20 -8.81
CA ARG B 52 -3.57 -14.43 -10.20
C ARG B 52 -2.85 -13.52 -11.20
N ALA B 53 -2.86 -12.20 -10.95
CA ALA B 53 -2.23 -11.26 -11.87
C ALA B 53 -0.71 -11.45 -11.93
N GLN B 54 -0.08 -11.75 -10.79
CA GLN B 54 1.36 -11.99 -10.75
C GLN B 54 1.74 -13.21 -11.61
N ALA B 55 0.93 -14.27 -11.53
CA ALA B 55 1.16 -15.46 -12.33
C ALA B 55 1.09 -15.23 -13.83
N LEU B 56 0.12 -14.43 -14.25
CA LEU B 56 0.03 -14.00 -15.66
C LEU B 56 1.25 -13.18 -16.09
N ILE B 57 1.62 -12.18 -15.30
CA ILE B 57 2.71 -11.30 -15.74
C ILE B 57 4.05 -12.00 -15.89
N SER B 58 4.28 -13.05 -15.09
CA SER B 58 5.49 -13.85 -15.17
C SER B 58 5.72 -14.46 -16.56
N LEU B 59 4.64 -14.60 -17.33
CA LEU B 59 4.68 -15.20 -18.67
C LEU B 59 5.12 -14.27 -19.79
N PHE B 60 5.16 -12.96 -19.53
CA PHE B 60 5.45 -11.95 -20.55
C PHE B 60 6.95 -11.86 -20.84
N THR B 61 7.29 -11.49 -22.07
CA THR B 61 8.64 -10.99 -22.35
C THR B 61 8.69 -9.54 -21.90
N LEU B 62 9.90 -9.00 -21.75
CA LEU B 62 10.03 -7.60 -21.39
C LEU B 62 9.35 -6.69 -22.42
N GLU B 63 9.49 -7.03 -23.71
CA GLU B 63 8.89 -6.20 -24.75
C GLU B 63 7.38 -6.21 -24.60
N GLU B 64 6.81 -7.37 -24.31
CA GLU B 64 5.36 -7.48 -24.11
C GLU B 64 4.91 -6.66 -22.93
N LEU B 65 5.67 -6.69 -21.84
CA LEU B 65 5.35 -5.87 -20.66
C LEU B 65 5.33 -4.41 -21.06
N ILE B 66 6.43 -3.97 -21.68
CA ILE B 66 6.56 -2.56 -22.08
C ILE B 66 5.43 -2.09 -23.01
N LEU B 67 5.13 -2.91 -24.01
CA LEU B 67 4.07 -2.60 -24.97
C LEU B 67 2.69 -2.54 -24.31
N ASN B 68 2.50 -3.31 -23.22
CA ASN B 68 1.25 -3.28 -22.46
C ASN B 68 1.18 -2.25 -21.32
N THR B 69 2.08 -1.26 -21.33
CA THR B 69 1.93 -0.12 -20.43
C THR B 69 1.22 1.06 -21.10
N GLN B 70 0.71 0.86 -22.31
CA GLN B 70 0.00 1.92 -23.05
C GLN B 70 -1.52 1.70 -22.94
N ASN B 71 -2.32 2.73 -23.13
CA ASN B 71 -3.77 2.56 -23.05
C ASN B 71 -4.30 1.56 -24.09
N SER B 72 -3.77 1.59 -25.32
CA SER B 72 -4.22 0.64 -26.36
C SER B 72 -3.31 -0.59 -26.29
N GLY B 73 -3.45 -1.38 -25.22
CA GLY B 73 -2.52 -2.48 -24.96
C GLY B 73 -2.74 -3.57 -26.00
N PRO B 74 -1.67 -4.06 -26.68
CA PRO B 74 -1.84 -5.14 -27.67
C PRO B 74 -2.15 -6.50 -27.07
N GLY B 75 -2.00 -6.64 -25.75
CA GLY B 75 -2.12 -7.95 -25.09
C GLY B 75 -0.95 -8.79 -25.54
N VAL B 76 -1.12 -10.11 -25.51
CA VAL B 76 -0.05 -11.04 -25.90
C VAL B 76 -0.71 -12.16 -26.71
N PRO B 77 -0.63 -12.08 -28.05
CA PRO B 77 -1.38 -13.01 -28.90
C PRO B 77 -1.04 -14.49 -28.64
N ARG B 78 0.24 -14.80 -28.44
CA ARG B 78 0.65 -16.19 -28.18
C ARG B 78 0.05 -16.78 -26.92
N LEU B 79 -0.37 -15.93 -25.98
CA LEU B 79 -0.95 -16.42 -24.75
C LEU B 79 -2.47 -16.43 -24.81
N GLY B 80 -3.06 -16.05 -25.94
CA GLY B 80 -4.51 -15.91 -26.02
C GLY B 80 -5.00 -14.76 -25.14
N LEU B 81 -4.13 -13.78 -24.91
CA LEU B 81 -4.47 -12.63 -24.08
C LEU B 81 -4.79 -11.47 -25.03
N PRO B 82 -6.08 -11.04 -25.11
CA PRO B 82 -6.50 -10.09 -26.15
C PRO B 82 -5.93 -8.69 -25.95
N ASN B 83 -5.96 -7.86 -26.99
CA ASN B 83 -5.71 -6.43 -26.78
C ASN B 83 -6.77 -5.88 -25.82
N TYR B 84 -6.39 -4.88 -25.04
CA TYR B 84 -7.29 -4.32 -24.05
C TYR B 84 -7.14 -2.80 -24.05
N GLN B 85 -8.27 -2.11 -24.10
CA GLN B 85 -8.28 -0.65 -24.13
C GLN B 85 -8.56 -0.06 -22.74
N VAL B 86 -7.60 0.72 -22.23
CA VAL B 86 -7.70 1.40 -20.92
C VAL B 86 -8.46 2.73 -21.06
N TRP B 87 -8.34 3.36 -22.23
CA TRP B 87 -9.01 4.64 -22.48
C TRP B 87 -10.46 4.45 -22.91
N ASN B 88 -11.36 4.59 -21.95
CA ASN B 88 -12.81 4.48 -22.21
C ASN B 88 -13.45 5.67 -21.49
N GLU B 89 -14.37 6.38 -22.14
CA GLU B 89 -14.99 7.56 -21.51
C GLU B 89 -16.42 7.25 -20.99
N ALA B 90 -16.80 7.85 -19.87
CA ALA B 90 -18.09 7.54 -19.27
C ALA B 90 -18.69 8.72 -18.52
N LEU B 91 -18.07 9.90 -18.67
CA LEU B 91 -18.43 11.12 -17.94
C LEU B 91 -19.93 11.25 -17.70
N HIS B 92 -20.71 11.18 -18.77
CA HIS B 92 -22.19 11.23 -18.67
C HIS B 92 -22.83 10.29 -19.67
N GLY B 93 -22.25 9.09 -19.80
CA GLY B 93 -22.70 8.12 -20.83
C GLY B 93 -21.47 7.53 -21.49
N LEU B 94 -21.64 6.36 -22.08
CA LEU B 94 -20.52 5.74 -22.78
C LEU B 94 -20.06 6.55 -23.97
N ASP B 95 -18.73 6.63 -24.13
CA ASP B 95 -18.12 7.29 -25.28
C ASP B 95 -16.77 6.62 -25.52
N ARG B 96 -16.32 6.68 -26.78
CA ARG B 96 -15.15 5.95 -27.26
C ARG B 96 -15.38 4.43 -27.25
N ALA B 97 -16.63 4.00 -27.13
CA ALA B 97 -16.98 2.62 -27.44
C ALA B 97 -16.82 2.35 -28.95
N ASN B 98 -16.72 1.08 -29.32
CA ASN B 98 -16.83 0.70 -30.72
C ASN B 98 -18.32 0.58 -31.06
N PHE B 99 -18.96 1.72 -31.31
CA PHE B 99 -20.40 1.69 -31.56
C PHE B 99 -20.68 1.02 -32.91
N ALA B 100 -21.76 0.24 -33.01
CA ALA B 100 -22.15 -0.36 -34.28
C ALA B 100 -22.76 0.74 -35.15
N THR B 101 -22.64 0.61 -36.48
CA THR B 101 -23.28 1.58 -37.36
C THR B 101 -24.52 1.00 -38.04
N LYS B 102 -24.78 -0.29 -37.84
CA LYS B 102 -26.05 -0.88 -38.22
C LYS B 102 -26.34 -2.18 -37.46
N GLY B 103 -27.51 -2.76 -37.70
CA GLY B 103 -27.89 -4.02 -37.06
C GLY B 103 -28.81 -3.81 -35.89
N GLY B 104 -28.89 -2.59 -35.40
CA GLY B 104 -29.87 -2.26 -34.35
C GLY B 104 -29.47 -2.64 -32.93
N GLN B 105 -28.24 -3.10 -32.76
CA GLN B 105 -27.70 -3.32 -31.43
C GLN B 105 -26.41 -2.51 -31.28
N PHE B 106 -26.21 -1.92 -30.10
CA PHE B 106 -24.94 -1.21 -29.79
C PHE B 106 -24.63 0.02 -30.69
N GLU B 107 -25.66 0.60 -31.29
CA GLU B 107 -25.44 1.78 -32.14
C GLU B 107 -25.44 3.05 -31.31
N TRP B 108 -25.92 2.93 -30.07
CA TRP B 108 -26.03 4.08 -29.16
C TRP B 108 -25.91 3.67 -27.70
N ALA B 109 -25.74 4.67 -26.82
CA ALA B 109 -25.87 4.48 -25.38
C ALA B 109 -26.62 5.66 -24.79
N THR B 110 -27.05 5.57 -23.54
CA THR B 110 -27.80 6.68 -22.94
C THR B 110 -26.92 7.92 -22.80
N SER B 111 -27.48 9.05 -23.20
CA SER B 111 -26.78 10.32 -23.06
C SER B 111 -27.42 11.08 -21.90
N PHE B 112 -26.73 11.10 -20.77
CA PHE B 112 -27.23 11.81 -19.59
C PHE B 112 -26.91 13.31 -19.71
N PRO B 113 -27.49 14.16 -18.84
CA PRO B 113 -27.11 15.58 -18.84
C PRO B 113 -25.63 15.67 -18.48
N MET B 114 -24.96 16.75 -18.88
CA MET B 114 -23.61 17.01 -18.37
C MET B 114 -23.62 17.04 -16.83
N PRO B 115 -22.52 16.60 -16.19
CA PRO B 115 -22.51 16.54 -14.71
C PRO B 115 -22.87 17.86 -14.04
N ILE B 116 -22.57 18.99 -14.67
CA ILE B 116 -22.87 20.29 -14.09
C ILE B 116 -24.39 20.45 -13.82
N LEU B 117 -25.22 19.98 -14.74
CA LEU B 117 -26.66 20.04 -14.56
C LEU B 117 -27.17 18.95 -13.61
N THR B 118 -26.71 17.72 -13.77
CA THR B 118 -27.09 16.66 -12.82
C THR B 118 -26.83 17.07 -11.35
N THR B 119 -25.69 17.72 -11.12
CA THR B 119 -25.30 18.06 -9.76
C THR B 119 -26.24 19.11 -9.15
N ALA B 120 -26.79 19.98 -10.01
CA ALA B 120 -27.73 21.02 -9.57
C ALA B 120 -29.02 20.48 -8.98
N ALA B 121 -29.37 19.23 -9.27
CA ALA B 121 -30.51 18.56 -8.64
C ALA B 121 -30.34 18.35 -7.13
N LEU B 122 -29.07 18.35 -6.68
CA LEU B 122 -28.74 18.17 -5.26
C LEU B 122 -29.33 16.86 -4.71
N ASN B 123 -29.32 15.86 -5.58
CA ASN B 123 -29.85 14.54 -5.32
C ASN B 123 -28.73 13.46 -5.46
N ARG B 124 -28.24 12.98 -4.32
CA ARG B 124 -27.16 11.98 -4.28
C ARG B 124 -27.60 10.66 -4.91
N THR B 125 -28.83 10.22 -4.61
CA THR B 125 -29.35 8.95 -5.16
C THR B 125 -29.35 8.97 -6.70
N LEU B 126 -29.70 10.14 -7.25
CA LEU B 126 -29.73 10.33 -8.68
C LEU B 126 -28.34 10.14 -9.28
N ILE B 127 -27.32 10.76 -8.68
CA ILE B 127 -25.95 10.62 -9.22
C ILE B 127 -25.55 9.14 -9.19
N HIS B 128 -25.85 8.49 -8.07
CA HIS B 128 -25.50 7.10 -7.91
C HIS B 128 -26.21 6.25 -8.95
N GLN B 129 -27.48 6.54 -9.22
CA GLN B 129 -28.23 5.70 -10.14
C GLN B 129 -27.74 5.90 -11.58
N ILE B 130 -27.41 7.14 -11.94
CA ILE B 130 -26.84 7.42 -13.24
C ILE B 130 -25.58 6.61 -13.45
N ALA B 131 -24.67 6.63 -12.47
CA ALA B 131 -23.42 5.87 -12.55
C ALA B 131 -23.69 4.35 -12.59
N ASP B 132 -24.69 3.90 -11.83
CA ASP B 132 -25.08 2.49 -11.91
C ASP B 132 -25.54 2.09 -13.31
N ILE B 133 -26.31 2.95 -13.98
CA ILE B 133 -26.78 2.68 -15.34
C ILE B 133 -25.60 2.70 -16.31
N ILE B 134 -24.73 3.72 -16.17
CA ILE B 134 -23.56 3.79 -17.04
C ILE B 134 -22.73 2.50 -16.97
N SER B 135 -22.48 2.02 -15.75
CA SER B 135 -21.67 0.81 -15.61
C SER B 135 -22.38 -0.45 -16.09
N THR B 136 -23.70 -0.49 -15.94
CA THR B 136 -24.47 -1.58 -16.58
C THR B 136 -24.30 -1.55 -18.10
N GLN B 137 -24.41 -0.36 -18.68
CA GLN B 137 -24.27 -0.27 -20.13
C GLN B 137 -22.83 -0.57 -20.58
N ALA B 138 -21.85 -0.10 -19.79
CA ALA B 138 -20.42 -0.41 -20.00
C ALA B 138 -20.18 -1.93 -20.07
N ARG B 139 -20.73 -2.64 -19.10
CA ARG B 139 -20.55 -4.11 -19.06
C ARG B 139 -21.27 -4.74 -20.26
N ALA B 140 -22.42 -4.21 -20.65
CA ALA B 140 -23.16 -4.78 -21.78
C ALA B 140 -22.34 -4.65 -23.07
N PHE B 141 -21.75 -3.47 -23.33
CA PHE B 141 -20.85 -3.25 -24.48
C PHE B 141 -19.59 -4.11 -24.41
N SER B 142 -19.01 -4.19 -23.21
CA SER B 142 -17.85 -5.02 -22.97
C SER B 142 -18.10 -6.49 -23.31
N ASN B 143 -19.27 -6.99 -22.93
CA ASN B 143 -19.60 -8.40 -23.21
C ASN B 143 -19.72 -8.68 -24.71
N SER B 144 -19.82 -7.63 -25.52
CA SER B 144 -19.76 -7.81 -26.99
C SER B 144 -18.51 -7.23 -27.64
N GLY B 145 -17.46 -7.04 -26.84
CA GLY B 145 -16.18 -6.57 -27.34
C GLY B 145 -16.07 -5.11 -27.74
N ARG B 146 -17.00 -4.27 -27.28
CA ARG B 146 -17.12 -2.90 -27.83
C ARG B 146 -16.78 -1.79 -26.80
N TYR B 147 -16.34 -2.20 -25.61
CA TYR B 147 -15.92 -1.25 -24.56
C TYR B 147 -15.02 -1.95 -23.55
N GLY B 148 -14.18 -1.19 -22.86
CA GLY B 148 -13.36 -1.75 -21.81
C GLY B 148 -14.08 -1.85 -20.47
N LEU B 149 -13.29 -1.87 -19.40
CA LEU B 149 -13.80 -2.20 -18.05
C LEU B 149 -13.30 -1.18 -17.02
N ASP B 150 -12.65 -0.12 -17.52
CA ASP B 150 -12.22 0.98 -16.68
C ASP B 150 -12.59 2.26 -17.44
N VAL B 151 -12.95 3.31 -16.70
CA VAL B 151 -13.39 4.53 -17.32
C VAL B 151 -12.66 5.79 -16.81
N TYR B 152 -12.34 6.69 -17.73
CA TYR B 152 -11.72 7.98 -17.37
C TYR B 152 -12.78 8.96 -16.83
N ALA B 153 -13.39 8.60 -15.71
CA ALA B 153 -14.41 9.45 -15.05
C ALA B 153 -14.44 9.08 -13.57
N PRO B 154 -14.85 9.98 -12.69
CA PRO B 154 -15.39 11.30 -13.03
C PRO B 154 -14.31 12.41 -13.06
N ASN B 155 -14.62 13.46 -13.80
CA ASN B 155 -13.90 14.74 -13.74
C ASN B 155 -14.37 15.51 -12.51
N VAL B 156 -13.47 15.69 -11.54
CA VAL B 156 -13.90 16.28 -10.29
C VAL B 156 -13.12 17.51 -9.90
N ASN B 157 -12.34 18.06 -10.82
CA ASN B 157 -11.65 19.29 -10.52
C ASN B 157 -12.67 20.38 -10.20
N GLY B 158 -12.37 21.21 -9.18
CA GLY B 158 -13.19 22.41 -8.92
C GLY B 158 -13.21 23.36 -10.11
N PHE B 159 -14.42 23.78 -10.50
CA PHE B 159 -14.66 24.76 -11.55
C PHE B 159 -14.36 26.11 -10.90
N ARG B 160 -13.07 26.43 -10.74
CA ARG B 160 -12.63 27.61 -9.97
C ARG B 160 -12.73 28.87 -10.80
N SER B 161 -12.05 28.90 -11.94
CA SER B 161 -12.14 30.02 -12.87
C SER B 161 -13.35 29.84 -13.76
N PRO B 162 -14.22 30.88 -13.85
CA PRO B 162 -15.51 30.67 -14.53
C PRO B 162 -15.40 30.52 -16.04
N LEU B 163 -14.22 30.79 -16.63
CA LEU B 163 -14.03 30.68 -18.09
C LEU B 163 -13.51 29.33 -18.57
N TRP B 164 -13.32 28.38 -17.63
CA TRP B 164 -12.71 27.11 -17.99
C TRP B 164 -13.56 26.40 -19.02
N GLY B 165 -12.95 25.97 -20.12
CA GLY B 165 -13.71 25.32 -21.21
C GLY B 165 -14.20 23.94 -20.82
N ARG B 166 -13.73 23.41 -19.68
CA ARG B 166 -14.22 22.07 -19.28
C ARG B 166 -14.93 22.05 -17.97
N GLY B 167 -15.23 23.20 -17.40
CA GLY B 167 -15.96 23.21 -16.15
C GLY B 167 -17.34 22.54 -16.27
N GLN B 168 -17.87 22.53 -17.48
CA GLN B 168 -19.15 21.87 -17.81
C GLN B 168 -19.17 20.38 -17.46
N GLU B 169 -17.99 19.78 -17.42
CA GLU B 169 -17.83 18.35 -17.16
C GLU B 169 -17.88 18.03 -15.66
N THR B 170 -17.94 19.07 -14.80
CA THR B 170 -17.69 18.90 -13.36
C THR B 170 -18.95 19.10 -12.52
N PRO B 171 -18.92 18.67 -11.25
CA PRO B 171 -20.02 18.97 -10.31
C PRO B 171 -19.93 20.35 -9.69
N GLY B 172 -19.15 21.26 -10.29
CA GLY B 172 -19.21 22.66 -9.89
C GLY B 172 -18.00 23.21 -9.16
N GLU B 173 -18.21 24.31 -8.44
CA GLU B 173 -17.05 25.03 -7.86
C GLU B 173 -16.71 24.67 -6.42
N ASP B 174 -17.57 23.90 -5.76
CA ASP B 174 -17.29 23.50 -4.36
C ASP B 174 -16.57 22.17 -4.30
N ALA B 175 -15.23 22.21 -4.40
CA ALA B 175 -14.43 20.99 -4.36
C ALA B 175 -14.64 20.18 -3.09
N PHE B 176 -14.76 20.86 -1.95
CA PHE B 176 -14.71 20.12 -0.69
C PHE B 176 -15.98 19.29 -0.44
N PHE B 177 -17.15 19.95 -0.50
CA PHE B 177 -18.36 19.23 -0.11
C PHE B 177 -19.16 18.73 -1.29
N LEU B 178 -19.59 19.64 -2.14
CA LEU B 178 -20.45 19.25 -3.26
C LEU B 178 -19.72 18.33 -4.24
N SER B 179 -18.51 18.70 -4.68
CA SER B 179 -17.80 17.87 -5.64
C SER B 179 -17.44 16.51 -5.07
N SER B 180 -17.12 16.46 -3.78
CA SER B 180 -16.73 15.20 -3.12
C SER B 180 -17.92 14.26 -2.94
N ALA B 181 -19.10 14.85 -2.78
CA ALA B 181 -20.34 14.06 -2.71
C ALA B 181 -20.62 13.42 -4.06
N TYR B 182 -20.49 14.21 -5.13
CA TYR B 182 -20.64 13.70 -6.51
C TYR B 182 -19.63 12.58 -6.74
N THR B 183 -18.36 12.86 -6.40
CA THR B 183 -17.29 11.90 -6.49
C THR B 183 -17.65 10.57 -5.83
N TYR B 184 -18.10 10.61 -4.60
CA TYR B 184 -18.44 9.37 -3.90
C TYR B 184 -19.59 8.62 -4.57
N GLU B 185 -20.69 9.33 -4.85
CA GLU B 185 -21.86 8.67 -5.47
C GLU B 185 -21.55 8.08 -6.84
N TYR B 186 -20.81 8.81 -7.67
CA TYR B 186 -20.53 8.39 -9.03
C TYR B 186 -19.54 7.19 -9.02
N ILE B 187 -18.48 7.31 -8.24
CA ILE B 187 -17.51 6.20 -8.20
C ILE B 187 -18.15 4.92 -7.61
N THR B 188 -18.91 5.03 -6.52
CA THR B 188 -19.53 3.81 -5.95
C THR B 188 -20.57 3.21 -6.91
N GLY B 189 -21.22 4.06 -7.69
CA GLY B 189 -22.15 3.54 -8.72
C GLY B 189 -21.43 2.88 -9.90
N ILE B 190 -20.32 3.48 -10.31
CA ILE B 190 -19.49 2.87 -11.37
C ILE B 190 -18.92 1.51 -10.91
N GLN B 191 -18.39 1.45 -9.70
CA GLN B 191 -17.63 0.27 -9.23
C GLN B 191 -18.50 -0.82 -8.60
N GLY B 192 -19.74 -0.46 -8.29
CA GLY B 192 -20.71 -1.40 -7.77
C GLY B 192 -20.61 -1.59 -6.27
N GLY B 193 -20.33 -0.50 -5.55
CA GLY B 193 -20.23 -0.57 -4.09
C GLY B 193 -18.98 0.15 -3.63
N VAL B 194 -18.54 -0.15 -2.41
CA VAL B 194 -17.28 0.39 -1.88
C VAL B 194 -16.21 -0.70 -1.90
N ASP B 195 -15.32 -0.63 -2.90
CA ASP B 195 -14.31 -1.65 -3.11
C ASP B 195 -14.86 -3.08 -2.99
N PRO B 196 -15.93 -3.39 -3.73
CA PRO B 196 -16.48 -4.74 -3.63
C PRO B 196 -15.48 -5.76 -4.21
N GLU B 197 -15.48 -7.00 -3.72
CA GLU B 197 -14.64 -8.03 -4.31
CA GLU B 197 -14.68 -8.06 -4.30
C GLU B 197 -14.92 -8.10 -5.82
N HIS B 198 -16.19 -8.15 -6.22
CA HIS B 198 -16.51 -8.17 -7.64
CA HIS B 198 -16.48 -8.18 -7.65
C HIS B 198 -16.71 -6.78 -8.19
N LEU B 199 -15.63 -6.15 -8.63
CA LEU B 199 -15.73 -4.80 -9.20
C LEU B 199 -16.59 -4.80 -10.46
N LYS B 200 -17.45 -3.78 -10.60
CA LYS B 200 -18.28 -3.66 -11.79
C LYS B 200 -17.50 -3.01 -12.91
N VAL B 201 -17.12 -1.74 -12.74
CA VAL B 201 -16.25 -1.04 -13.69
C VAL B 201 -15.27 -0.24 -12.81
N ALA B 202 -14.01 -0.16 -13.21
CA ALA B 202 -13.03 0.63 -12.46
C ALA B 202 -13.19 2.10 -12.81
N ALA B 203 -13.36 2.95 -11.81
CA ALA B 203 -13.37 4.38 -12.01
C ALA B 203 -11.94 4.95 -12.04
N THR B 204 -11.77 6.09 -12.71
CA THR B 204 -10.48 6.73 -12.77
C THR B 204 -10.73 8.19 -12.47
N VAL B 205 -10.70 8.54 -11.19
CA VAL B 205 -10.93 9.92 -10.79
C VAL B 205 -9.88 10.83 -11.43
N LYS B 206 -10.30 11.98 -11.96
CA LYS B 206 -9.38 12.86 -12.72
C LYS B 206 -9.75 14.33 -12.48
N HIS B 207 -8.83 15.29 -12.68
CA HIS B 207 -7.42 15.11 -13.03
C HIS B 207 -6.56 15.59 -11.87
N PHE B 208 -5.62 14.76 -11.44
CA PHE B 208 -4.91 14.98 -10.18
C PHE B 208 -3.55 15.60 -10.51
N ALA B 209 -3.26 16.85 -10.15
CA ALA B 209 -4.16 17.79 -9.47
C ALA B 209 -3.78 19.20 -9.96
N GLY B 210 -4.64 20.19 -9.70
CA GLY B 210 -4.30 21.59 -10.02
C GLY B 210 -4.68 21.97 -11.45
N TYR B 211 -5.44 21.10 -12.11
CA TYR B 211 -5.90 21.32 -13.49
C TYR B 211 -7.29 21.95 -13.49
N ASP B 212 -7.38 23.17 -14.01
CA ASP B 212 -8.70 23.80 -14.11
C ASP B 212 -8.75 24.94 -15.14
N LEU B 213 -7.83 24.89 -16.09
CA LEU B 213 -7.79 25.82 -17.22
C LEU B 213 -7.29 25.08 -18.45
N GLU B 214 -7.79 25.43 -19.64
CA GLU B 214 -7.30 24.82 -20.88
C GLU B 214 -6.12 25.57 -21.49
N ASN B 215 -6.25 26.88 -21.56
CA ASN B 215 -5.29 27.68 -22.33
C ASN B 215 -5.44 29.18 -22.06
N TRP B 216 -5.87 29.56 -20.86
CA TRP B 216 -6.08 30.97 -20.53
C TRP B 216 -4.77 31.76 -20.78
N ASN B 217 -4.88 32.96 -21.38
CA ASN B 217 -3.70 33.78 -21.71
C ASN B 217 -2.77 33.02 -22.69
N ASN B 218 -3.33 32.07 -23.43
CA ASN B 218 -2.58 31.34 -24.40
C ASN B 218 -1.47 30.51 -23.71
N GLN B 219 -1.66 30.16 -22.44
CA GLN B 219 -0.75 29.25 -21.72
CA GLN B 219 -0.76 29.26 -21.71
C GLN B 219 -1.43 27.90 -21.65
N SER B 220 -0.99 26.97 -22.49
CA SER B 220 -1.61 25.66 -22.60
C SER B 220 -1.52 24.85 -21.29
N ARG B 221 -2.57 24.09 -21.01
CA ARG B 221 -2.58 23.11 -19.93
C ARG B 221 -1.38 22.14 -20.01
N LEU B 222 -0.94 21.90 -21.25
CA LEU B 222 0.11 20.90 -21.52
C LEU B 222 1.45 21.30 -20.91
N GLY B 223 1.70 22.61 -20.78
CA GLY B 223 2.90 23.12 -20.12
C GLY B 223 2.67 24.02 -18.91
N PHE B 224 1.46 23.99 -18.36
CA PHE B 224 1.11 24.90 -17.26
C PHE B 224 1.82 24.50 -15.96
N ASP B 225 2.45 25.50 -15.33
CA ASP B 225 3.12 25.40 -14.01
C ASP B 225 2.30 26.10 -12.95
N ALA B 226 1.45 25.37 -12.25
CA ALA B 226 0.64 25.94 -11.18
C ALA B 226 1.50 26.21 -9.94
N ILE B 227 1.28 27.34 -9.29
CA ILE B 227 1.93 27.60 -7.98
C ILE B 227 0.80 27.58 -6.99
N ILE B 228 0.82 26.59 -6.10
CA ILE B 228 -0.30 26.38 -5.17
C ILE B 228 0.26 26.23 -3.76
N THR B 229 -0.30 26.98 -2.81
CA THR B 229 0.09 26.84 -1.39
C THR B 229 -0.30 25.46 -0.88
N GLN B 230 0.41 24.96 0.16
CA GLN B 230 0.04 23.67 0.74
C GLN B 230 -1.36 23.77 1.34
N GLN B 231 -1.69 24.94 1.90
CA GLN B 231 -3.03 25.18 2.40
C GLN B 231 -4.11 25.00 1.34
N ASP B 232 -3.93 25.60 0.16
CA ASP B 232 -4.95 25.49 -0.88
C ASP B 232 -4.97 24.09 -1.47
N LEU B 233 -3.79 23.44 -1.58
CA LEU B 233 -3.75 22.05 -2.06
C LEU B 233 -4.65 21.16 -1.22
N SER B 234 -4.51 21.30 0.10
CA SER B 234 -5.28 20.51 1.06
C SER B 234 -6.75 20.91 1.07
N GLU B 235 -6.98 22.23 0.99
CA GLU B 235 -8.30 22.76 1.19
C GLU B 235 -9.20 22.78 -0.06
N TYR B 236 -8.60 22.99 -1.23
CA TYR B 236 -9.41 23.16 -2.43
C TYR B 236 -9.06 22.21 -3.59
N TYR B 237 -7.77 21.94 -3.80
CA TYR B 237 -7.35 21.22 -5.00
C TYR B 237 -7.34 19.70 -4.83
N THR B 238 -7.40 19.21 -3.60
CA THR B 238 -7.36 17.77 -3.39
C THR B 238 -8.45 17.11 -2.49
N PRO B 239 -9.38 17.88 -1.88
CA PRO B 239 -10.26 17.12 -0.94
C PRO B 239 -11.14 16.05 -1.63
N GLN B 240 -11.47 16.31 -2.88
CA GLN B 240 -12.27 15.38 -3.70
C GLN B 240 -11.49 14.14 -4.04
N PHE B 241 -10.17 14.27 -4.11
CA PHE B 241 -9.31 13.10 -4.36
C PHE B 241 -9.10 12.30 -3.09
N LEU B 242 -9.03 12.98 -1.93
CA LEU B 242 -9.10 12.24 -0.65
C LEU B 242 -10.42 11.45 -0.60
N ALA B 243 -11.54 12.11 -0.93
CA ALA B 243 -12.85 11.43 -0.96
C ALA B 243 -12.86 10.23 -1.88
N ALA B 244 -12.29 10.39 -3.07
CA ALA B 244 -12.24 9.31 -4.07
C ALA B 244 -11.42 8.09 -3.56
N ALA B 245 -10.25 8.38 -3.00
CA ALA B 245 -9.33 7.33 -2.55
C ALA B 245 -9.79 6.66 -1.28
N ARG B 246 -10.16 7.48 -0.29
CA ARG B 246 -10.44 6.98 1.05
C ARG B 246 -11.85 6.41 1.20
N TYR B 247 -12.86 7.22 0.85
CA TYR B 247 -14.25 6.78 1.01
C TYR B 247 -14.79 5.94 -0.15
N ALA B 248 -14.54 6.37 -1.38
CA ALA B 248 -15.07 5.65 -2.53
C ALA B 248 -14.20 4.47 -2.97
N LYS B 249 -12.94 4.45 -2.52
CA LYS B 249 -11.95 3.44 -2.93
C LYS B 249 -11.86 3.26 -4.44
N SER B 250 -11.74 4.40 -5.14
CA SER B 250 -11.49 4.43 -6.58
C SER B 250 -10.33 3.50 -6.94
N ARG B 251 -10.52 2.67 -7.96
CA ARG B 251 -9.50 1.68 -8.35
C ARG B 251 -8.41 2.32 -9.17
N SER B 252 -8.75 3.43 -9.80
CA SER B 252 -7.79 4.16 -10.63
C SER B 252 -7.89 5.67 -10.41
N LEU B 253 -6.90 6.38 -10.92
CA LEU B 253 -6.84 7.84 -10.83
C LEU B 253 -5.98 8.30 -12.01
N MET B 254 -6.29 9.48 -12.55
CA MET B 254 -5.57 9.96 -13.69
C MET B 254 -4.74 11.18 -13.28
N CYS B 255 -3.44 11.18 -13.58
CA CYS B 255 -2.63 12.37 -13.22
C CYS B 255 -2.65 13.38 -14.36
N ALA B 256 -2.62 14.65 -14.00
CA ALA B 256 -2.85 15.79 -14.91
C ALA B 256 -1.63 16.20 -15.73
N TYR B 257 -1.84 16.94 -16.82
CA TYR B 257 -0.77 17.50 -17.65
C TYR B 257 0.13 18.47 -16.88
N ASN B 258 -0.46 19.26 -16.01
CA ASN B 258 0.27 20.39 -15.44
C ASN B 258 1.22 20.01 -14.32
N SER B 259 2.16 20.92 -14.06
CA SER B 259 3.06 20.80 -12.91
CA SER B 259 3.04 20.78 -12.91
C SER B 259 2.45 21.56 -11.75
N VAL B 260 2.78 21.15 -10.53
CA VAL B 260 2.40 21.88 -9.35
C VAL B 260 3.68 22.10 -8.55
N ASN B 261 3.98 23.36 -8.29
CA ASN B 261 5.18 23.75 -7.54
C ASN B 261 6.42 23.10 -8.14
N GLY B 262 6.44 23.12 -9.47
CA GLY B 262 7.61 22.78 -10.27
C GLY B 262 7.73 21.31 -10.69
N VAL B 263 6.81 20.46 -10.26
CA VAL B 263 6.88 19.05 -10.60
C VAL B 263 5.66 18.60 -11.43
N PRO B 264 5.85 18.03 -12.64
CA PRO B 264 4.70 17.50 -13.41
C PRO B 264 3.91 16.46 -12.60
N SER B 265 2.57 16.53 -12.65
CA SER B 265 1.73 15.67 -11.80
C SER B 265 2.02 14.18 -11.96
N CYS B 266 2.31 13.72 -13.18
CA CYS B 266 2.55 12.29 -13.42
C CYS B 266 3.95 11.87 -12.99
N ALA B 267 4.78 12.88 -12.67
CA ALA B 267 6.11 12.59 -12.17
C ALA B 267 6.24 13.04 -10.73
N ASN B 268 5.10 13.20 -10.04
CA ASN B 268 5.07 13.79 -8.72
C ASN B 268 4.79 12.73 -7.67
N SER B 269 5.84 12.17 -7.07
CA SER B 269 5.63 11.16 -6.02
C SER B 269 4.99 11.70 -4.73
N PHE B 270 5.16 12.99 -4.45
CA PHE B 270 4.42 13.59 -3.33
C PHE B 270 2.89 13.39 -3.53
N PHE B 271 2.42 13.64 -4.74
CA PHE B 271 1.02 13.45 -5.07
C PHE B 271 0.67 11.96 -5.13
N LEU B 272 1.42 11.21 -5.93
CA LEU B 272 1.01 9.84 -6.30
C LEU B 272 1.34 8.79 -5.27
N GLN B 273 2.27 9.12 -4.36
CA GLN B 273 2.66 8.17 -3.29
C GLN B 273 2.24 8.70 -1.93
N THR B 274 2.90 9.79 -1.52
CA THR B 274 2.78 10.32 -0.16
C THR B 274 1.32 10.68 0.18
N LEU B 275 0.67 11.42 -0.72
CA LEU B 275 -0.72 11.80 -0.52
C LEU B 275 -1.67 10.65 -0.86
N LEU B 276 -1.64 10.25 -2.11
CA LEU B 276 -2.62 9.32 -2.66
C LEU B 276 -2.64 7.97 -1.93
N ARG B 277 -1.46 7.38 -1.77
CA ARG B 277 -1.37 6.06 -1.17
C ARG B 277 -1.24 6.15 0.36
N GLU B 278 -0.31 6.95 0.84
CA GLU B 278 0.01 6.96 2.26
CA GLU B 278 0.01 6.96 2.26
C GLU B 278 -0.98 7.72 3.13
N SER B 279 -1.49 8.83 2.61
CA SER B 279 -2.41 9.64 3.39
C SER B 279 -3.85 9.21 3.23
N TRP B 280 -4.25 8.81 2.02
CA TRP B 280 -5.68 8.66 1.70
C TRP B 280 -6.15 7.25 1.50
N GLY B 281 -5.22 6.30 1.51
CA GLY B 281 -5.62 4.89 1.42
C GLY B 281 -6.08 4.39 0.05
N PHE B 282 -5.57 4.98 -1.03
CA PHE B 282 -5.82 4.47 -2.38
C PHE B 282 -5.47 2.96 -2.36
N PRO B 283 -6.34 2.12 -2.94
CA PRO B 283 -6.07 0.66 -2.91
C PRO B 283 -4.62 0.32 -3.30
N GLU B 284 -4.00 -0.60 -2.55
CA GLU B 284 -2.65 -1.07 -2.79
C GLU B 284 -2.43 -1.45 -4.26
N TRP B 285 -3.40 -2.16 -4.82
CA TRP B 285 -3.28 -2.59 -6.20
C TRP B 285 -4.15 -1.79 -7.15
N GLY B 286 -4.51 -0.56 -6.74
CA GLY B 286 -5.04 0.41 -7.69
C GLY B 286 -3.93 0.80 -8.66
N TYR B 287 -4.30 1.43 -9.77
CA TYR B 287 -3.28 1.89 -10.73
C TYR B 287 -3.56 3.32 -11.14
N VAL B 288 -2.51 4.00 -11.55
CA VAL B 288 -2.61 5.37 -12.02
C VAL B 288 -2.41 5.40 -13.52
N SER B 289 -3.32 6.07 -14.21
CA SER B 289 -3.14 6.39 -15.65
C SER B 289 -2.73 7.86 -15.83
N SER B 290 -1.85 8.13 -16.80
CA SER B 290 -1.59 9.49 -17.21
C SER B 290 -2.77 10.02 -18.04
N ASP B 291 -2.95 11.34 -18.08
CA ASP B 291 -3.76 11.96 -19.15
C ASP B 291 -3.06 11.72 -20.52
N CYS B 292 -3.76 12.02 -21.61
CA CYS B 292 -3.24 11.74 -22.97
C CYS B 292 -2.61 12.98 -23.61
N ASP B 293 -1.27 13.09 -23.70
CA ASP B 293 -0.25 12.18 -23.15
C ASP B 293 0.62 12.98 -22.20
N ALA B 294 0.21 13.00 -20.92
CA ALA B 294 0.93 13.79 -19.92
C ALA B 294 2.39 13.33 -19.68
N VAL B 295 2.68 12.04 -19.86
CA VAL B 295 4.07 11.59 -19.76
C VAL B 295 4.97 12.30 -20.80
N TYR B 296 4.47 12.38 -22.03
CA TYR B 296 5.20 13.10 -23.07
C TYR B 296 5.48 14.53 -22.63
N ASN B 297 4.47 15.17 -22.05
CA ASN B 297 4.60 16.58 -21.62
C ASN B 297 5.62 16.84 -20.50
N VAL B 298 5.91 15.82 -19.69
CA VAL B 298 7.04 15.89 -18.73
C VAL B 298 8.32 16.34 -19.48
N PHE B 299 8.50 15.84 -20.69
CA PHE B 299 9.62 16.22 -21.60
C PHE B 299 9.29 17.51 -22.36
N ASN B 300 8.23 17.44 -23.19
CA ASN B 300 7.88 18.51 -24.10
C ASN B 300 6.44 18.92 -23.80
N PRO B 301 6.21 20.08 -23.19
CA PRO B 301 7.16 21.19 -23.12
C PRO B 301 7.69 21.50 -21.72
N HIS B 302 7.34 20.71 -20.69
CA HIS B 302 7.73 21.08 -19.33
C HIS B 302 9.25 21.18 -19.17
N ASP B 303 10.00 20.41 -19.95
CA ASP B 303 11.48 20.33 -19.83
C ASP B 303 11.93 19.79 -18.47
N TYR B 304 11.02 19.11 -17.77
CA TYR B 304 11.39 18.50 -16.51
C TYR B 304 12.29 17.29 -16.75
N ALA B 305 12.05 16.57 -17.84
CA ALA B 305 12.95 15.53 -18.34
C ALA B 305 13.55 16.03 -19.66
N SER B 306 14.76 15.59 -19.98
CA SER B 306 15.44 16.08 -21.19
C SER B 306 15.16 15.26 -22.46
N ASN B 307 14.44 14.15 -22.31
CA ASN B 307 14.10 13.26 -23.43
C ASN B 307 12.96 12.34 -22.98
N GLN B 308 12.43 11.60 -23.94
CA GLN B 308 11.30 10.76 -23.66
C GLN B 308 11.59 9.58 -22.76
N SER B 309 12.79 8.99 -22.87
CA SER B 309 13.19 7.87 -22.01
CA SER B 309 13.10 7.85 -22.01
C SER B 309 13.17 8.27 -20.53
N SER B 310 13.73 9.45 -20.27
CA SER B 310 13.76 10.01 -18.93
C SER B 310 12.36 10.43 -18.42
N ALA B 311 11.52 10.99 -19.30
CA ALA B 311 10.13 11.32 -18.97
C ALA B 311 9.39 10.06 -18.51
N ALA B 312 9.55 8.98 -19.26
CA ALA B 312 8.90 7.71 -18.94
C ALA B 312 9.44 7.17 -17.62
N ALA B 313 10.76 7.20 -17.46
CA ALA B 313 11.37 6.67 -16.22
C ALA B 313 10.88 7.45 -14.99
N SER B 314 10.88 8.78 -15.07
CA SER B 314 10.46 9.61 -13.93
C SER B 314 9.00 9.41 -13.57
N SER B 315 8.16 9.30 -14.60
CA SER B 315 6.73 9.12 -14.38
C SER B 315 6.46 7.74 -13.76
N LEU B 316 7.11 6.70 -14.28
CA LEU B 316 6.91 5.35 -13.76
C LEU B 316 7.34 5.26 -12.28
N ARG B 317 8.53 5.76 -11.99
CA ARG B 317 9.06 5.71 -10.64
C ARG B 317 8.23 6.54 -9.67
N ALA B 318 7.57 7.60 -10.17
CA ALA B 318 6.79 8.46 -9.29
C ALA B 318 5.45 7.81 -8.91
N GLY B 319 4.99 6.87 -9.73
CA GLY B 319 3.72 6.21 -9.50
C GLY B 319 2.73 6.17 -10.65
N THR B 320 3.14 6.57 -11.86
CA THR B 320 2.25 6.47 -13.02
C THR B 320 2.41 5.08 -13.65
N ASP B 321 1.33 4.30 -13.70
CA ASP B 321 1.44 2.93 -14.18
C ASP B 321 1.18 2.74 -15.67
N ILE B 322 0.19 3.46 -16.20
CA ILE B 322 -0.25 3.30 -17.57
C ILE B 322 -0.19 4.64 -18.28
N ASP B 323 0.43 4.64 -19.45
CA ASP B 323 0.51 5.84 -20.26
C ASP B 323 -0.62 5.88 -21.27
N CYS B 324 -1.43 6.94 -21.21
CA CYS B 324 -2.35 7.24 -22.31
C CYS B 324 -1.52 7.94 -23.39
N GLY B 325 -0.90 7.15 -24.24
CA GLY B 325 0.03 7.67 -25.24
C GLY B 325 1.11 6.64 -25.51
N GLN B 326 2.12 7.07 -26.26
CA GLN B 326 3.14 6.17 -26.76
C GLN B 326 4.50 6.38 -26.12
N THR B 327 4.57 7.28 -25.15
CA THR B 327 5.84 7.58 -24.51
C THR B 327 6.38 6.34 -23.79
N TYR B 328 5.54 5.67 -22.99
CA TYR B 328 5.93 4.44 -22.31
C TYR B 328 6.28 3.30 -23.27
N PRO B 329 5.33 2.90 -24.17
CA PRO B 329 5.62 1.68 -24.93
C PRO B 329 6.80 1.83 -25.90
N TRP B 330 7.07 3.06 -26.33
CA TRP B 330 8.13 3.30 -27.30
C TRP B 330 9.43 3.80 -26.75
N HIS B 331 9.49 4.07 -25.44
CA HIS B 331 10.73 4.58 -24.84
CA HIS B 331 10.72 4.59 -24.84
C HIS B 331 11.13 3.93 -23.52
N LEU B 332 10.22 3.17 -22.88
CA LEU B 332 10.66 2.46 -21.64
C LEU B 332 11.73 1.40 -21.93
N ASN B 333 11.72 0.85 -23.15
CA ASN B 333 12.84 0.01 -23.61
C ASN B 333 14.20 0.71 -23.47
N GLU B 334 14.25 1.99 -23.82
CA GLU B 334 15.47 2.79 -23.64
C GLU B 334 15.74 3.10 -22.19
N SER B 335 14.69 3.33 -21.40
CA SER B 335 14.88 3.57 -19.96
C SER B 335 15.57 2.36 -19.33
N PHE B 336 15.16 1.16 -19.76
CA PHE B 336 15.67 -0.10 -19.23
C PHE B 336 17.15 -0.23 -19.62
N VAL B 337 17.42 -0.03 -20.89
CA VAL B 337 18.79 -0.12 -21.42
C VAL B 337 19.72 0.86 -20.69
N ALA B 338 19.20 2.05 -20.39
CA ALA B 338 19.96 3.10 -19.71
C ALA B 338 20.08 2.86 -18.21
N GLY B 339 19.43 1.82 -17.69
CA GLY B 339 19.46 1.54 -16.25
C GLY B 339 18.62 2.48 -15.40
N GLU B 340 17.76 3.28 -16.04
CA GLU B 340 16.92 4.22 -15.29
C GLU B 340 15.74 3.51 -14.59
N VAL B 341 15.30 2.39 -15.15
CA VAL B 341 14.23 1.58 -14.54
C VAL B 341 14.64 0.12 -14.50
N SER B 342 14.10 -0.61 -13.53
CA SER B 342 14.28 -2.05 -13.45
C SER B 342 13.08 -2.74 -14.11
N ARG B 343 13.23 -4.02 -14.44
CA ARG B 343 12.09 -4.77 -14.92
C ARG B 343 11.02 -4.89 -13.82
N GLY B 344 11.47 -4.96 -12.56
CA GLY B 344 10.54 -5.01 -11.43
C GLY B 344 9.59 -3.82 -11.42
N GLU B 345 10.11 -2.62 -11.71
CA GLU B 345 9.26 -1.44 -11.71
C GLU B 345 8.18 -1.53 -12.81
N ILE B 346 8.59 -1.96 -14.01
CA ILE B 346 7.67 -2.11 -15.11
C ILE B 346 6.63 -3.20 -14.79
N GLU B 347 7.10 -4.35 -14.30
CA GLU B 347 6.19 -5.43 -13.90
C GLU B 347 5.15 -4.99 -12.89
N ARG B 348 5.56 -4.17 -11.94
CA ARG B 348 4.60 -3.74 -10.92
C ARG B 348 3.41 -2.99 -11.56
N SER B 349 3.72 -2.15 -12.54
CA SER B 349 2.69 -1.37 -13.20
C SER B 349 1.71 -2.22 -14.00
N VAL B 350 2.23 -3.17 -14.79
CA VAL B 350 1.37 -4.05 -15.59
C VAL B 350 0.59 -4.97 -14.63
N THR B 351 1.24 -5.39 -13.54
CA THR B 351 0.55 -6.22 -12.53
C THR B 351 -0.63 -5.49 -11.90
N ARG B 352 -0.46 -4.20 -11.63
CA ARG B 352 -1.52 -3.40 -11.03
C ARG B 352 -2.74 -3.38 -11.98
N LEU B 353 -2.51 -3.10 -13.26
CA LEU B 353 -3.62 -3.14 -14.22
C LEU B 353 -4.29 -4.50 -14.21
N TYR B 354 -3.50 -5.56 -14.33
CA TYR B 354 -4.13 -6.87 -14.44
C TYR B 354 -4.81 -7.34 -13.14
N ALA B 355 -4.30 -6.88 -11.99
CA ALA B 355 -4.95 -7.18 -10.69
C ALA B 355 -6.38 -6.62 -10.70
N ASN B 356 -6.57 -5.46 -11.29
CA ASN B 356 -7.92 -4.90 -11.44
C ASN B 356 -8.75 -5.65 -12.46
N LEU B 357 -8.17 -6.03 -13.60
CA LEU B 357 -8.92 -6.87 -14.57
C LEU B 357 -9.37 -8.21 -13.94
N VAL B 358 -8.50 -8.84 -13.15
CA VAL B 358 -8.95 -10.04 -12.39
C VAL B 358 -10.21 -9.74 -11.55
N ARG B 359 -10.13 -8.68 -10.73
CA ARG B 359 -11.25 -8.29 -9.87
C ARG B 359 -12.53 -7.99 -10.67
N LEU B 360 -12.34 -7.44 -11.87
CA LEU B 360 -13.44 -7.11 -12.78
C LEU B 360 -14.04 -8.32 -13.50
N GLY B 361 -13.45 -9.50 -13.33
CA GLY B 361 -14.03 -10.71 -13.93
C GLY B 361 -13.60 -10.92 -15.37
N TYR B 362 -12.48 -10.33 -15.74
CA TYR B 362 -11.93 -10.42 -17.09
C TYR B 362 -11.53 -11.88 -17.42
N PHE B 363 -11.21 -12.65 -16.38
CA PHE B 363 -10.81 -14.04 -16.54
C PHE B 363 -11.88 -15.03 -16.10
N ASP B 364 -13.02 -14.54 -15.62
CA ASP B 364 -14.05 -15.43 -15.07
C ASP B 364 -15.36 -15.36 -15.85
N LYS B 365 -15.55 -16.28 -16.79
CA LYS B 365 -16.74 -16.21 -17.62
C LYS B 365 -18.07 -16.32 -16.84
N LYS B 366 -18.05 -16.90 -15.65
CA LYS B 366 -19.27 -17.00 -14.82
C LYS B 366 -19.47 -15.80 -13.91
N ASN B 367 -18.58 -14.83 -14.02
CA ASN B 367 -18.71 -13.58 -13.25
C ASN B 367 -20.10 -12.94 -13.49
N GLN B 368 -20.67 -12.38 -12.44
CA GLN B 368 -22.06 -11.87 -12.42
C GLN B 368 -22.34 -10.78 -13.46
N TYR B 369 -21.30 -10.13 -13.95
CA TYR B 369 -21.46 -9.03 -14.91
C TYR B 369 -21.15 -9.43 -16.34
N ARG B 370 -20.73 -10.69 -16.51
CA ARG B 370 -20.32 -11.19 -17.83
C ARG B 370 -21.48 -11.61 -18.73
N SER B 371 -22.72 -11.46 -18.25
CA SER B 371 -23.91 -11.85 -19.03
CA SER B 371 -23.91 -11.86 -19.02
C SER B 371 -24.77 -10.67 -19.47
N LEU B 372 -24.51 -9.48 -18.91
CA LEU B 372 -25.19 -8.26 -19.35
C LEU B 372 -25.06 -8.07 -20.86
N GLY B 373 -26.17 -7.68 -21.51
CA GLY B 373 -26.15 -7.54 -22.96
C GLY B 373 -27.02 -6.39 -23.42
N TRP B 374 -27.27 -6.36 -24.73
CA TRP B 374 -27.99 -5.25 -25.35
C TRP B 374 -29.33 -4.94 -24.68
N LYS B 375 -30.09 -5.98 -24.32
CA LYS B 375 -31.39 -5.80 -23.67
C LYS B 375 -31.29 -5.00 -22.36
N ASP B 376 -30.12 -5.05 -21.71
CA ASP B 376 -29.92 -4.32 -20.45
C ASP B 376 -29.70 -2.83 -20.74
N VAL B 377 -29.16 -2.54 -21.92
CA VAL B 377 -28.99 -1.13 -22.34
C VAL B 377 -30.37 -0.54 -22.64
N VAL B 378 -31.17 -1.29 -23.40
CA VAL B 378 -32.50 -0.86 -23.76
C VAL B 378 -33.35 -0.65 -22.51
N LYS B 379 -33.28 -1.59 -21.56
CA LYS B 379 -34.05 -1.53 -20.35
C LYS B 379 -33.65 -0.33 -19.49
N THR B 380 -32.35 -0.15 -19.25
CA THR B 380 -31.93 0.92 -18.34
C THR B 380 -32.14 2.28 -18.99
N ASP B 381 -31.97 2.34 -20.31
CA ASP B 381 -32.25 3.57 -21.04
C ASP B 381 -33.73 3.99 -20.95
N ALA B 382 -34.62 3.00 -21.01
CA ALA B 382 -36.07 3.21 -20.95
C ALA B 382 -36.59 3.71 -19.58
N TRP B 383 -35.77 3.58 -18.54
CA TRP B 383 -36.08 4.13 -17.24
C TRP B 383 -36.16 5.66 -17.28
N ASN B 384 -35.52 6.23 -18.30
CA ASN B 384 -35.51 7.67 -18.57
C ASN B 384 -34.92 8.46 -17.39
N ILE B 385 -33.85 7.92 -16.84
CA ILE B 385 -33.12 8.63 -15.80
C ILE B 385 -32.36 9.81 -16.39
N SER B 386 -32.06 9.78 -17.68
CA SER B 386 -31.49 10.97 -18.30
C SER B 386 -32.49 12.14 -18.23
N TYR B 387 -33.71 11.91 -18.74
CA TYR B 387 -34.81 12.90 -18.56
C TYR B 387 -34.97 13.35 -17.10
N GLU B 388 -35.01 12.40 -16.17
CA GLU B 388 -35.25 12.69 -14.76
C GLU B 388 -34.16 13.62 -14.20
N ALA B 389 -32.91 13.35 -14.55
CA ALA B 389 -31.78 14.19 -14.09
C ALA B 389 -31.90 15.63 -14.55
N ALA B 390 -32.25 15.79 -15.83
CA ALA B 390 -32.42 17.11 -16.41
C ALA B 390 -33.54 17.86 -15.75
N VAL B 391 -34.68 17.20 -15.57
CA VAL B 391 -35.83 17.84 -14.99
C VAL B 391 -35.65 18.19 -13.50
N GLU B 392 -34.84 17.41 -12.77
CA GLU B 392 -34.48 17.77 -11.39
C GLU B 392 -33.45 18.87 -11.30
N GLY B 393 -32.59 18.99 -12.30
CA GLY B 393 -31.41 19.87 -12.18
C GLY B 393 -31.64 21.28 -12.71
N ILE B 394 -32.60 21.45 -13.61
CA ILE B 394 -32.92 22.78 -14.19
C ILE B 394 -33.17 23.82 -13.09
N VAL B 395 -32.59 25.00 -13.24
CA VAL B 395 -32.59 26.01 -12.20
C VAL B 395 -33.42 27.21 -12.65
N LEU B 396 -34.42 27.57 -11.86
CA LEU B 396 -35.21 28.77 -12.12
C LEU B 396 -34.55 29.91 -11.35
N LEU B 397 -34.07 30.92 -12.06
CA LEU B 397 -33.34 32.03 -11.41
C LEU B 397 -34.19 33.28 -11.16
N LYS B 398 -35.14 33.54 -12.06
CA LYS B 398 -36.00 34.73 -11.97
C LYS B 398 -37.39 34.34 -12.43
N ASN B 399 -38.42 34.86 -11.77
CA ASN B 399 -39.80 34.59 -12.18
C ASN B 399 -40.77 35.50 -11.44
N ASP B 400 -41.74 36.03 -12.18
CA ASP B 400 -42.82 36.81 -11.61
C ASP B 400 -44.18 36.10 -11.69
N GLY B 401 -44.18 34.79 -11.90
CA GLY B 401 -45.45 34.06 -12.06
C GLY B 401 -45.78 33.73 -13.51
N THR B 402 -45.02 34.28 -14.46
CA THR B 402 -45.16 33.94 -15.87
C THR B 402 -44.97 32.43 -16.10
N LEU B 403 -44.04 31.85 -15.35
CA LEU B 403 -43.87 30.40 -15.33
C LEU B 403 -44.57 29.86 -14.08
N PRO B 404 -45.26 28.72 -14.19
CA PRO B 404 -45.33 27.93 -15.42
C PRO B 404 -46.29 28.59 -16.40
N LEU B 405 -46.12 28.33 -17.69
CA LEU B 405 -46.91 29.00 -18.73
C LEU B 405 -48.40 28.69 -18.52
N SER B 406 -49.25 29.72 -18.48
CA SER B 406 -50.68 29.48 -18.24
C SER B 406 -51.31 28.80 -19.44
N LYS B 407 -52.47 28.18 -19.20
CA LYS B 407 -53.25 27.54 -20.26
C LYS B 407 -53.72 28.52 -21.36
N LYS B 408 -53.70 29.81 -21.06
CA LYS B 408 -53.94 30.85 -22.06
C LYS B 408 -52.77 31.07 -23.03
N VAL B 409 -51.57 30.61 -22.66
CA VAL B 409 -50.47 30.58 -23.60
C VAL B 409 -50.72 29.45 -24.60
N ARG B 410 -51.25 29.79 -25.77
CA ARG B 410 -51.53 28.79 -26.79
C ARG B 410 -50.50 28.75 -27.90
N SER B 411 -49.92 29.89 -28.21
CA SER B 411 -48.87 29.97 -29.23
C SER B 411 -47.59 30.54 -28.61
N ILE B 412 -46.44 30.12 -29.10
CA ILE B 412 -45.15 30.63 -28.59
C ILE B 412 -44.24 31.03 -29.74
N ALA B 413 -43.51 32.13 -29.51
CA ALA B 413 -42.42 32.48 -30.40
C ALA B 413 -41.20 31.83 -29.78
N LEU B 414 -40.69 30.79 -30.43
CA LEU B 414 -39.54 30.04 -29.92
C LEU B 414 -38.33 30.52 -30.70
N ILE B 415 -37.47 31.26 -30.01
CA ILE B 415 -36.39 31.98 -30.64
C ILE B 415 -35.06 31.52 -30.05
N GLY B 416 -34.03 31.47 -30.89
CA GLY B 416 -32.68 31.43 -30.35
C GLY B 416 -31.81 30.32 -30.87
N PRO B 417 -30.49 30.42 -30.64
CA PRO B 417 -29.53 29.47 -31.13
C PRO B 417 -29.55 28.10 -30.42
N TRP B 418 -30.31 27.98 -29.33
CA TRP B 418 -30.56 26.68 -28.66
C TRP B 418 -31.99 26.17 -28.88
N ALA B 419 -32.80 26.92 -29.65
CA ALA B 419 -34.21 26.56 -29.77
C ALA B 419 -34.42 25.21 -30.45
N ASN B 420 -33.58 24.88 -31.44
CA ASN B 420 -33.65 23.62 -32.16
C ASN B 420 -32.52 22.66 -31.74
N ALA B 421 -32.05 22.78 -30.49
CA ALA B 421 -30.88 22.05 -30.05
C ALA B 421 -31.08 20.53 -30.08
N THR B 422 -30.14 19.84 -30.71
CA THR B 422 -30.07 18.37 -30.59
C THR B 422 -28.71 17.99 -29.99
N THR B 423 -27.67 17.99 -30.81
CA THR B 423 -26.35 17.60 -30.32
C THR B 423 -25.79 18.62 -29.33
N GLN B 424 -26.26 19.86 -29.39
CA GLN B 424 -25.85 20.88 -28.40
C GLN B 424 -26.17 20.38 -27.01
N MET B 425 -27.28 19.65 -26.85
CA MET B 425 -27.74 19.19 -25.51
C MET B 425 -26.81 18.15 -24.89
N GLN B 426 -25.94 17.57 -25.70
CA GLN B 426 -25.06 16.48 -25.26
C GLN B 426 -23.71 16.98 -24.70
N GLY B 427 -23.43 18.28 -24.80
CA GLY B 427 -22.16 18.82 -24.23
C GLY B 427 -20.94 18.28 -24.95
N ASN B 428 -20.03 17.64 -24.21
CA ASN B 428 -18.91 16.95 -24.84
C ASN B 428 -18.84 15.52 -24.33
N TYR B 429 -17.83 14.79 -24.81
CA TYR B 429 -17.60 13.41 -24.39
C TYR B 429 -18.85 12.56 -24.54
N TYR B 430 -19.53 12.71 -25.66
CA TYR B 430 -20.75 11.93 -25.88
C TYR B 430 -20.65 10.97 -27.06
N GLY B 431 -21.28 9.80 -26.92
CA GLY B 431 -21.51 8.91 -28.05
C GLY B 431 -22.88 9.13 -28.68
N PRO B 432 -23.21 8.36 -29.72
CA PRO B 432 -24.55 8.42 -30.30
C PRO B 432 -25.64 8.13 -29.27
N ALA B 433 -26.73 8.89 -29.32
CA ALA B 433 -27.87 8.74 -28.39
C ALA B 433 -28.98 7.95 -29.10
N PRO B 434 -29.91 7.33 -28.35
CA PRO B 434 -31.06 6.65 -28.99
C PRO B 434 -31.95 7.63 -29.78
N TYR B 435 -31.95 8.89 -29.36
CA TYR B 435 -32.78 9.96 -29.95
C TYR B 435 -32.28 11.26 -29.32
N LEU B 436 -32.60 12.40 -29.93
CA LEU B 436 -32.34 13.69 -29.30
C LEU B 436 -33.62 14.52 -29.44
N ILE B 437 -34.32 14.82 -28.33
CA ILE B 437 -35.59 15.56 -28.44
C ILE B 437 -35.35 17.05 -28.21
N SER B 438 -35.44 17.84 -29.29
CA SER B 438 -35.13 19.28 -29.25
C SER B 438 -36.19 20.02 -28.47
N PRO B 439 -35.86 21.24 -27.99
CA PRO B 439 -36.90 22.06 -27.36
C PRO B 439 -38.05 22.35 -28.37
N LEU B 440 -37.70 22.56 -29.64
CA LEU B 440 -38.70 22.74 -30.70
C LEU B 440 -39.64 21.54 -30.79
N GLU B 441 -39.07 20.33 -30.94
CA GLU B 441 -39.90 19.15 -31.04
C GLU B 441 -40.75 18.97 -29.79
N ALA B 442 -40.16 19.18 -28.63
CA ALA B 442 -40.89 19.04 -27.37
C ALA B 442 -42.08 20.01 -27.21
N ALA B 443 -41.90 21.27 -27.61
CA ALA B 443 -42.94 22.29 -27.43
C ALA B 443 -44.16 21.94 -28.30
N LYS B 444 -43.88 21.41 -29.50
CA LYS B 444 -44.93 20.99 -30.42
C LYS B 444 -45.66 19.77 -29.89
N LYS B 445 -44.91 18.85 -29.26
CA LYS B 445 -45.51 17.68 -28.62
C LYS B 445 -46.28 18.03 -27.36
N ALA B 446 -45.91 19.14 -26.73
CA ALA B 446 -46.62 19.63 -25.54
C ALA B 446 -47.93 20.32 -25.90
N GLY B 447 -48.21 20.45 -27.18
CA GLY B 447 -49.45 21.07 -27.65
C GLY B 447 -49.38 22.54 -28.01
N TYR B 448 -48.21 23.18 -27.88
CA TYR B 448 -48.07 24.62 -28.25
C TYR B 448 -48.03 24.77 -29.74
N HIS B 449 -48.63 25.82 -30.27
CA HIS B 449 -48.36 26.19 -31.64
C HIS B 449 -47.06 27.00 -31.64
N VAL B 450 -46.08 26.54 -32.41
CA VAL B 450 -44.74 27.13 -32.33
C VAL B 450 -44.38 27.96 -33.55
N ASN B 451 -44.08 29.23 -33.31
CA ASN B 451 -43.52 30.11 -34.33
C ASN B 451 -42.02 30.19 -34.09
N PHE B 452 -41.25 29.42 -34.85
CA PHE B 452 -39.79 29.28 -34.62
C PHE B 452 -38.96 30.20 -35.52
N GLU B 453 -38.02 30.94 -34.93
CA GLU B 453 -37.01 31.67 -35.71
C GLU B 453 -35.66 31.57 -34.96
N LEU B 454 -34.58 31.30 -35.69
CA LEU B 454 -33.23 31.33 -35.11
C LEU B 454 -32.92 32.65 -34.41
N GLY B 455 -33.17 33.76 -35.10
CA GLY B 455 -32.96 35.06 -34.51
C GLY B 455 -31.52 35.50 -34.64
N THR B 456 -30.62 34.74 -34.03
CA THR B 456 -29.17 35.00 -34.13
C THR B 456 -28.37 33.73 -33.76
N GLU B 457 -27.13 33.62 -34.24
CA GLU B 457 -26.25 32.49 -33.94
C GLU B 457 -25.73 32.63 -32.52
N ILE B 458 -25.20 31.54 -31.95
CA ILE B 458 -24.70 31.56 -30.57
CA ILE B 458 -24.65 31.54 -30.58
C ILE B 458 -23.71 32.72 -30.37
N ALA B 459 -22.83 32.94 -31.34
CA ALA B 459 -21.87 34.04 -31.30
C ALA B 459 -22.14 34.98 -32.47
N GLY B 460 -23.41 35.17 -32.78
CA GLY B 460 -23.81 35.97 -33.95
C GLY B 460 -23.45 37.43 -33.80
N ASN B 461 -23.01 38.04 -34.91
CA ASN B 461 -22.78 39.50 -34.92
C ASN B 461 -23.59 40.24 -35.99
N SER B 462 -24.61 39.57 -36.51
CA SER B 462 -25.52 40.19 -37.48
C SER B 462 -26.90 40.38 -36.87
N THR B 463 -27.56 41.49 -37.21
CA THR B 463 -28.93 41.71 -36.76
C THR B 463 -29.96 41.28 -37.82
N THR B 464 -29.47 40.74 -38.94
CA THR B 464 -30.33 40.42 -40.08
CA THR B 464 -30.33 40.42 -40.08
C THR B 464 -31.47 39.46 -39.73
N GLY B 465 -31.23 38.57 -38.78
CA GLY B 465 -32.27 37.63 -38.33
C GLY B 465 -33.23 38.20 -37.31
N PHE B 466 -32.98 39.41 -36.80
CA PHE B 466 -33.83 39.97 -35.72
C PHE B 466 -35.25 40.23 -36.19
N ALA B 467 -35.40 40.84 -37.38
CA ALA B 467 -36.73 41.18 -37.90
C ALA B 467 -37.73 40.01 -37.83
N LYS B 468 -37.35 38.87 -38.38
CA LYS B 468 -38.22 37.71 -38.34
C LYS B 468 -38.54 37.25 -36.94
N ALA B 469 -37.54 37.23 -36.04
CA ALA B 469 -37.78 36.85 -34.66
C ALA B 469 -38.76 37.81 -33.97
N ILE B 470 -38.58 39.12 -34.18
CA ILE B 470 -39.50 40.08 -33.60
C ILE B 470 -40.92 39.93 -34.20
N ALA B 471 -40.98 39.66 -35.50
CA ALA B 471 -42.28 39.40 -36.17
C ALA B 471 -42.98 38.16 -35.60
N ALA B 472 -42.22 37.07 -35.38
CA ALA B 472 -42.81 35.89 -34.73
C ALA B 472 -43.32 36.24 -33.33
N ALA B 473 -42.55 37.02 -32.59
CA ALA B 473 -42.92 37.42 -31.25
C ALA B 473 -44.25 38.21 -31.24
N LYS B 474 -44.36 39.13 -32.20
CA LYS B 474 -45.55 40.00 -32.29
C LYS B 474 -46.85 39.20 -32.51
N LYS B 475 -46.75 38.05 -33.17
CA LYS B 475 -47.93 37.23 -33.41
C LYS B 475 -48.10 36.00 -32.49
N SER B 476 -47.32 35.90 -31.41
CA SER B 476 -47.48 34.80 -30.44
C SER B 476 -47.95 35.28 -29.06
N ASP B 477 -48.44 34.33 -28.24
CA ASP B 477 -48.89 34.62 -26.89
C ASP B 477 -47.74 34.85 -25.91
N ALA B 478 -46.62 34.19 -26.16
CA ALA B 478 -45.42 34.34 -25.30
C ALA B 478 -44.16 34.06 -26.07
N ILE B 479 -43.04 34.57 -25.58
CA ILE B 479 -41.76 34.41 -26.24
C ILE B 479 -40.91 33.56 -25.31
N ILE B 480 -40.32 32.51 -25.86
CA ILE B 480 -39.40 31.65 -25.10
C ILE B 480 -38.14 31.71 -25.91
N TYR B 481 -37.13 32.37 -25.35
CA TYR B 481 -35.84 32.51 -26.00
C TYR B 481 -34.89 31.47 -25.39
N LEU B 482 -34.22 30.71 -26.26
CA LEU B 482 -33.22 29.73 -25.81
C LEU B 482 -31.89 30.10 -26.39
N GLY B 483 -30.95 30.42 -25.51
CA GLY B 483 -29.61 30.77 -25.96
C GLY B 483 -28.62 30.49 -24.88
N GLY B 484 -27.52 31.24 -24.91
CA GLY B 484 -26.47 31.11 -23.90
C GLY B 484 -25.20 30.66 -24.59
N ILE B 485 -24.56 29.63 -24.05
CA ILE B 485 -23.32 29.14 -24.62
C ILE B 485 -23.45 27.67 -24.99
N ASP B 486 -22.51 27.20 -25.79
CA ASP B 486 -22.44 25.78 -26.11
C ASP B 486 -20.99 25.38 -26.36
N ASN B 487 -20.75 24.19 -26.94
CA ASN B 487 -19.37 23.74 -27.15
C ASN B 487 -18.61 24.40 -28.30
N THR B 488 -19.24 25.36 -29.00
CA THR B 488 -18.46 26.23 -29.88
C THR B 488 -17.84 27.39 -29.09
N ILE B 489 -18.31 27.59 -27.86
CA ILE B 489 -17.85 28.69 -27.02
C ILE B 489 -16.93 28.22 -25.91
N GLU B 490 -17.33 27.19 -25.17
CA GLU B 490 -16.52 26.56 -24.12
C GLU B 490 -16.25 25.12 -24.53
N GLN B 491 -14.97 24.76 -24.66
CA GLN B 491 -14.63 23.38 -25.02
C GLN B 491 -13.25 22.99 -24.50
N GLU B 492 -12.98 21.68 -24.51
CA GLU B 492 -11.65 21.20 -24.22
C GLU B 492 -10.64 21.84 -25.19
N GLY B 493 -9.52 22.27 -24.65
CA GLY B 493 -8.43 22.87 -25.44
C GLY B 493 -8.59 24.37 -25.69
N ALA B 494 -9.76 24.92 -25.39
CA ALA B 494 -10.02 26.33 -25.71
C ALA B 494 -10.99 26.90 -24.70
N ASP B 495 -10.42 27.57 -23.69
CA ASP B 495 -11.24 28.27 -22.68
C ASP B 495 -12.04 29.40 -23.33
N ARG B 496 -13.09 29.84 -22.67
CA ARG B 496 -13.69 31.14 -22.97
C ARG B 496 -12.68 32.26 -22.69
N THR B 497 -12.77 33.34 -23.47
CA THR B 497 -11.98 34.54 -23.14
C THR B 497 -12.77 35.59 -22.37
N ASP B 498 -14.09 35.44 -22.33
CA ASP B 498 -14.93 36.30 -21.50
CA ASP B 498 -14.95 36.31 -21.55
C ASP B 498 -16.12 35.51 -20.99
N ILE B 499 -16.82 36.06 -19.99
CA ILE B 499 -17.95 35.35 -19.38
C ILE B 499 -19.27 36.15 -19.54
N ALA B 500 -19.30 36.99 -20.58
CA ALA B 500 -20.51 37.70 -21.00
C ALA B 500 -21.27 36.79 -21.92
N TRP B 501 -22.57 37.07 -22.13
CA TRP B 501 -23.31 36.39 -23.19
C TRP B 501 -22.56 36.61 -24.51
N PRO B 502 -22.43 35.57 -25.32
CA PRO B 502 -21.71 35.74 -26.60
C PRO B 502 -22.54 36.43 -27.70
N GLY B 503 -21.84 36.91 -28.74
CA GLY B 503 -22.50 37.56 -29.88
C GLY B 503 -23.37 38.73 -29.46
N ASN B 504 -24.54 38.83 -30.10
CA ASN B 504 -25.48 39.90 -29.86
C ASN B 504 -26.78 39.32 -29.32
N GLN B 505 -26.68 38.13 -28.73
CA GLN B 505 -27.82 37.49 -28.13
C GLN B 505 -28.57 38.43 -27.19
N LEU B 506 -27.86 39.12 -26.30
CA LEU B 506 -28.50 40.04 -25.37
C LEU B 506 -29.25 41.20 -26.05
N ASP B 507 -28.74 41.63 -27.19
CA ASP B 507 -29.42 42.69 -27.94
C ASP B 507 -30.71 42.22 -28.57
N LEU B 508 -30.73 40.98 -29.03
CA LEU B 508 -31.96 40.37 -29.50
C LEU B 508 -32.98 40.27 -28.36
N ILE B 509 -32.54 39.75 -27.21
CA ILE B 509 -33.38 39.58 -26.04
C ILE B 509 -33.95 40.96 -25.66
N LYS B 510 -33.11 41.99 -25.67
CA LYS B 510 -33.56 43.36 -25.40
C LYS B 510 -34.69 43.80 -26.35
N GLN B 511 -34.48 43.61 -27.65
CA GLN B 511 -35.50 43.95 -28.66
C GLN B 511 -36.76 43.08 -28.51
N LEU B 512 -36.58 41.81 -28.13
CA LEU B 512 -37.76 40.96 -27.84
C LEU B 512 -38.56 41.46 -26.62
N SER B 513 -37.88 42.04 -25.64
CA SER B 513 -38.54 42.54 -24.44
C SER B 513 -39.32 43.85 -24.71
N GLU B 514 -39.11 44.42 -25.90
CA GLU B 514 -39.76 45.70 -26.29
C GLU B 514 -41.08 45.42 -27.00
N VAL B 515 -41.29 44.17 -27.45
CA VAL B 515 -42.49 43.77 -28.19
C VAL B 515 -43.81 43.87 -27.39
N GLY B 516 -43.74 43.76 -26.06
CA GLY B 516 -44.94 43.81 -25.19
C GLY B 516 -45.51 42.47 -24.75
N LYS B 517 -44.83 41.37 -25.08
CA LYS B 517 -45.32 40.02 -24.79
C LYS B 517 -44.56 39.39 -23.60
N PRO B 518 -45.21 38.45 -22.86
CA PRO B 518 -44.45 37.73 -21.81
C PRO B 518 -43.16 37.16 -22.38
N LEU B 519 -42.06 37.25 -21.63
CA LEU B 519 -40.77 36.82 -22.15
C LEU B 519 -40.02 35.96 -21.14
N VAL B 520 -39.70 34.75 -21.59
CA VAL B 520 -38.93 33.76 -20.80
C VAL B 520 -37.60 33.50 -21.49
N VAL B 521 -36.52 33.64 -20.73
CA VAL B 521 -35.19 33.45 -21.26
C VAL B 521 -34.57 32.18 -20.65
N LEU B 522 -34.10 31.27 -21.51
CA LEU B 522 -33.41 30.07 -21.06
C LEU B 522 -31.94 30.23 -21.37
N GLN B 523 -31.12 30.29 -20.31
CA GLN B 523 -29.67 30.45 -20.43
C GLN B 523 -29.05 29.05 -20.34
N MET B 524 -28.54 28.57 -21.47
CA MET B 524 -28.03 27.19 -21.58
C MET B 524 -26.50 27.19 -21.54
N GLY B 525 -25.91 26.03 -21.32
CA GLY B 525 -24.44 25.92 -21.28
C GLY B 525 -23.96 25.56 -19.88
N GLY B 526 -22.66 25.34 -19.74
CA GLY B 526 -22.14 24.76 -18.51
C GLY B 526 -21.67 25.89 -17.62
N GLY B 527 -20.71 26.66 -18.12
CA GLY B 527 -20.32 27.90 -17.47
C GLY B 527 -21.48 28.88 -17.42
N GLN B 528 -21.39 29.86 -16.54
CA GLN B 528 -22.36 30.93 -16.44
C GLN B 528 -22.00 32.09 -17.38
N VAL B 529 -23.02 32.80 -17.83
CA VAL B 529 -22.81 34.06 -18.54
C VAL B 529 -23.46 35.18 -17.73
N ASP B 530 -23.01 36.42 -17.91
CA ASP B 530 -23.43 37.51 -17.05
C ASP B 530 -24.82 38.00 -17.50
N SER B 531 -25.84 37.57 -16.76
CA SER B 531 -27.23 37.95 -17.04
C SER B 531 -27.74 39.12 -16.20
N SER B 532 -26.83 39.99 -15.71
CA SER B 532 -27.26 41.14 -14.91
C SER B 532 -28.28 42.02 -15.65
N SER B 533 -28.15 42.17 -16.94
CA SER B 533 -29.11 43.03 -17.65
C SER B 533 -30.48 42.36 -17.79
N LEU B 534 -30.51 41.04 -17.64
CA LEU B 534 -31.78 40.33 -17.65
C LEU B 534 -32.45 40.38 -16.29
N LYS B 535 -31.62 40.26 -15.25
CA LYS B 535 -32.04 40.38 -13.86
C LYS B 535 -32.71 41.74 -13.62
N SER B 536 -32.15 42.79 -14.21
CA SER B 536 -32.62 44.16 -13.94
C SER B 536 -33.73 44.63 -14.87
N ASN B 537 -34.04 43.86 -15.91
CA ASN B 537 -35.05 44.21 -16.92
C ASN B 537 -36.40 43.58 -16.55
N LYS B 538 -37.29 44.42 -16.04
CA LYS B 538 -38.61 43.99 -15.63
C LYS B 538 -39.43 43.39 -16.78
N LYS B 539 -39.05 43.66 -18.02
CA LYS B 539 -39.72 43.01 -19.16
C LYS B 539 -39.19 41.62 -19.49
N VAL B 540 -38.17 41.18 -18.74
CA VAL B 540 -37.75 39.80 -18.81
C VAL B 540 -38.46 39.15 -17.64
N ASN B 541 -39.52 38.42 -17.95
CA ASN B 541 -40.38 37.89 -16.90
C ASN B 541 -39.73 36.76 -16.12
N SER B 542 -39.02 35.90 -16.84
CA SER B 542 -38.45 34.69 -16.24
C SER B 542 -37.07 34.36 -16.83
N LEU B 543 -36.21 33.79 -15.99
CA LEU B 543 -34.90 33.37 -16.40
C LEU B 543 -34.63 32.01 -15.80
N VAL B 544 -34.25 31.08 -16.67
CA VAL B 544 -33.99 29.69 -16.33
C VAL B 544 -32.58 29.33 -16.80
N TRP B 545 -31.81 28.64 -15.94
CA TRP B 545 -30.56 28.04 -16.36
C TRP B 545 -30.78 26.56 -16.70
N GLY B 546 -30.53 26.17 -17.94
CA GLY B 546 -30.81 24.78 -18.31
C GLY B 546 -29.63 23.87 -18.56
N GLY B 547 -28.41 24.32 -18.26
CA GLY B 547 -27.18 23.55 -18.52
C GLY B 547 -27.03 22.88 -19.90
N TYR B 548 -26.65 21.59 -19.87
CA TYR B 548 -26.62 20.68 -21.04
C TYR B 548 -27.54 19.50 -20.69
N PRO B 549 -28.80 19.53 -21.17
CA PRO B 549 -29.81 18.64 -20.59
C PRO B 549 -29.93 17.18 -21.11
N GLY B 550 -29.07 16.75 -22.04
CA GLY B 550 -29.05 15.33 -22.48
C GLY B 550 -30.12 14.98 -23.52
N GLN B 551 -30.29 13.68 -23.77
CA GLN B 551 -31.06 13.19 -24.92
C GLN B 551 -32.52 13.61 -24.91
N SER B 552 -33.08 13.80 -23.71
CA SER B 552 -34.50 14.16 -23.54
C SER B 552 -34.64 15.62 -23.14
N GLY B 553 -33.59 16.41 -23.40
CA GLY B 553 -33.50 17.79 -22.91
C GLY B 553 -34.72 18.67 -23.21
N GLY B 554 -35.18 18.62 -24.45
CA GLY B 554 -36.33 19.41 -24.88
C GLY B 554 -37.57 19.13 -24.04
N VAL B 555 -37.79 17.85 -23.71
CA VAL B 555 -38.97 17.45 -22.91
C VAL B 555 -38.81 17.83 -21.45
N ALA B 556 -37.61 17.65 -20.89
CA ALA B 556 -37.38 18.13 -19.52
C ALA B 556 -37.66 19.63 -19.42
N LEU B 557 -37.12 20.38 -20.35
CA LEU B 557 -37.30 21.83 -20.38
C LEU B 557 -38.79 22.23 -20.49
N PHE B 558 -39.50 21.65 -21.45
CA PHE B 558 -40.91 22.03 -21.60
C PHE B 558 -41.83 21.49 -20.52
N ASP B 559 -41.48 20.34 -19.92
CA ASP B 559 -42.23 19.89 -18.74
C ASP B 559 -42.09 20.87 -17.61
N ILE B 560 -40.90 21.44 -17.41
CA ILE B 560 -40.73 22.54 -16.44
C ILE B 560 -41.52 23.80 -16.87
N LEU B 561 -41.34 24.23 -18.12
CA LEU B 561 -41.99 25.48 -18.56
C LEU B 561 -43.51 25.39 -18.48
N SER B 562 -44.05 24.22 -18.81
CA SER B 562 -45.48 23.99 -18.88
C SER B 562 -46.08 23.69 -17.51
N GLY B 563 -45.23 23.41 -16.53
CA GLY B 563 -45.67 23.11 -15.16
C GLY B 563 -46.03 21.65 -14.91
N LYS B 564 -45.82 20.80 -15.90
CA LYS B 564 -45.97 19.35 -15.73
C LYS B 564 -44.99 18.83 -14.65
N ARG B 565 -43.80 19.45 -14.60
CA ARG B 565 -42.91 19.28 -13.46
C ARG B 565 -42.51 20.67 -12.91
N ALA B 566 -42.17 20.70 -11.63
CA ALA B 566 -41.79 21.93 -10.96
C ALA B 566 -40.28 21.95 -10.64
N PRO B 567 -39.62 23.09 -10.91
CA PRO B 567 -38.15 23.21 -10.76
C PRO B 567 -37.68 23.24 -9.30
N ALA B 568 -36.49 22.68 -9.06
CA ALA B 568 -35.90 22.78 -7.73
C ALA B 568 -34.37 22.80 -7.80
N GLY B 569 -33.84 22.94 -9.00
CA GLY B 569 -32.38 22.99 -9.17
C GLY B 569 -31.79 24.24 -8.51
N ARG B 570 -30.51 24.16 -8.14
CA ARG B 570 -29.78 25.33 -7.64
C ARG B 570 -28.42 25.41 -8.34
N LEU B 571 -27.92 26.63 -8.61
CA LEU B 571 -26.62 26.77 -9.29
C LEU B 571 -25.49 26.13 -8.48
N VAL B 572 -24.58 25.47 -9.17
CA VAL B 572 -23.44 24.80 -8.51
C VAL B 572 -22.14 25.55 -8.83
N THR B 573 -22.27 26.71 -9.46
CA THR B 573 -21.17 27.66 -9.50
C THR B 573 -21.75 29.06 -9.41
N THR B 574 -20.85 30.02 -9.18
CA THR B 574 -21.19 31.44 -9.11
C THR B 574 -21.34 32.03 -10.51
N GLN B 575 -22.40 32.79 -10.74
CA GLN B 575 -22.51 33.60 -11.93
C GLN B 575 -21.87 34.96 -11.65
N TYR B 576 -20.65 35.16 -12.16
CA TYR B 576 -19.86 36.36 -11.89
C TYR B 576 -20.22 37.50 -12.84
N PRO B 577 -20.06 38.76 -12.38
CA PRO B 577 -20.13 39.85 -13.35
C PRO B 577 -19.00 39.71 -14.35
N ALA B 578 -19.25 40.14 -15.59
CA ALA B 578 -18.30 39.96 -16.67
C ALA B 578 -16.90 40.45 -16.36
N GLU B 579 -16.79 41.53 -15.60
CA GLU B 579 -15.47 42.13 -15.39
C GLU B 579 -14.54 41.29 -14.51
N TYR B 580 -15.10 40.34 -13.78
CA TYR B 580 -14.34 39.46 -12.87
C TYR B 580 -13.10 38.89 -13.53
N VAL B 581 -13.24 38.41 -14.77
CA VAL B 581 -12.11 37.77 -15.46
C VAL B 581 -11.08 38.75 -16.00
N HIS B 582 -11.38 40.03 -15.98
CA HIS B 582 -10.39 41.07 -16.29
C HIS B 582 -9.58 41.49 -15.07
N GLN B 583 -10.05 41.16 -13.88
CA GLN B 583 -9.51 41.81 -12.67
C GLN B 583 -8.19 41.28 -12.17
N PHE B 584 -7.93 40.00 -12.43
CA PHE B 584 -6.74 39.34 -11.92
C PHE B 584 -6.40 38.16 -12.85
N PRO B 585 -5.16 37.63 -12.80
CA PRO B 585 -4.83 36.52 -13.70
C PRO B 585 -5.64 35.29 -13.35
N GLN B 586 -6.24 34.67 -14.33
CA GLN B 586 -7.10 33.51 -14.04
C GLN B 586 -6.30 32.28 -13.62
N ASN B 587 -4.99 32.35 -13.79
CA ASN B 587 -4.10 31.28 -13.34
C ASN B 587 -3.38 31.60 -12.03
N ASP B 588 -3.89 32.61 -11.33
CA ASP B 588 -3.53 32.84 -9.92
C ASP B 588 -4.36 31.81 -9.17
N MET B 589 -3.69 30.84 -8.56
CA MET B 589 -4.35 29.65 -7.99
C MET B 589 -4.77 29.88 -6.53
N ASN B 590 -4.41 31.04 -5.98
CA ASN B 590 -4.77 31.40 -4.61
C ASN B 590 -6.25 31.75 -4.48
N LEU B 591 -6.97 31.00 -3.64
CA LEU B 591 -8.42 31.20 -3.48
C LEU B 591 -8.71 32.49 -2.73
N ARG B 592 -7.86 32.80 -1.74
CA ARG B 592 -8.12 33.93 -0.82
C ARG B 592 -7.96 35.29 -1.47
N PRO B 593 -8.79 36.28 -1.04
CA PRO B 593 -8.55 37.67 -1.49
C PRO B 593 -7.19 38.15 -1.01
N ASP B 594 -6.52 39.01 -1.78
CA ASP B 594 -5.18 39.48 -1.36
C ASP B 594 -5.09 40.98 -1.12
N GLY B 595 -6.21 41.69 -1.26
CA GLY B 595 -6.23 43.16 -1.09
C GLY B 595 -5.52 43.88 -2.24
N LYS B 596 -5.23 43.15 -3.31
CA LYS B 596 -4.63 43.77 -4.49
C LYS B 596 -5.59 43.49 -5.64
N SER B 597 -5.19 42.61 -6.55
CA SER B 597 -6.04 42.33 -7.70
C SER B 597 -6.97 41.13 -7.52
N ASN B 598 -6.57 40.18 -6.68
CA ASN B 598 -7.40 38.98 -6.42
C ASN B 598 -8.52 39.30 -5.41
N PRO B 599 -9.77 39.25 -5.85
CA PRO B 599 -10.88 39.58 -4.97
C PRO B 599 -11.35 38.38 -4.17
N GLY B 600 -10.66 37.26 -4.29
CA GLY B 600 -11.12 36.00 -3.69
C GLY B 600 -11.91 35.25 -4.76
N GLN B 601 -11.83 33.93 -4.71
CA GLN B 601 -12.42 33.08 -5.76
C GLN B 601 -13.40 32.06 -5.18
N THR B 602 -14.43 31.72 -5.96
CA THR B 602 -15.60 30.92 -5.57
C THR B 602 -16.44 31.63 -4.53
N TYR B 603 -17.64 31.11 -4.28
CA TYR B 603 -18.53 31.66 -3.26
C TYR B 603 -17.86 31.68 -1.85
N ILE B 604 -16.85 30.84 -1.64
CA ILE B 604 -16.24 30.75 -0.32
C ILE B 604 -15.44 32.02 0.00
N TRP B 605 -14.78 32.59 -1.00
CA TRP B 605 -13.82 33.66 -0.78
C TRP B 605 -14.15 34.96 -1.51
N TYR B 606 -14.95 34.91 -2.55
CA TYR B 606 -15.19 36.10 -3.39
C TYR B 606 -15.78 37.27 -2.61
N THR B 607 -15.16 38.43 -2.75
CA THR B 607 -15.60 39.65 -2.05
C THR B 607 -16.42 40.63 -2.90
N GLY B 608 -16.60 40.31 -4.19
CA GLY B 608 -17.44 41.12 -5.11
C GLY B 608 -18.90 40.69 -5.00
N LYS B 609 -19.71 41.14 -5.95
CA LYS B 609 -21.13 40.82 -5.91
CA LYS B 609 -21.15 40.90 -5.94
C LYS B 609 -21.52 39.94 -7.07
N PRO B 610 -21.84 38.67 -6.76
CA PRO B 610 -22.28 37.78 -7.83
C PRO B 610 -23.57 38.33 -8.48
N VAL B 611 -23.73 38.12 -9.78
CA VAL B 611 -25.03 38.35 -10.45
C VAL B 611 -26.08 37.38 -9.87
N TYR B 612 -25.73 36.09 -9.84
CA TYR B 612 -26.52 35.07 -9.12
C TYR B 612 -25.54 34.21 -8.33
N GLU B 613 -25.83 34.01 -7.06
CA GLU B 613 -24.95 33.25 -6.19
C GLU B 613 -24.99 31.75 -6.44
N PHE B 614 -23.84 31.11 -6.22
CA PHE B 614 -23.80 29.67 -5.99
C PHE B 614 -24.96 29.33 -5.05
N GLY B 615 -25.75 28.32 -5.43
CA GLY B 615 -26.90 27.94 -4.63
C GLY B 615 -28.22 28.64 -4.93
N SER B 616 -28.23 29.60 -5.85
CA SER B 616 -29.49 30.24 -6.31
C SER B 616 -30.45 29.26 -6.96
N GLY B 617 -31.75 29.47 -6.74
CA GLY B 617 -32.78 28.63 -7.33
C GLY B 617 -34.11 28.95 -6.70
N LEU B 618 -35.12 29.09 -7.55
CA LEU B 618 -36.49 29.40 -7.11
C LEU B 618 -37.41 28.23 -7.41
N PHE B 619 -38.59 28.25 -6.80
CA PHE B 619 -39.60 27.21 -6.98
C PHE B 619 -40.92 27.79 -7.53
N TYR B 620 -41.81 26.90 -7.96
CA TYR B 620 -43.15 27.34 -8.37
C TYR B 620 -44.08 27.55 -7.18
N THR B 621 -43.53 27.49 -5.98
CA THR B 621 -44.28 27.76 -4.77
C THR B 621 -43.38 28.51 -3.81
N THR B 622 -43.88 28.86 -2.64
CA THR B 622 -43.05 29.42 -1.58
C THR B 622 -42.98 28.40 -0.47
N PHE B 623 -41.86 28.39 0.26
CA PHE B 623 -41.74 27.52 1.41
C PHE B 623 -41.51 28.30 2.69
N LYS B 624 -42.03 27.77 3.80
CA LYS B 624 -41.79 28.36 5.10
C LYS B 624 -40.91 27.41 5.90
N GLU B 625 -39.67 27.84 6.16
CA GLU B 625 -38.69 26.96 6.80
C GLU B 625 -38.51 27.41 8.23
N THR B 626 -38.59 26.48 9.16
CA THR B 626 -38.43 26.80 10.58
C THR B 626 -37.55 25.76 11.27
N LEU B 627 -36.77 26.20 12.26
CA LEU B 627 -35.90 25.29 12.99
C LEU B 627 -36.77 24.29 13.74
N ALA B 628 -36.58 23.00 13.48
CA ALA B 628 -37.34 21.96 14.15
C ALA B 628 -36.90 21.82 15.60
N SER B 629 -35.59 21.78 15.81
CA SER B 629 -34.99 21.62 17.13
C SER B 629 -33.48 21.70 16.98
N HIS B 630 -32.79 21.73 18.13
CA HIS B 630 -31.34 21.59 18.23
C HIS B 630 -31.04 20.75 19.48
N PRO B 631 -29.83 20.16 19.58
CA PRO B 631 -29.49 19.48 20.84
C PRO B 631 -29.71 20.37 22.07
N LYS B 632 -29.93 19.77 23.23
CA LYS B 632 -30.11 20.50 24.48
C LYS B 632 -29.07 21.61 24.65
N SER B 633 -27.80 21.25 24.45
CA SER B 633 -26.70 22.22 24.44
C SER B 633 -26.20 22.43 23.00
N LEU B 634 -25.96 23.70 22.64
CA LEU B 634 -25.30 24.05 21.37
C LEU B 634 -23.85 24.44 21.59
N LYS B 635 -23.20 23.70 22.48
CA LYS B 635 -21.76 23.73 22.69
C LYS B 635 -21.34 22.30 22.48
N PHE B 636 -20.54 22.06 21.44
CA PHE B 636 -20.11 20.70 21.14
C PHE B 636 -18.62 20.59 21.37
N ASN B 637 -18.23 19.49 22.01
CA ASN B 637 -16.83 19.25 22.31
C ASN B 637 -16.33 18.22 21.31
N THR B 638 -15.58 18.67 20.31
CA THR B 638 -15.20 17.79 19.20
C THR B 638 -14.28 16.64 19.65
N SER B 639 -13.34 16.92 20.57
CA SER B 639 -12.45 15.86 21.06
C SER B 639 -13.26 14.74 21.73
N SER B 640 -14.30 15.13 22.46
CA SER B 640 -15.18 14.18 23.10
C SER B 640 -16.06 13.42 22.10
N ILE B 641 -16.63 14.15 21.16
CA ILE B 641 -17.44 13.51 20.11
C ILE B 641 -16.58 12.49 19.34
N LEU B 642 -15.33 12.86 19.01
CA LEU B 642 -14.42 11.96 18.32
C LEU B 642 -13.93 10.77 19.15
N SER B 643 -14.12 10.84 20.46
N SER B 643 -14.12 10.81 20.46
CA SER B 643 -13.69 9.77 21.37
CA SER B 643 -13.67 9.72 21.33
C SER B 643 -14.71 8.64 21.56
C SER B 643 -14.70 8.61 21.52
N ALA B 644 -15.92 8.83 21.06
CA ALA B 644 -16.99 7.85 21.21
C ALA B 644 -16.87 6.78 20.12
N PRO B 645 -17.57 5.64 20.28
CA PRO B 645 -17.67 4.73 19.13
C PRO B 645 -18.38 5.39 17.95
N HIS B 646 -18.10 4.89 16.76
CA HIS B 646 -18.78 5.39 15.55
C HIS B 646 -19.38 4.26 14.66
N PRO B 647 -20.28 3.42 15.22
CA PRO B 647 -20.94 2.42 14.38
C PRO B 647 -21.67 3.06 13.21
N GLY B 648 -21.59 2.45 12.04
CA GLY B 648 -22.24 3.00 10.86
C GLY B 648 -21.35 3.93 10.05
N TYR B 649 -20.15 4.23 10.56
CA TYR B 649 -19.15 5.05 9.83
C TYR B 649 -17.80 4.34 9.81
N THR B 650 -17.19 4.18 8.64
CA THR B 650 -15.87 3.54 8.58
C THR B 650 -14.81 4.42 9.21
N TYR B 651 -14.91 5.74 9.01
CA TYR B 651 -13.87 6.68 9.44
C TYR B 651 -14.42 7.67 10.46
N SER B 652 -13.60 8.00 11.46
CA SER B 652 -14.08 8.80 12.56
C SER B 652 -14.53 10.21 12.14
N GLU B 653 -13.89 10.79 11.12
CA GLU B 653 -14.24 12.16 10.69
C GLU B 653 -15.62 12.25 10.01
N GLN B 654 -16.20 11.08 9.70
CA GLN B 654 -17.54 11.00 9.11
C GLN B 654 -18.67 11.17 10.10
N ILE B 655 -18.36 11.03 11.38
CA ILE B 655 -19.39 11.12 12.43
C ILE B 655 -19.99 12.53 12.50
N PRO B 656 -21.32 12.62 12.69
CA PRO B 656 -21.90 13.96 12.84
C PRO B 656 -21.58 14.60 14.19
N VAL B 657 -21.18 15.86 14.17
CA VAL B 657 -21.08 16.67 15.39
C VAL B 657 -22.50 16.87 15.95
N PHE B 658 -23.40 17.22 15.05
CA PHE B 658 -24.84 17.21 15.31
C PHE B 658 -25.58 17.19 13.98
N THR B 659 -26.91 17.14 14.03
CA THR B 659 -27.75 17.15 12.83
C THR B 659 -28.60 18.43 12.81
N PHE B 660 -28.54 19.17 11.70
CA PHE B 660 -29.41 20.32 11.50
C PHE B 660 -30.81 19.82 11.11
N GLU B 661 -31.82 20.23 11.86
CA GLU B 661 -33.20 19.82 11.62
C GLU B 661 -34.10 21.03 11.37
N ALA B 662 -34.85 20.99 10.27
CA ALA B 662 -35.81 22.04 9.96
C ALA B 662 -37.13 21.46 9.43
N ASN B 663 -38.23 22.12 9.74
N ASN B 663 -38.23 22.14 9.76
CA ASN B 663 -39.49 21.76 9.11
CA ASN B 663 -39.55 21.85 9.15
C ASN B 663 -39.71 22.64 7.89
C ASN B 663 -39.66 22.66 7.86
N ILE B 664 -40.05 22.00 6.77
CA ILE B 664 -40.21 22.69 5.48
C ILE B 664 -41.67 22.62 5.07
N LYS B 665 -42.35 23.75 5.17
CA LYS B 665 -43.78 23.81 4.87
C LYS B 665 -44.00 24.50 3.54
N ASN B 666 -44.76 23.85 2.67
CA ASN B 666 -45.18 24.46 1.42
C ASN B 666 -46.28 25.48 1.75
N SER B 667 -45.92 26.76 1.63
CA SER B 667 -46.74 27.87 2.07
C SER B 667 -47.45 28.54 0.89
N GLY B 668 -47.31 27.94 -0.29
CA GLY B 668 -47.86 28.45 -1.53
C GLY B 668 -49.00 27.58 -2.04
N LYS B 669 -49.32 27.72 -3.32
CA LYS B 669 -50.47 27.01 -3.87
C LYS B 669 -50.13 25.90 -4.86
N THR B 670 -48.84 25.60 -5.03
CA THR B 670 -48.41 24.58 -6.01
C THR B 670 -47.57 23.48 -5.34
N GLU B 671 -47.87 22.22 -5.66
CA GLU B 671 -47.07 21.09 -5.18
C GLU B 671 -45.63 21.21 -5.73
N SER B 672 -44.62 20.95 -4.91
CA SER B 672 -43.23 21.16 -5.40
C SER B 672 -42.22 20.31 -4.63
N PRO B 673 -41.19 19.84 -5.31
CA PRO B 673 -40.06 19.32 -4.52
C PRO B 673 -39.29 20.48 -3.88
N TYR B 674 -38.34 20.16 -3.01
CA TYR B 674 -37.57 21.17 -2.30
C TYR B 674 -36.10 20.81 -2.32
N THR B 675 -35.22 21.80 -2.46
CA THR B 675 -33.78 21.58 -2.30
C THR B 675 -33.19 22.59 -1.35
N ALA B 676 -32.09 22.21 -0.72
CA ALA B 676 -31.43 23.10 0.21
C ALA B 676 -29.94 22.86 0.18
N MET B 677 -29.20 23.95 0.39
CA MET B 677 -27.77 23.89 0.68
C MET B 677 -27.64 24.48 2.07
N LEU B 678 -26.81 23.87 2.91
CA LEU B 678 -26.56 24.37 4.23
C LEU B 678 -25.12 24.85 4.33
N PHE B 679 -24.96 26.12 4.73
CA PHE B 679 -23.63 26.74 4.84
C PHE B 679 -23.27 27.01 6.31
N VAL B 680 -21.96 27.06 6.61
CA VAL B 680 -21.50 27.45 7.95
C VAL B 680 -20.53 28.59 7.76
N ARG B 681 -20.39 29.41 8.78
CA ARG B 681 -19.33 30.39 8.76
C ARG B 681 -18.83 30.64 10.19
N THR B 682 -17.65 31.25 10.28
CA THR B 682 -17.07 31.63 11.55
C THR B 682 -16.21 32.89 11.34
N SER B 683 -16.17 33.76 12.36
N SER B 683 -16.17 33.76 12.36
CA SER B 683 -15.30 34.94 12.35
CA SER B 683 -15.31 34.94 12.34
C SER B 683 -14.17 34.82 13.35
C SER B 683 -14.20 34.84 13.39
N ASN B 684 -14.08 33.69 14.05
CA ASN B 684 -13.03 33.50 15.04
C ASN B 684 -12.41 32.10 15.22
N ALA B 685 -12.89 31.11 14.48
CA ALA B 685 -12.34 29.78 14.67
C ALA B 685 -11.38 29.44 13.53
N GLY B 686 -10.17 29.07 13.91
CA GLY B 686 -9.10 28.85 12.94
C GLY B 686 -8.44 30.12 12.43
N PRO B 687 -7.66 30.00 11.35
CA PRO B 687 -6.83 31.12 10.88
C PRO B 687 -7.57 32.17 10.05
N ALA B 688 -7.11 33.42 10.16
CA ALA B 688 -7.51 34.47 9.23
C ALA B 688 -6.74 34.30 7.91
N PRO B 689 -7.27 34.75 6.78
CA PRO B 689 -8.58 35.37 6.65
C PRO B 689 -9.72 34.38 6.83
N TYR B 690 -10.82 34.88 7.36
CA TYR B 690 -12.02 34.07 7.50
C TYR B 690 -12.81 34.13 6.20
N PRO B 691 -13.33 32.97 5.75
CA PRO B 691 -14.10 32.93 4.49
C PRO B 691 -15.48 33.51 4.64
N ASN B 692 -16.15 33.77 3.52
CA ASN B 692 -17.57 34.15 3.51
C ASN B 692 -18.41 33.14 4.29
N LYS B 693 -18.27 31.87 3.90
CA LYS B 693 -19.03 30.73 4.45
C LYS B 693 -18.57 29.53 3.64
N TRP B 694 -18.95 28.32 4.04
CA TRP B 694 -18.67 27.18 3.15
C TRP B 694 -19.77 26.19 3.28
N LEU B 695 -19.97 25.39 2.23
CA LEU B 695 -21.03 24.38 2.19
C LEU B 695 -20.69 23.18 3.09
N VAL B 696 -21.64 22.79 3.94
CA VAL B 696 -21.44 21.63 4.81
C VAL B 696 -22.50 20.56 4.61
N GLY B 697 -23.46 20.80 3.71
CA GLY B 697 -24.52 19.81 3.52
C GLY B 697 -25.53 20.27 2.52
N PHE B 698 -26.31 19.32 2.01
CA PHE B 698 -27.35 19.67 1.04
C PHE B 698 -28.33 18.53 1.01
N ASP B 699 -29.52 18.77 0.47
CA ASP B 699 -30.43 17.63 0.27
C ASP B 699 -31.54 18.01 -0.67
N ARG B 700 -32.29 17.00 -1.08
CA ARG B 700 -33.46 17.22 -1.91
C ARG B 700 -34.61 16.42 -1.31
N LEU B 701 -35.76 17.07 -1.14
CA LEU B 701 -36.95 16.39 -0.60
C LEU B 701 -37.99 16.17 -1.67
N ALA B 702 -38.73 15.07 -1.53
CA ALA B 702 -39.85 14.71 -2.40
C ALA B 702 -40.94 15.81 -2.45
N ASP B 703 -41.75 15.82 -3.52
CA ASP B 703 -42.93 16.70 -3.64
C ASP B 703 -43.61 16.96 -2.31
N ILE B 704 -43.75 18.25 -1.95
CA ILE B 704 -44.54 18.69 -0.80
C ILE B 704 -45.81 19.40 -1.32
N LYS B 705 -46.97 18.87 -0.92
CA LYS B 705 -48.26 19.44 -1.33
C LYS B 705 -48.51 20.74 -0.59
N PRO B 706 -49.33 21.65 -1.16
CA PRO B 706 -49.64 22.91 -0.46
C PRO B 706 -50.18 22.69 0.95
N GLY B 707 -49.63 23.43 1.90
CA GLY B 707 -50.02 23.31 3.31
C GLY B 707 -49.40 22.15 4.05
N HIS B 708 -48.73 21.24 3.34
CA HIS B 708 -48.05 20.13 3.99
C HIS B 708 -46.64 20.52 4.37
N SER B 709 -45.99 19.69 5.19
CA SER B 709 -44.62 19.90 5.65
C SER B 709 -43.80 18.63 5.51
N SER B 710 -42.49 18.80 5.45
CA SER B 710 -41.55 17.70 5.52
C SER B 710 -40.33 18.09 6.33
N LYS B 711 -39.71 17.11 6.94
CA LYS B 711 -38.51 17.34 7.73
C LYS B 711 -37.26 17.38 6.85
N LEU B 712 -36.42 18.36 7.11
CA LEU B 712 -35.09 18.44 6.52
C LEU B 712 -34.08 18.08 7.62
N SER B 713 -33.31 17.01 7.39
CA SER B 713 -32.33 16.53 8.35
CA SER B 713 -32.34 16.53 8.34
C SER B 713 -30.96 16.51 7.68
N ILE B 714 -30.07 17.39 8.12
CA ILE B 714 -28.74 17.44 7.47
C ILE B 714 -27.68 17.22 8.54
N PRO B 715 -27.00 16.05 8.51
CA PRO B 715 -25.93 15.82 9.48
C PRO B 715 -24.77 16.75 9.16
N ILE B 716 -24.03 17.14 10.18
CA ILE B 716 -22.86 18.01 10.05
C ILE B 716 -21.65 17.18 10.50
N PRO B 717 -20.98 16.51 9.55
CA PRO B 717 -19.84 15.67 9.93
C PRO B 717 -18.66 16.48 10.43
N VAL B 718 -17.90 15.87 11.33
CA VAL B 718 -16.64 16.45 11.81
C VAL B 718 -15.78 16.99 10.66
N SER B 719 -15.63 16.18 9.61
CA SER B 719 -14.83 16.59 8.44
C SER B 719 -15.29 17.91 7.85
N ALA B 720 -16.59 18.21 7.91
CA ALA B 720 -17.16 19.42 7.28
C ALA B 720 -16.80 20.68 8.05
N LEU B 721 -16.49 20.53 9.34
CA LEU B 721 -16.24 21.66 10.23
C LEU B 721 -14.77 21.98 10.35
N ALA B 722 -13.92 21.04 9.96
CA ALA B 722 -12.47 21.24 9.97
C ALA B 722 -12.06 22.38 9.02
N ARG B 723 -11.13 23.22 9.47
CA ARG B 723 -10.48 24.18 8.58
C ARG B 723 -9.05 23.72 8.29
N VAL B 724 -8.38 24.40 7.36
CA VAL B 724 -7.03 24.04 6.94
C VAL B 724 -5.99 25.10 7.37
N ASP B 725 -4.97 24.66 8.10
CA ASP B 725 -3.97 25.61 8.59
C ASP B 725 -2.98 25.97 7.48
N SER B 726 -2.05 26.86 7.79
CA SER B 726 -1.09 27.34 6.80
CA SER B 726 -1.09 27.33 6.81
C SER B 726 -0.21 26.20 6.25
N HIS B 727 -0.21 25.05 6.95
CA HIS B 727 0.62 23.91 6.53
C HIS B 727 -0.15 22.88 5.71
N GLY B 728 -1.47 22.98 5.68
CA GLY B 728 -2.25 21.95 4.99
C GLY B 728 -2.98 21.02 5.96
N ASN B 729 -2.67 21.11 7.27
CA ASN B 729 -3.31 20.20 8.25
C ASN B 729 -4.79 20.51 8.33
N ARG B 730 -5.61 19.49 8.52
N ARG B 730 -5.62 19.49 8.51
CA ARG B 730 -7.04 19.68 8.74
CA ARG B 730 -7.05 19.68 8.71
C ARG B 730 -7.28 19.55 10.22
C ARG B 730 -7.33 19.54 10.20
N ILE B 731 -7.79 20.65 10.80
CA ILE B 731 -7.98 20.79 12.21
C ILE B 731 -9.38 21.33 12.48
N VAL B 732 -10.07 20.75 13.47
CA VAL B 732 -11.32 21.32 13.97
C VAL B 732 -10.99 22.27 15.12
N TYR B 733 -11.31 23.54 14.91
CA TYR B 733 -10.93 24.62 15.80
C TYR B 733 -12.04 25.01 16.73
N PRO B 734 -11.73 25.22 18.02
CA PRO B 734 -12.81 25.72 18.86
C PRO B 734 -13.16 27.18 18.56
N GLY B 735 -14.39 27.58 18.85
CA GLY B 735 -14.88 28.93 18.60
C GLY B 735 -16.35 28.97 18.28
N LYS B 736 -16.76 30.11 17.73
CA LYS B 736 -18.16 30.38 17.43
C LYS B 736 -18.44 30.25 15.92
N TYR B 737 -19.50 29.51 15.60
CA TYR B 737 -19.89 29.21 14.23
C TYR B 737 -21.36 29.55 14.04
N GLU B 738 -21.76 29.75 12.79
CA GLU B 738 -23.17 29.93 12.50
C GLU B 738 -23.57 29.19 11.23
N LEU B 739 -24.63 28.39 11.30
CA LEU B 739 -25.23 27.76 10.12
C LEU B 739 -26.20 28.70 9.44
N ALA B 740 -26.28 28.61 8.10
CA ALA B 740 -27.29 29.36 7.35
C ALA B 740 -27.91 28.46 6.30
N LEU B 741 -29.24 28.39 6.32
CA LEU B 741 -29.95 27.58 5.34
C LEU B 741 -30.22 28.37 4.06
N ASN B 742 -29.58 27.90 2.99
CA ASN B 742 -29.69 28.50 1.66
C ASN B 742 -29.16 29.91 1.51
N THR B 743 -29.11 30.36 0.26
CA THR B 743 -28.67 31.72 -0.02
C THR B 743 -29.62 32.75 0.59
N ASP B 744 -30.90 32.42 0.74
CA ASP B 744 -31.85 33.35 1.38
C ASP B 744 -31.76 33.33 2.92
N GLU B 745 -30.99 32.38 3.45
CA GLU B 745 -30.68 32.33 4.89
C GLU B 745 -31.97 32.33 5.71
N SER B 746 -32.90 31.45 5.32
CA SER B 746 -34.24 31.41 5.93
C SER B 746 -34.21 31.04 7.40
N VAL B 747 -33.25 30.18 7.78
CA VAL B 747 -33.04 29.77 9.16
C VAL B 747 -31.55 29.91 9.43
N LYS B 748 -31.18 30.41 10.61
CA LYS B 748 -29.76 30.42 11.01
C LYS B 748 -29.64 29.79 12.37
N LEU B 749 -28.45 29.30 12.72
CA LEU B 749 -28.28 28.62 14.02
C LEU B 749 -26.85 28.76 14.49
N GLU B 750 -26.69 29.40 15.64
CA GLU B 750 -25.38 29.61 16.20
C GLU B 750 -25.02 28.45 17.08
N PHE B 751 -23.76 28.07 17.03
CA PHE B 751 -23.26 27.04 17.91
C PHE B 751 -21.81 27.30 18.20
N GLU B 752 -21.31 26.67 19.26
CA GLU B 752 -19.95 26.84 19.63
C GLU B 752 -19.23 25.50 19.67
N LEU B 753 -18.00 25.44 19.15
CA LEU B 753 -17.14 24.28 19.35
C LEU B 753 -16.20 24.55 20.51
N VAL B 754 -16.15 23.61 21.46
CA VAL B 754 -15.39 23.80 22.70
C VAL B 754 -14.29 22.74 22.89
N GLY B 755 -13.40 22.97 23.88
CA GLY B 755 -12.30 22.08 24.15
C GLY B 755 -11.13 22.43 23.24
N GLU B 756 -10.16 21.52 23.14
CA GLU B 756 -8.92 21.75 22.38
C GLU B 756 -9.12 21.56 20.87
N GLU B 757 -8.21 22.14 20.08
CA GLU B 757 -8.13 21.82 18.65
C GLU B 757 -7.98 20.33 18.51
N VAL B 758 -8.60 19.76 17.47
CA VAL B 758 -8.40 18.34 17.18
C VAL B 758 -7.87 18.22 15.77
N THR B 759 -6.80 17.43 15.61
CA THR B 759 -6.24 17.21 14.30
C THR B 759 -6.98 16.08 13.58
N ILE B 760 -7.49 16.39 12.38
CA ILE B 760 -8.24 15.42 11.59
C ILE B 760 -7.27 14.78 10.58
N GLU B 761 -6.43 15.58 9.91
CA GLU B 761 -5.42 15.10 8.98
C GLU B 761 -4.10 15.80 9.19
N ASN B 762 -3.01 15.02 9.40
CA ASN B 762 -1.67 15.59 9.37
C ASN B 762 -1.22 15.67 7.92
N TRP B 763 -1.04 16.89 7.40
CA TRP B 763 -0.65 17.01 5.99
C TRP B 763 0.85 16.67 5.94
N PRO B 764 1.26 15.77 5.00
CA PRO B 764 2.66 15.36 5.00
C PRO B 764 3.56 16.41 4.37
N LEU B 765 4.80 16.45 4.82
CA LEU B 765 5.75 17.44 4.34
C LEU B 765 6.32 17.08 2.95
N GLU B 766 6.61 18.13 2.16
CA GLU B 766 7.50 18.08 0.99
C GLU B 766 6.81 17.61 -0.30
C1 NAG C . 16.12 -31.95 4.13
C2 NAG C . 16.51 -33.44 4.06
C3 NAG C . 15.28 -34.34 3.99
C4 NAG C . 14.24 -33.94 5.04
C5 NAG C . 13.91 -32.44 4.90
C6 NAG C . 12.77 -31.96 5.78
C7 NAG C . 18.57 -34.06 2.87
C8 NAG C . 19.18 -34.21 1.51
N2 NAG C . 17.28 -33.65 2.86
O3 NAG C . 15.70 -35.69 4.15
O4 NAG C . 13.08 -34.67 4.73
O5 NAG C . 15.13 -31.72 5.12
O6 NAG C . 12.99 -32.17 7.16
O7 NAG C . 19.23 -34.29 3.91
C1 NAG C . 12.48 -35.22 5.90
C2 NAG C . 11.03 -35.60 5.58
C3 NAG C . 10.40 -36.31 6.77
C4 NAG C . 11.30 -37.40 7.36
C5 NAG C . 12.71 -36.82 7.58
C6 NAG C . 13.71 -37.78 8.24
C7 NAG C . 9.92 -33.99 4.09
C8 NAG C . 9.13 -32.71 4.01
N2 NAG C . 10.28 -34.40 5.31
O3 NAG C . 9.11 -36.80 6.38
O4 NAG C . 10.87 -37.72 8.65
O5 NAG C . 13.21 -36.34 6.36
O6 NAG C . 14.11 -38.74 7.28
O7 NAG C . 10.20 -34.60 3.06
C1 BMA C . 10.02 -38.85 8.77
C2 BMA C . 10.04 -39.20 10.25
C3 BMA C . 9.05 -40.31 10.59
C4 BMA C . 7.68 -39.97 10.03
C5 BMA C . 7.75 -39.53 8.56
C6 BMA C . 6.42 -39.02 8.08
O2 BMA C . 9.67 -38.00 10.97
O3 BMA C . 8.96 -40.45 12.00
O4 BMA C . 6.88 -41.14 10.13
O5 BMA C . 8.70 -38.46 8.42
O6 BMA C . 6.50 -38.78 6.68
C1 MAN C . 9.33 -41.79 12.43
C2 MAN C . 9.01 -41.96 13.92
C3 MAN C . 10.02 -41.19 14.76
C4 MAN C . 11.44 -41.62 14.41
C5 MAN C . 11.65 -41.42 12.91
C6 MAN C . 13.03 -41.92 12.49
O2 MAN C . 9.06 -43.33 14.31
O3 MAN C . 9.74 -41.33 16.14
O4 MAN C . 12.37 -40.82 15.09
O5 MAN C . 10.68 -42.10 12.15
O6 MAN C . 12.91 -43.28 12.16
C1 MAN C . 7.73 -43.77 14.61
C2 MAN C . 7.74 -44.64 15.87
C3 MAN C . 8.48 -45.95 15.62
C4 MAN C . 7.99 -46.62 14.35
C5 MAN C . 7.95 -45.64 13.18
C6 MAN C . 7.37 -46.30 11.93
O2 MAN C . 6.39 -44.92 16.27
O3 MAN C . 8.28 -46.82 16.73
O4 MAN C . 8.84 -47.72 14.02
O5 MAN C . 7.15 -44.52 13.53
O6 MAN C . 8.35 -46.25 10.88
C1 MAN C . 5.48 -39.49 5.99
C2 MAN C . 5.85 -39.43 4.52
C3 MAN C . 5.78 -37.99 4.01
C4 MAN C . 4.47 -37.32 4.40
C5 MAN C . 4.20 -37.52 5.89
C6 MAN C . 2.90 -36.87 6.36
O2 MAN C . 4.92 -40.22 3.82
O3 MAN C . 5.90 -38.00 2.60
O4 MAN C . 4.56 -35.95 4.10
O5 MAN C . 4.20 -38.90 6.19
O6 MAN C . 1.86 -37.23 5.48
C1 MAN C . 6.82 -37.00 2.12
C2 MAN C . 6.73 -36.96 0.59
C3 MAN C . 7.42 -38.16 -0.03
C4 MAN C . 8.81 -38.40 0.56
C5 MAN C . 8.75 -38.38 2.09
C6 MAN C . 10.14 -38.43 2.74
O2 MAN C . 7.30 -35.76 0.10
O3 MAN C . 7.54 -37.98 -1.42
O4 MAN C . 9.28 -39.66 0.13
O5 MAN C . 8.15 -37.18 2.53
O6 MAN C . 9.93 -38.57 4.13
C1 NAG D . -3.39 8.83 29.51
C2 NAG D . -3.79 9.74 30.67
C3 NAG D . -3.22 9.25 31.99
C4 NAG D . -3.43 7.76 32.21
C5 NAG D . -2.98 6.97 30.98
C6 NAG D . -3.28 5.49 31.12
C7 NAG D . -4.19 12.07 30.12
C8 NAG D . -3.57 13.43 30.00
N2 NAG D . -3.36 11.12 30.49
O3 NAG D . -3.87 9.97 33.02
O4 NAG D . -2.73 7.38 33.38
O5 NAG D . -3.66 7.46 29.83
O6 NAG D . -4.68 5.29 31.12
O7 NAG D . -5.40 11.88 29.88
C1 NAG D . -3.69 6.92 34.36
C2 NAG D . -3.01 6.02 35.37
C3 NAG D . -3.89 5.65 36.57
C4 NAG D . -4.67 6.86 37.09
C5 NAG D . -5.38 7.47 35.88
C6 NAG D . -6.40 8.55 36.21
C7 NAG D . -1.31 4.62 34.46
C8 NAG D . -0.95 3.30 33.87
N2 NAG D . -2.59 4.77 34.77
O3 NAG D . -3.06 5.10 37.55
O4 NAG D . -5.57 6.49 38.11
O5 NAG D . -4.34 7.99 35.06
O6 NAG D . -5.73 9.64 36.80
O7 NAG D . -0.47 5.51 34.65
C1 NAG E . 11.66 -39.91 18.61
C2 NAG E . 12.76 -39.67 19.66
C3 NAG E . 12.46 -40.41 20.97
C4 NAG E . 11.03 -40.14 21.41
C5 NAG E . 10.02 -40.31 20.26
C6 NAG E . 8.56 -39.97 20.63
C7 NAG E . 15.02 -39.17 18.89
C8 NAG E . 16.28 -39.74 18.32
N2 NAG E . 14.05 -40.06 19.12
O3 NAG E . 13.42 -40.04 21.97
O4 NAG E . 10.70 -41.09 22.41
O5 NAG E . 10.41 -39.52 19.15
O6 NAG E . 8.54 -38.74 21.33
O7 NAG E . 14.94 -37.95 19.13
C1 NAG E . 10.65 -40.49 23.72
C2 NAG E . 9.82 -41.40 24.63
C3 NAG E . 9.86 -40.94 26.08
C4 NAG E . 11.27 -40.61 26.55
C5 NAG E . 11.98 -39.73 25.51
C6 NAG E . 13.43 -39.45 25.93
C7 NAG E . 7.98 -42.58 23.53
C8 NAG E . 6.53 -42.61 23.17
N2 NAG E . 8.42 -41.53 24.22
O3 NAG E . 9.33 -42.00 26.86
O4 NAG E . 11.20 -39.89 27.75
O5 NAG E . 11.95 -40.39 24.26
O6 NAG E . 14.16 -40.65 25.91
O7 NAG E . 8.72 -43.51 23.17
C1 BMA E . 11.72 -40.62 28.86
C2 BMA E . 12.14 -39.56 29.88
C3 BMA E . 12.63 -40.16 31.18
C4 BMA E . 11.68 -41.25 31.67
C5 BMA E . 11.30 -42.21 30.55
C6 BMA E . 10.30 -43.29 30.99
O2 BMA E . 11.00 -38.73 30.13
O3 BMA E . 12.72 -39.12 32.18
O4 BMA E . 12.32 -41.95 32.74
O5 BMA E . 10.76 -41.49 29.44
O6 BMA E . 8.97 -42.78 31.09
C1 MAN E . 14.09 -38.76 32.43
C2 MAN E . 14.23 -38.27 33.86
C3 MAN E . 13.56 -36.90 34.00
C4 MAN E . 14.22 -35.92 33.03
C5 MAN E . 14.08 -36.46 31.61
C6 MAN E . 14.78 -35.53 30.63
O2 MAN E . 15.60 -38.11 34.11
O3 MAN E . 13.71 -36.39 35.30
O4 MAN E . 13.66 -34.64 33.15
O5 MAN E . 14.61 -37.78 31.52
O6 MAN E . 14.55 -36.04 29.35
C1 MAN E . 16.12 -39.19 34.91
C2 MAN E . 17.02 -38.59 36.00
C3 MAN E . 18.33 -38.07 35.44
C4 MAN E . 18.93 -38.95 34.32
C5 MAN E . 17.87 -39.49 33.36
C6 MAN E . 18.47 -40.51 32.39
O2 MAN E . 17.31 -39.50 37.05
O3 MAN E . 19.24 -37.98 36.51
O4 MAN E . 19.88 -38.18 33.61
O5 MAN E . 16.81 -40.09 34.07
O6 MAN E . 18.02 -41.81 32.70
C1 NAG F . 23.03 -34.83 34.52
C2 NAG F . 23.18 -35.30 35.96
C3 NAG F . 21.84 -35.67 36.61
C4 NAG F . 20.72 -34.65 36.34
C5 NAG F . 20.71 -34.24 34.85
C6 NAG F . 19.79 -33.05 34.59
C7 NAG F . 25.36 -36.33 36.35
C8 NAG F . 26.18 -37.59 36.36
N2 NAG F . 24.07 -36.44 36.01
O3 NAG F . 22.00 -35.86 37.99
O4 NAG F . 19.46 -35.21 36.67
O5 NAG F . 22.01 -33.85 34.43
O6 NAG F . 20.38 -31.91 35.18
O7 NAG F . 25.89 -35.25 36.64
C1 NAG F . 18.97 -34.86 37.99
C2 NAG F . 17.44 -34.74 37.94
C3 NAG F . 16.87 -34.49 39.34
C4 NAG F . 17.34 -35.56 40.31
C5 NAG F . 18.87 -35.66 40.27
C6 NAG F . 19.30 -36.84 41.11
C7 NAG F . 16.35 -33.99 35.86
C8 NAG F . 15.88 -32.84 35.01
N2 NAG F . 16.94 -33.71 37.02
O3 NAG F . 15.45 -34.49 39.30
O4 NAG F . 16.90 -35.26 41.61
O5 NAG F . 19.36 -35.82 38.95
O6 NAG F . 20.70 -37.00 41.00
O7 NAG F . 16.19 -35.15 35.45
C1 NAG G . -33.58 11.54 -6.46
C2 NAG G . -35.10 11.71 -6.50
C3 NAG G . -35.82 10.37 -6.63
C4 NAG G . -35.18 9.51 -7.73
C5 NAG G . -33.66 9.39 -7.48
C6 NAG G . -32.94 8.42 -8.41
C7 NAG G . -36.11 13.53 -5.21
C8 NAG G . -36.46 13.97 -3.82
N2 NAG G . -35.53 12.33 -5.26
O3 NAG G . -37.20 10.62 -6.88
O4 NAG G . -35.75 8.24 -7.60
O5 NAG G . -33.12 10.70 -7.51
O6 NAG G . -33.08 8.74 -9.78
O7 NAG G . -36.34 14.26 -6.20
C1 NAG G . -36.18 7.70 -8.87
C2 NAG G . -36.34 6.18 -8.79
C3 NAG G . -36.81 5.63 -10.13
C4 NAG G . -37.98 6.39 -10.75
C5 NAG G . -37.63 7.90 -10.71
C6 NAG G . -38.69 8.84 -11.32
C7 NAG G . -34.68 5.11 -7.32
C8 NAG G . -33.32 4.47 -7.26
N2 NAG G . -35.09 5.52 -8.51
O3 NAG G . -37.15 4.27 -9.96
O4 NAG G . -38.09 5.96 -12.08
O5 NAG G . -37.33 8.31 -9.40
O6 NAG G . -39.77 8.99 -10.43
O7 NAG G . -35.32 5.26 -6.30
C1 BMA G . -39.02 4.87 -12.37
C2 BMA G . -39.26 5.00 -13.85
C3 BMA G . -40.11 3.87 -14.40
C4 BMA G . -39.46 2.53 -14.11
C5 BMA G . -39.12 2.39 -12.62
C6 BMA G . -38.20 1.17 -12.42
O2 BMA G . -37.96 4.98 -14.46
O3 BMA G . -40.24 4.04 -15.82
O4 BMA G . -40.30 1.46 -14.57
O5 BMA G . -38.46 3.56 -12.10
O6 BMA G . -38.22 0.69 -11.06
C1 NAG H . 12.33 0.98 -28.43
C2 NAG H . 13.42 0.89 -29.50
C3 NAG H . 13.01 1.62 -30.78
C4 NAG H . 11.67 1.13 -31.28
C5 NAG H . 10.68 1.31 -30.13
C6 NAG H . 9.28 0.87 -30.53
C7 NAG H . 15.71 0.79 -28.77
C8 NAG H . 16.94 1.57 -28.39
N2 NAG H . 14.65 1.51 -29.09
O3 NAG H . 14.02 1.47 -31.77
O4 NAG H . 11.30 1.95 -32.36
O5 NAG H . 11.10 0.55 -29.01
O6 NAG H . 9.35 -0.50 -30.87
O7 NAG H . 15.71 -0.43 -28.76
C1 NAG H . 11.33 1.25 -33.62
C2 NAG H . 10.35 2.00 -34.54
C3 NAG H . 10.40 1.47 -35.99
C4 NAG H . 11.83 1.36 -36.51
C5 NAG H . 12.65 0.55 -35.49
C6 NAG H . 14.09 0.30 -35.97
C7 NAG H . 8.29 2.85 -33.58
C8 NAG H . 6.87 2.51 -33.18
N2 NAG H . 8.98 1.83 -34.08
O3 NAG H . 9.62 2.31 -36.82
O4 NAG H . 11.81 0.70 -37.75
O5 NAG H . 12.62 1.20 -34.22
O6 NAG H . 15.00 1.10 -35.27
O7 NAG H . 8.75 3.98 -33.44
C1 BMA H . 12.25 1.55 -38.84
C2 BMA H . 12.58 0.61 -39.99
C3 BMA H . 12.73 1.28 -41.36
C4 BMA H . 11.82 2.49 -41.56
C5 BMA H . 11.77 3.37 -40.30
C6 BMA H . 10.88 4.61 -40.47
O2 BMA H . 11.57 -0.42 -40.07
O3 BMA H . 12.47 0.23 -42.31
O4 BMA H . 12.37 3.30 -42.61
O5 BMA H . 11.32 2.57 -39.22
O6 BMA H . 9.49 4.23 -40.49
C1 MAN H . 13.19 0.15 -43.49
C2 MAN H . 13.53 -1.07 -44.33
C3 MAN H . 14.70 -1.85 -43.72
C4 MAN H . 15.87 -0.92 -43.39
C5 MAN H . 15.38 0.30 -42.61
C6 MAN H . 16.53 1.26 -42.34
O2 MAN H . 13.88 -0.66 -45.66
O3 MAN H . 15.14 -2.86 -44.64
O4 MAN H . 16.84 -1.63 -42.62
O5 MAN H . 14.35 0.96 -43.35
O6 MAN H . 17.72 0.52 -42.05
C1 NAG I . -38.92 7.36 -22.08
C2 NAG I . -38.76 8.61 -22.97
C3 NAG I . -39.26 8.39 -24.40
C4 NAG I . -38.72 7.08 -24.98
C5 NAG I . -38.90 5.94 -23.96
C6 NAG I . -38.29 4.62 -24.41
C7 NAG I . -38.83 10.83 -21.90
C8 NAG I . -39.74 11.84 -21.24
N2 NAG I . -39.45 9.71 -22.31
O3 NAG I . -38.88 9.44 -25.29
O4 NAG I . -39.46 6.78 -26.14
O5 NAG I . -38.28 6.29 -22.72
O6 NAG I . -36.94 4.79 -24.82
O7 NAG I . -37.61 11.06 -22.02
C1 NAG I . -38.74 6.98 -27.36
C2 NAG I . -39.37 6.16 -28.48
C3 NAG I . -38.67 6.45 -29.80
C4 NAG I . -38.62 7.95 -30.09
C5 NAG I . -38.08 8.69 -28.87
C6 NAG I . -38.13 10.22 -29.00
C7 NAG I . -40.37 4.09 -27.64
C8 NAG I . -40.21 2.64 -27.32
N2 NAG I . -39.32 4.74 -28.16
O3 NAG I . -39.40 5.83 -30.84
O4 NAG I . -37.75 8.12 -31.17
O5 NAG I . -38.83 8.33 -27.73
O6 NAG I . -39.45 10.64 -29.24
O7 NAG I . -41.44 4.66 -27.41
C1 BMA I . -38.39 8.69 -32.31
C2 BMA I . -37.28 9.27 -33.16
C3 BMA I . -37.85 9.85 -34.45
C4 BMA I . -38.89 8.93 -35.13
C5 BMA I . -39.87 8.37 -34.10
C6 BMA I . -40.85 7.36 -34.71
O2 BMA I . -36.35 8.21 -33.44
O3 BMA I . -36.74 10.12 -35.33
O4 BMA I . -39.62 9.66 -36.13
O5 BMA I . -39.13 7.73 -33.05
O6 BMA I . -40.11 6.31 -35.35
C1 MAN I . -36.60 11.53 -35.51
C2 MAN I . -35.93 11.82 -36.85
C3 MAN I . -34.47 11.41 -36.82
C4 MAN I . -33.80 12.08 -35.63
C5 MAN I . -34.53 11.65 -34.37
C6 MAN I . -33.81 12.20 -33.14
O2 MAN I . -35.96 13.20 -37.07
O3 MAN I . -33.83 11.89 -37.99
O4 MAN I . -32.45 11.68 -35.56
O5 MAN I . -35.87 12.10 -34.44
O6 MAN I . -34.70 12.15 -32.07
C1 MAN I . -37.00 13.56 -37.99
C2 MAN I . -36.49 14.80 -38.71
C3 MAN I . -36.42 16.00 -37.78
C4 MAN I . -37.64 16.10 -36.89
C5 MAN I . -37.96 14.75 -36.28
C6 MAN I . -39.18 14.85 -35.39
O2 MAN I . -37.32 15.15 -39.80
O3 MAN I . -36.37 17.11 -38.64
O4 MAN I . -37.38 16.99 -35.83
O5 MAN I . -38.20 13.83 -37.31
O6 MAN I . -39.84 13.61 -35.50
C1 NAG J . -33.80 21.09 -36.33
C2 NAG J . -34.20 21.43 -37.77
C3 NAG J . -34.39 20.21 -38.65
C4 NAG J . -33.24 19.21 -38.52
C5 NAG J . -32.95 19.00 -37.04
C6 NAG J . -31.80 18.03 -36.84
C7 NAG J . -35.47 23.47 -38.10
C8 NAG J . -34.19 24.14 -38.53
N2 NAG J . -35.44 22.18 -37.75
O3 NAG J . -34.44 20.67 -39.98
O4 NAG J . -33.62 17.96 -39.07
O5 NAG J . -32.68 20.24 -36.39
O6 NAG J . -30.63 18.75 -36.57
O7 NAG J . -36.51 24.12 -38.07
C1 NAG J . -33.08 17.78 -40.40
C2 NAG J . -32.94 16.28 -40.68
C3 NAG J . -32.59 16.04 -42.15
C4 NAG J . -33.57 16.78 -43.05
C5 NAG J . -33.42 18.27 -42.71
C6 NAG J . -34.18 19.19 -43.67
C7 NAG J . -32.12 15.02 -38.72
C8 NAG J . -30.90 14.54 -38.00
N2 NAG J . -31.91 15.71 -39.84
O3 NAG J . -32.59 14.67 -42.43
O4 NAG J . -33.34 16.52 -44.43
O5 NAG J . -33.89 18.44 -41.37
O6 NAG J . -35.56 18.97 -43.58
O7 NAG J . -33.22 14.79 -38.23
C1 NAG K . -13.82 18.18 26.03
C2 NAG K . -13.66 18.84 27.39
C3 NAG K . -12.36 18.44 28.07
C4 NAG K . -12.08 16.93 28.01
C5 NAG K . -12.43 16.40 26.62
C6 NAG K . -12.28 14.90 26.47
C7 NAG K . -14.82 20.95 27.56
C8 NAG K . -14.78 22.45 27.52
N2 NAG K . -13.67 20.30 27.34
O3 NAG K . -12.42 18.89 29.41
O4 NAG K . -10.69 16.70 28.19
O5 NAG K . -13.75 16.78 26.25
O6 NAG K . -13.40 14.27 27.05
O7 NAG K . -15.88 20.36 27.77
C1 NAG K . -10.14 16.77 29.52
C2 NAG K . -8.86 15.91 29.54
C3 NAG K . -8.10 16.03 30.86
C4 NAG K . -7.92 17.47 31.32
C5 NAG K . -9.21 18.29 31.18
C6 NAG K . -8.92 19.78 31.35
C7 NAG K . -8.99 13.95 28.04
C8 NAG K . -9.25 12.47 27.96
N2 NAG K . -9.08 14.49 29.27
O3 NAG K . -6.83 15.42 30.68
O4 NAG K . -7.40 17.51 32.64
O5 NAG K . -9.82 18.10 29.90
O6 NAG K . -10.10 20.47 31.68
O7 NAG K . -8.75 14.61 27.03
C1 NAG L . 14.67 5.93 35.61
C2 NAG L . 14.42 6.94 36.75
C3 NAG L . 14.26 8.36 36.18
C4 NAG L . 15.51 8.70 35.39
C5 NAG L . 15.69 7.64 34.31
C6 NAG L . 16.94 7.93 33.49
C7 NAG L . 13.40 6.30 38.87
C8 NAG L . 12.14 5.94 39.61
N2 NAG L . 13.27 6.58 37.57
O3 NAG L . 14.10 9.29 37.21
O4 NAG L . 15.35 9.96 34.76
O5 NAG L . 15.82 6.35 34.89
O6 NAG L . 17.01 6.96 32.47
O7 NAG L . 14.48 6.30 39.47
C1 NAG M . 25.73 6.30 30.38
C2 NAG M . 26.82 7.22 30.98
C3 NAG M . 27.81 7.72 29.92
C4 NAG M . 28.30 6.58 29.03
C5 NAG M . 27.09 5.84 28.45
C6 NAG M . 27.53 4.69 27.52
C7 NAG M . 26.14 8.45 33.00
C8 NAG M . 25.48 9.69 33.54
N2 NAG M . 26.21 8.34 31.66
O3 NAG M . 28.93 8.35 30.51
O4 NAG M . 29.09 7.12 28.00
O5 NAG M . 26.28 5.33 29.51
O6 NAG M . 28.28 3.76 28.27
O7 NAG M . 26.56 7.60 33.78
C1 NAG N . 32.12 -1.71 30.84
C2 NAG N . 33.64 -1.90 30.97
C3 NAG N . 34.00 -2.94 32.05
C4 NAG N . 33.17 -2.77 33.33
C5 NAG N . 31.69 -2.66 32.94
C6 NAG N . 30.78 -2.52 34.16
C7 NAG N . 34.99 -1.45 28.96
C8 NAG N . 35.56 -2.01 27.69
N2 NAG N . 34.25 -2.29 29.70
O3 NAG N . 35.37 -2.82 32.36
O4 NAG N . 33.37 -3.87 34.19
O5 NAG N . 31.55 -1.52 32.12
O6 NAG N . 31.03 -1.26 34.78
O7 NAG N . 35.22 -0.28 29.25
C1 NAG O . 17.82 11.84 -21.09
C2 NAG O . 19.31 11.53 -21.11
C3 NAG O . 19.91 11.41 -19.70
C4 NAG O . 19.56 12.64 -18.86
C5 NAG O . 18.04 12.78 -18.81
C6 NAG O . 17.57 14.01 -18.01
C7 NAG O . 20.05 10.32 -23.08
C8 NAG O . 20.10 8.98 -23.73
N2 NAG O . 19.48 10.31 -21.88
O3 NAG O . 21.30 11.28 -19.84
O4 NAG O . 20.10 12.55 -17.55
O5 NAG O . 17.55 12.88 -20.15
O6 NAG O . 16.16 14.09 -17.85
O7 NAG O . 20.52 11.33 -23.65
C1 NAG P . 22.48 -7.73 -25.06
C2 NAG P . 23.17 -7.25 -26.32
C3 NAG P . 22.45 -6.02 -26.89
C4 NAG P . 20.95 -6.32 -27.02
C5 NAG P . 20.40 -6.69 -25.63
C6 NAG P . 18.90 -6.93 -25.62
C7 NAG P . 25.57 -7.74 -26.36
C8 NAG P . 26.94 -7.24 -26.00
N2 NAG P . 24.56 -6.92 -26.05
O3 NAG P . 23.04 -5.70 -28.12
O4 NAG P . 20.24 -5.22 -27.56
O5 NAG P . 21.07 -7.86 -25.21
O6 NAG P . 18.62 -8.30 -25.87
O7 NAG P . 25.41 -8.83 -26.89
ZN ZN Q . -21.97 -18.56 22.22
ZN ZN R . -26.40 -20.78 18.60
ZN ZN S . 11.49 -17.36 27.03
ZN ZN T . 4.83 -25.68 3.11
ZN ZN U . 20.57 7.58 19.77
ZN ZN V . 22.00 10.19 19.14
ZN ZN W . 6.36 7.78 1.55
ZN ZN W . 6.82 7.46 0.20
ZN ZN X . 3.01 10.86 28.95
ZN ZN Y . 20.97 -45.64 1.60
ZN ZN Z . 22.59 -48.18 -6.65
C TRS AA . 13.73 -8.72 26.09
C1 TRS AA . 14.80 -9.24 27.05
C2 TRS AA . 12.36 -9.05 26.64
C3 TRS AA . 13.83 -7.21 25.88
N TRS AA . 13.89 -9.40 24.75
O1 TRS AA . 14.82 -8.51 28.28
O2 TRS AA . 12.24 -10.48 26.79
O3 TRS AA . 15.14 -6.87 25.34
C TRS BA . 19.77 6.35 -11.96
C1 TRS BA . 20.67 6.59 -10.74
C2 TRS BA . 18.58 5.50 -11.55
C3 TRS BA . 19.32 7.69 -12.52
N TRS BA . 20.53 5.68 -13.05
O1 TRS BA . 19.86 6.77 -9.55
O2 TRS BA . 18.62 4.17 -12.08
O3 TRS BA . 17.98 7.53 -13.03
C1 GOL CA . 13.03 -9.25 20.35
O1 GOL CA . 14.07 -10.13 19.92
C2 GOL CA . 12.09 -9.95 21.33
O2 GOL CA . 11.13 -10.75 20.63
C3 GOL CA . 11.29 -8.95 22.17
O3 GOL CA . 12.16 -8.19 23.03
C ACT DA . 12.18 -14.86 26.82
O ACT DA . 10.93 -14.89 26.69
OXT ACT DA . 12.88 -15.91 26.83
CH3 ACT DA . 12.89 -13.55 26.99
C1 NAG EA . 6.82 19.01 -33.74
C2 NAG EA . 7.88 19.19 -34.84
C3 NAG EA . 9.25 19.23 -34.20
C4 NAG EA . 9.29 20.26 -33.06
C5 NAG EA . 8.21 19.96 -32.02
C6 NAG EA . 8.16 21.01 -30.92
C7 NAG EA . 7.40 18.30 -37.13
C8 NAG EA . 7.42 17.07 -38.00
N2 NAG EA . 7.82 18.12 -35.85
O3 NAG EA . 10.19 19.63 -35.17
O4 NAG EA . 10.57 20.26 -32.48
O5 NAG EA . 6.95 19.93 -32.69
O6 NAG EA . 7.15 20.74 -29.95
O7 NAG EA . 7.04 19.37 -37.62
C1 NAG FA . 6.32 28.73 -27.19
C2 NAG FA . 7.42 29.70 -27.62
C3 NAG FA . 8.09 30.35 -26.41
C4 NAG FA . 7.05 30.97 -25.47
C5 NAG FA . 5.82 30.06 -25.28
C6 NAG FA . 4.70 30.92 -24.75
C7 NAG FA . 8.66 29.32 -29.69
C8 NAG FA . 7.99 30.51 -30.28
N2 NAG FA . 8.37 28.98 -28.43
O3 NAG FA . 9.03 31.34 -26.81
O4 NAG FA . 7.62 31.23 -24.20
O5 NAG FA . 5.36 29.49 -26.49
O6 NAG FA . 3.75 30.06 -24.18
O7 NAG FA . 9.48 28.67 -30.36
C1 NAG GA . -18.78 39.35 -37.80
C2 NAG GA . -18.18 40.72 -38.18
C3 NAG GA . -17.42 40.60 -39.50
C4 NAG GA . -16.41 39.46 -39.37
C5 NAG GA . -17.18 38.19 -39.02
C6 NAG GA . -16.34 36.91 -39.06
C7 NAG GA . -19.51 42.56 -37.22
C8 NAG GA . -20.57 43.59 -37.43
N2 NAG GA . -19.19 41.77 -38.25
O3 NAG GA . -16.70 41.78 -39.76
O4 NAG GA . -15.64 39.33 -40.55
O5 NAG GA . -17.76 38.37 -37.74
O6 NAG GA . -15.23 37.11 -38.23
O7 NAG GA . -18.98 42.46 -36.11
ZN ZN HA . -13.62 -22.16 -24.13
ZN ZN IA . -16.04 11.31 -27.64
ZN ZN JA . -25.56 1.15 -5.53
ZN ZN KA . -24.99 6.13 -2.80
ZN ZN LA . -18.11 -14.07 -5.10
ZN ZN MA . 6.33 23.22 -16.82
ZN ZN NA . 13.28 7.36 -27.14
ZN ZN OA . -47.88 30.25 -36.68
ZN ZN PA . -12.47 40.45 -21.93
ZN ZN QA . -12.65 45.05 -18.09
ZN ZN RA . -53.79 18.27 2.09
C TRS SA . -7.87 14.75 -25.50
C1 TRS SA . -8.52 15.79 -26.42
C2 TRS SA . -7.91 13.38 -26.16
C3 TRS SA . -6.41 15.04 -25.18
N TRS SA . -8.71 14.71 -24.26
O1 TRS SA . -7.70 16.00 -27.55
O2 TRS SA . -9.25 12.99 -26.45
O3 TRS SA . -6.38 16.25 -24.41
C1 GOL TA . -8.17 11.87 -21.77
O1 GOL TA . -7.45 12.88 -22.50
C2 GOL TA . -9.41 12.49 -21.16
O2 GOL TA . -10.12 11.41 -20.49
C3 GOL TA . -8.98 13.45 -20.06
O3 GOL TA . -10.13 14.06 -19.43
C1 GOL UA . 3.95 22.09 10.61
O1 GOL UA . 5.24 22.09 10.01
C2 GOL UA . 3.46 20.65 10.63
O2 GOL UA . 2.42 20.60 9.68
C3 GOL UA . 2.89 20.28 12.00
O3 GOL UA . 2.68 18.87 12.02
C ACT VA . -13.64 12.34 -27.14
O ACT VA . -14.75 12.93 -27.16
OXT ACT VA . -13.51 11.09 -27.33
CH3 ACT VA . -12.39 13.15 -26.87
#